data_3N1I
# 
_entry.id   3N1I 
# 
_audit_conform.dict_name       mmcif_pdbx.dic 
_audit_conform.dict_version    5.379 
_audit_conform.dict_location   http://mmcif.pdb.org/dictionaries/ascii/mmcif_pdbx.dic 
# 
loop_
_database_2.database_id 
_database_2.database_code 
_database_2.pdbx_database_accession 
_database_2.pdbx_DOI 
PDB   3N1I         pdb_00003n1i 10.2210/pdb3n1i/pdb 
NDB   NA0565       ?            ?                   
RCSB  RCSB059261   ?            ?                   
WWPDB D_1000059261 ?            ?                   
# 
loop_
_pdbx_database_related.db_name 
_pdbx_database_related.db_id 
_pdbx_database_related.details 
_pdbx_database_related.content_type 
PDB 3N1H 'Crystal Structure of StWhy2'                 unspecified 
PDB 3N1J 'Crystal Structure of StWhy2-dT32 complex'    unspecified 
PDB 3N1K 'Crystal Structure of StWhy2-cERE32 complex'  unspecified 
PDB 3N1L 'Crystal Structure of StWhy2-rcERE32 complex' unspecified 
# 
_pdbx_database_status.status_code                     REL 
_pdbx_database_status.entry_id                        3N1I 
_pdbx_database_status.recvd_initial_deposition_date   2010-05-15 
_pdbx_database_status.deposit_site                    RCSB 
_pdbx_database_status.process_site                    RCSB 
_pdbx_database_status.status_code_sf                  REL 
_pdbx_database_status.status_code_mr                  ? 
_pdbx_database_status.SG_entry                        ? 
_pdbx_database_status.pdb_format_compatible           Y 
_pdbx_database_status.status_code_cs                  ? 
_pdbx_database_status.methods_development_category    ? 
_pdbx_database_status.status_code_nmr_data            ? 
# 
loop_
_audit_author.name 
_audit_author.pdbx_ordinal 
'Cappadocia, L.' 1 
'Brisson, N.'    2 
'Sygusch, J.'    3 
# 
_citation.id                        primary 
_citation.title                     
'Crystal Structures of DNA-Whirly Complexes and Their Role in Arabidopsis Organelle Genome Repair.' 
_citation.journal_abbrev            'Plant Cell' 
_citation.journal_volume            22 
_citation.page_first                1849 
_citation.page_last                 1867 
_citation.year                      2010 
_citation.journal_id_ASTM           PLCEEW 
_citation.country                   US 
_citation.journal_id_ISSN           1040-4651 
_citation.journal_id_CSD            2109 
_citation.book_publisher            ? 
_citation.pdbx_database_id_PubMed   20551348 
_citation.pdbx_database_id_DOI      10.1105/tpc.109.071399 
# 
loop_
_citation_author.citation_id 
_citation_author.name 
_citation_author.ordinal 
_citation_author.identifier_ORCID 
primary 'Cappadocia, L.' 1 ? 
primary 'Marechal, A.'   2 ? 
primary 'Parent, J.S.'   3 ? 
primary 'Lepage, E.'     4 ? 
primary 'Sygusch, J.'    5 ? 
primary 'Brisson, N.'    6 ? 
# 
_cell.entry_id           3N1I 
_cell.length_a           167.164 
_cell.length_b           167.164 
_cell.length_c           167.164 
_cell.angle_alpha        90.00 
_cell.angle_beta         90.00 
_cell.angle_gamma        90.00 
_cell.Z_PDB              96 
_cell.pdbx_unique_axis   ? 
_cell.length_a_esd       ? 
_cell.length_b_esd       ? 
_cell.length_c_esd       ? 
_cell.angle_alpha_esd    ? 
_cell.angle_beta_esd     ? 
_cell.angle_gamma_esd    ? 
# 
_symmetry.entry_id                         3N1I 
_symmetry.space_group_name_H-M             'F 4 3 2' 
_symmetry.pdbx_full_space_group_name_H-M   ? 
_symmetry.cell_setting                     ? 
_symmetry.Int_Tables_number                209 
_symmetry.space_group_name_Hall            ? 
# 
loop_
_entity.id 
_entity.type 
_entity.src_method 
_entity.pdbx_description 
_entity.formula_weight 
_entity.pdbx_number_of_molecules 
_entity.pdbx_ec 
_entity.pdbx_mutation 
_entity.pdbx_fragment 
_entity.details 
1 polymer man 'protein StWhy2'   20000.715 1  ? ? ? ?     
2 polymer syn 'DNA 32-mer ERE32' 2692.778  1  ? ? ? ERE32 
3 water   nat water              18.015    36 ? ? ? ?     
# 
loop_
_entity_poly.entity_id 
_entity_poly.type 
_entity_poly.nstd_linkage 
_entity_poly.nstd_monomer 
_entity_poly.pdbx_seq_one_letter_code 
_entity_poly.pdbx_seq_one_letter_code_can 
_entity_poly.pdbx_strand_id 
_entity_poly.pdbx_target_identifier 
1 'polypeptide(L)'        no no 
;MADAGKREGRVFAPYSVFKGKAALSAEPRLPTFNRLDSGGVKLNRRGVIMLTFWPSVGERKYDWEKRQLFALSATEVGSL
ISMGTRDSSEFFHDPSMLSSNAGQVRKSLSIKPNADGSGYFISLSVVNNNLKTNDRFTVPVTTAEFAVMRTAFSFALPHI
MGWDRFTNRPLEHHHHHH
;
;MADAGKREGRVFAPYSVFKGKAALSAEPRLPTFNRLDSGGVKLNRRGVIMLTFWPSVGERKYDWEKRQLFALSATEVGSL
ISMGTRDSSEFFHDPSMLSSNAGQVRKSLSIKPNADGSGYFISLSVVNNNLKTNDRFTVPVTTAEFAVMRTAFSFALPHI
MGWDRFTNRPLEHHHHHH
;
A ? 
2 polydeoxyribonucleotide no no '(DT)(DT)(DT)(DT)(DT)(DT)(DT)(DT)(DT)' TTTTTTTTT B ? 
# 
loop_
_entity_poly_seq.entity_id 
_entity_poly_seq.num 
_entity_poly_seq.mon_id 
_entity_poly_seq.hetero 
1 1   MET n 
1 2   ALA n 
1 3   ASP n 
1 4   ALA n 
1 5   GLY n 
1 6   LYS n 
1 7   ARG n 
1 8   GLU n 
1 9   GLY n 
1 10  ARG n 
1 11  VAL n 
1 12  PHE n 
1 13  ALA n 
1 14  PRO n 
1 15  TYR n 
1 16  SER n 
1 17  VAL n 
1 18  PHE n 
1 19  LYS n 
1 20  GLY n 
1 21  LYS n 
1 22  ALA n 
1 23  ALA n 
1 24  LEU n 
1 25  SER n 
1 26  ALA n 
1 27  GLU n 
1 28  PRO n 
1 29  ARG n 
1 30  LEU n 
1 31  PRO n 
1 32  THR n 
1 33  PHE n 
1 34  ASN n 
1 35  ARG n 
1 36  LEU n 
1 37  ASP n 
1 38  SER n 
1 39  GLY n 
1 40  GLY n 
1 41  VAL n 
1 42  LYS n 
1 43  LEU n 
1 44  ASN n 
1 45  ARG n 
1 46  ARG n 
1 47  GLY n 
1 48  VAL n 
1 49  ILE n 
1 50  MET n 
1 51  LEU n 
1 52  THR n 
1 53  PHE n 
1 54  TRP n 
1 55  PRO n 
1 56  SER n 
1 57  VAL n 
1 58  GLY n 
1 59  GLU n 
1 60  ARG n 
1 61  LYS n 
1 62  TYR n 
1 63  ASP n 
1 64  TRP n 
1 65  GLU n 
1 66  LYS n 
1 67  ARG n 
1 68  GLN n 
1 69  LEU n 
1 70  PHE n 
1 71  ALA n 
1 72  LEU n 
1 73  SER n 
1 74  ALA n 
1 75  THR n 
1 76  GLU n 
1 77  VAL n 
1 78  GLY n 
1 79  SER n 
1 80  LEU n 
1 81  ILE n 
1 82  SER n 
1 83  MET n 
1 84  GLY n 
1 85  THR n 
1 86  ARG n 
1 87  ASP n 
1 88  SER n 
1 89  SER n 
1 90  GLU n 
1 91  PHE n 
1 92  PHE n 
1 93  HIS n 
1 94  ASP n 
1 95  PRO n 
1 96  SER n 
1 97  MET n 
1 98  LEU n 
1 99  SER n 
1 100 SER n 
1 101 ASN n 
1 102 ALA n 
1 103 GLY n 
1 104 GLN n 
1 105 VAL n 
1 106 ARG n 
1 107 LYS n 
1 108 SER n 
1 109 LEU n 
1 110 SER n 
1 111 ILE n 
1 112 LYS n 
1 113 PRO n 
1 114 ASN n 
1 115 ALA n 
1 116 ASP n 
1 117 GLY n 
1 118 SER n 
1 119 GLY n 
1 120 TYR n 
1 121 PHE n 
1 122 ILE n 
1 123 SER n 
1 124 LEU n 
1 125 SER n 
1 126 VAL n 
1 127 VAL n 
1 128 ASN n 
1 129 ASN n 
1 130 ASN n 
1 131 LEU n 
1 132 LYS n 
1 133 THR n 
1 134 ASN n 
1 135 ASP n 
1 136 ARG n 
1 137 PHE n 
1 138 THR n 
1 139 VAL n 
1 140 PRO n 
1 141 VAL n 
1 142 THR n 
1 143 THR n 
1 144 ALA n 
1 145 GLU n 
1 146 PHE n 
1 147 ALA n 
1 148 VAL n 
1 149 MET n 
1 150 ARG n 
1 151 THR n 
1 152 ALA n 
1 153 PHE n 
1 154 SER n 
1 155 PHE n 
1 156 ALA n 
1 157 LEU n 
1 158 PRO n 
1 159 HIS n 
1 160 ILE n 
1 161 MET n 
1 162 GLY n 
1 163 TRP n 
1 164 ASP n 
1 165 ARG n 
1 166 PHE n 
1 167 THR n 
1 168 ASN n 
1 169 ARG n 
1 170 PRO n 
1 171 LEU n 
1 172 GLU n 
1 173 HIS n 
1 174 HIS n 
1 175 HIS n 
1 176 HIS n 
1 177 HIS n 
1 178 HIS n 
2 1   DT  n 
2 2   DT  n 
2 3   DT  n 
2 4   DT  n 
2 5   DT  n 
2 6   DT  n 
2 7   DT  n 
2 8   DT  n 
2 9   DT  n 
# 
_entity_src_gen.entity_id                          1 
_entity_src_gen.pdbx_src_id                        1 
_entity_src_gen.pdbx_alt_source_flag               sample 
_entity_src_gen.pdbx_seq_type                      ? 
_entity_src_gen.pdbx_beg_seq_num                   ? 
_entity_src_gen.pdbx_end_seq_num                   ? 
_entity_src_gen.gene_src_common_name               Potato 
_entity_src_gen.gene_src_genus                     ? 
_entity_src_gen.pdbx_gene_src_gene                 StWhy2 
_entity_src_gen.gene_src_species                   ? 
_entity_src_gen.gene_src_strain                    Kennebec 
_entity_src_gen.gene_src_tissue                    ? 
_entity_src_gen.gene_src_tissue_fraction           ? 
_entity_src_gen.gene_src_details                   ? 
_entity_src_gen.pdbx_gene_src_fragment             ? 
_entity_src_gen.pdbx_gene_src_scientific_name      'Solanum tuberosum' 
_entity_src_gen.pdbx_gene_src_ncbi_taxonomy_id     4113 
_entity_src_gen.pdbx_gene_src_variant              ? 
_entity_src_gen.pdbx_gene_src_cell_line            ? 
_entity_src_gen.pdbx_gene_src_atcc                 ? 
_entity_src_gen.pdbx_gene_src_organ                ? 
_entity_src_gen.pdbx_gene_src_organelle            ? 
_entity_src_gen.pdbx_gene_src_cell                 ? 
_entity_src_gen.pdbx_gene_src_cellular_location    ? 
_entity_src_gen.host_org_common_name               ? 
_entity_src_gen.pdbx_host_org_scientific_name      'Escherichia coli' 
_entity_src_gen.pdbx_host_org_ncbi_taxonomy_id     469008 
_entity_src_gen.host_org_genus                     ? 
_entity_src_gen.pdbx_host_org_gene                 ? 
_entity_src_gen.pdbx_host_org_organ                ? 
_entity_src_gen.host_org_species                   ? 
_entity_src_gen.pdbx_host_org_tissue               ? 
_entity_src_gen.pdbx_host_org_tissue_fraction      ? 
_entity_src_gen.pdbx_host_org_strain               'BL21(DE3)' 
_entity_src_gen.pdbx_host_org_variant              ? 
_entity_src_gen.pdbx_host_org_cell_line            ? 
_entity_src_gen.pdbx_host_org_atcc                 ? 
_entity_src_gen.pdbx_host_org_culture_collection   ? 
_entity_src_gen.pdbx_host_org_cell                 ? 
_entity_src_gen.pdbx_host_org_organelle            ? 
_entity_src_gen.pdbx_host_org_cellular_location    ? 
_entity_src_gen.pdbx_host_org_vector_type          plasmid 
_entity_src_gen.pdbx_host_org_vector               ? 
_entity_src_gen.host_org_details                   ? 
_entity_src_gen.expression_system_id               ? 
_entity_src_gen.plasmid_name                       pET21a 
_entity_src_gen.plasmid_details                    ? 
_entity_src_gen.pdbx_description                   ? 
# 
_pdbx_entity_src_syn.entity_id              2 
_pdbx_entity_src_syn.pdbx_src_id            1 
_pdbx_entity_src_syn.pdbx_alt_source_flag   sample 
_pdbx_entity_src_syn.pdbx_beg_seq_num       ? 
_pdbx_entity_src_syn.pdbx_end_seq_num       ? 
_pdbx_entity_src_syn.organism_scientific    ? 
_pdbx_entity_src_syn.organism_common_name   ? 
_pdbx_entity_src_syn.ncbi_taxonomy_id       ? 
_pdbx_entity_src_syn.details                'DNA Synthesis' 
# 
loop_
_struct_ref.entity_id 
_struct_ref.pdbx_db_accession 
_struct_ref.id 
_struct_ref.db_name 
_struct_ref.db_code 
_struct_ref.pdbx_seq_one_letter_code 
_struct_ref.pdbx_align_begin 
_struct_ref.pdbx_db_isoform 
1 3N1I 1 PDB 3N1I 
;MADAGKREGRVFAPYSVFKGKAALSAEPRLPTFNRLDSGGVKLNRRGVIMLTFWPSVGERKYDWEKRQLFALSATEVGSL
ISMGTRDSSEFFHDPSMLSSNAGQVRKSLSIKPNADGSGYFISLSVVNNNLKTNDRFTVPVTTAEFAVMRTAFSFALPHI
MGWDRFTNRPLEHHHHHH
;
1 ? 
2 3N1I 2 PDB 3N1I TTTTTTTTT 1 ? 
# 
loop_
_struct_ref_seq.align_id 
_struct_ref_seq.ref_id 
_struct_ref_seq.pdbx_PDB_id_code 
_struct_ref_seq.pdbx_strand_id 
_struct_ref_seq.seq_align_beg 
_struct_ref_seq.pdbx_seq_align_beg_ins_code 
_struct_ref_seq.seq_align_end 
_struct_ref_seq.pdbx_seq_align_end_ins_code 
_struct_ref_seq.pdbx_db_accession 
_struct_ref_seq.db_align_beg 
_struct_ref_seq.pdbx_db_align_beg_ins_code 
_struct_ref_seq.db_align_end 
_struct_ref_seq.pdbx_db_align_end_ins_code 
_struct_ref_seq.pdbx_auth_seq_align_beg 
_struct_ref_seq.pdbx_auth_seq_align_end 
1 1 3N1I A 1 ? 178 ? 3N1I 47 ? 224 ? 47 224 
2 2 3N1I B 1 ? 9   ? 3N1I 1  ? 9   ? 1  9   
# 
loop_
_chem_comp.id 
_chem_comp.type 
_chem_comp.mon_nstd_flag 
_chem_comp.name 
_chem_comp.pdbx_synonyms 
_chem_comp.formula 
_chem_comp.formula_weight 
ALA 'L-peptide linking' y ALANINE                      ? 'C3 H7 N O2'      89.093  
ARG 'L-peptide linking' y ARGININE                     ? 'C6 H15 N4 O2 1'  175.209 
ASN 'L-peptide linking' y ASPARAGINE                   ? 'C4 H8 N2 O3'     132.118 
ASP 'L-peptide linking' y 'ASPARTIC ACID'              ? 'C4 H7 N O4'      133.103 
DT  'DNA linking'       y "THYMIDINE-5'-MONOPHOSPHATE" ? 'C10 H15 N2 O8 P' 322.208 
GLN 'L-peptide linking' y GLUTAMINE                    ? 'C5 H10 N2 O3'    146.144 
GLU 'L-peptide linking' y 'GLUTAMIC ACID'              ? 'C5 H9 N O4'      147.129 
GLY 'peptide linking'   y GLYCINE                      ? 'C2 H5 N O2'      75.067  
HIS 'L-peptide linking' y HISTIDINE                    ? 'C6 H10 N3 O2 1'  156.162 
HOH non-polymer         . WATER                        ? 'H2 O'            18.015  
ILE 'L-peptide linking' y ISOLEUCINE                   ? 'C6 H13 N O2'     131.173 
LEU 'L-peptide linking' y LEUCINE                      ? 'C6 H13 N O2'     131.173 
LYS 'L-peptide linking' y LYSINE                       ? 'C6 H15 N2 O2 1'  147.195 
MET 'L-peptide linking' y METHIONINE                   ? 'C5 H11 N O2 S'   149.211 
PHE 'L-peptide linking' y PHENYLALANINE                ? 'C9 H11 N O2'     165.189 
PRO 'L-peptide linking' y PROLINE                      ? 'C5 H9 N O2'      115.130 
SER 'L-peptide linking' y SERINE                       ? 'C3 H7 N O3'      105.093 
THR 'L-peptide linking' y THREONINE                    ? 'C4 H9 N O3'      119.119 
TRP 'L-peptide linking' y TRYPTOPHAN                   ? 'C11 H12 N2 O2'   204.225 
TYR 'L-peptide linking' y TYROSINE                     ? 'C9 H11 N O3'     181.189 
VAL 'L-peptide linking' y VALINE                       ? 'C5 H11 N O2'     117.146 
# 
_exptl.entry_id          3N1I 
_exptl.method            'X-RAY DIFFRACTION' 
_exptl.crystals_number   1 
# 
_exptl_crystal.id                    1 
_exptl_crystal.density_meas          ? 
_exptl_crystal.density_Matthews      2.17 
_exptl_crystal.density_percent_sol   47.91 
_exptl_crystal.description           ? 
_exptl_crystal.F_000                 ? 
_exptl_crystal.preparation           ? 
# 
_exptl_crystal_grow.crystal_id      1 
_exptl_crystal_grow.method          'VAPOR DIFFUSION, HANGING DROP' 
_exptl_crystal_grow.temp            298 
_exptl_crystal_grow.temp_details    ? 
_exptl_crystal_grow.pH              8.0 
_exptl_crystal_grow.pdbx_details    '13.5% PEG6000, 0.1M Tris, 1.0M LiCl, pH 8.0, VAPOR DIFFUSION, HANGING DROP, temperature 298K' 
_exptl_crystal_grow.pdbx_pH_range   ? 
# 
_diffrn.id                     1 
_diffrn.ambient_temp           100 
_diffrn.ambient_temp_details   ? 
_diffrn.crystal_id             1 
# 
_diffrn_detector.diffrn_id              1 
_diffrn_detector.detector               CCD 
_diffrn_detector.type                   'ADSC QUANTUM 315' 
_diffrn_detector.pdbx_collection_date   2007-03-07 
_diffrn_detector.details                ? 
# 
_diffrn_radiation.diffrn_id                        1 
_diffrn_radiation.wavelength_id                    1 
_diffrn_radiation.pdbx_monochromatic_or_laue_m_l   M 
_diffrn_radiation.monochromator                    ? 
_diffrn_radiation.pdbx_diffrn_protocol             'SINGLE WAVELENGTH' 
_diffrn_radiation.pdbx_scattering_type             x-ray 
# 
_diffrn_radiation_wavelength.id           1 
_diffrn_radiation_wavelength.wavelength   1.08 
_diffrn_radiation_wavelength.wt           1.0 
# 
_diffrn_source.diffrn_id                   1 
_diffrn_source.source                      SYNCHROTRON 
_diffrn_source.type                        'NSLS BEAMLINE X29A' 
_diffrn_source.pdbx_synchrotron_site       NSLS 
_diffrn_source.pdbx_synchrotron_beamline   X29A 
_diffrn_source.pdbx_wavelength             ? 
_diffrn_source.pdbx_wavelength_list        1.08 
# 
_reflns.entry_id                     3N1I 
_reflns.observed_criterion_sigma_I   0 
_reflns.observed_criterion_sigma_F   0 
_reflns.d_resolution_low             50 
_reflns.d_resolution_high            2.20 
_reflns.number_obs                   10665 
_reflns.number_all                   10693 
_reflns.percent_possible_obs         99.8 
_reflns.pdbx_Rmerge_I_obs            ? 
_reflns.pdbx_Rsym_value              0.051 
_reflns.pdbx_netI_over_sigmaI        23.1 
_reflns.B_iso_Wilson_estimate        40.49 
_reflns.pdbx_redundancy              35.9 
_reflns.R_free_details               ? 
_reflns.limit_h_max                  ? 
_reflns.limit_h_min                  ? 
_reflns.limit_k_max                  ? 
_reflns.limit_k_min                  ? 
_reflns.limit_l_max                  ? 
_reflns.limit_l_min                  ? 
_reflns.observed_criterion_F_max     ? 
_reflns.observed_criterion_F_min     ? 
_reflns.pdbx_chi_squared             ? 
_reflns.pdbx_scaling_rejects         ? 
_reflns.pdbx_diffrn_id               1 
_reflns.pdbx_ordinal                 1 
# 
_reflns_shell.d_res_high             2.20 
_reflns_shell.d_res_low              2.28 
_reflns_shell.percent_possible_all   98.7 
_reflns_shell.Rmerge_I_obs           ? 
_reflns_shell.pdbx_Rsym_value        0.56 
_reflns_shell.meanI_over_sigI_obs    3.8 
_reflns_shell.pdbx_redundancy        9.9 
_reflns_shell.percent_possible_obs   ? 
_reflns_shell.number_unique_all      1028 
_reflns_shell.number_measured_all    ? 
_reflns_shell.number_measured_obs    ? 
_reflns_shell.number_unique_obs      ? 
_reflns_shell.pdbx_chi_squared       ? 
_reflns_shell.pdbx_diffrn_id         ? 
_reflns_shell.pdbx_ordinal           1 
# 
_refine.entry_id                                 3N1I 
_refine.ls_number_reflns_obs                     9840 
_refine.ls_number_reflns_all                     10665 
_refine.pdbx_ls_sigma_I                          ? 
_refine.pdbx_ls_sigma_F                          0.06 
_refine.pdbx_data_cutoff_high_absF               ? 
_refine.pdbx_data_cutoff_low_absF                ? 
_refine.pdbx_data_cutoff_high_rms_absF           ? 
_refine.ls_d_res_low                             32.171 
_refine.ls_d_res_high                            2.200 
_refine.ls_percent_reflns_obs                    92.11 
_refine.ls_R_factor_obs                          0.2295 
_refine.ls_R_factor_all                          ? 
_refine.ls_R_factor_R_work                       0.2267 
_refine.ls_R_factor_R_free                       0.2618 
_refine.ls_R_factor_R_free_error                 ? 
_refine.ls_R_factor_R_free_error_details         ? 
_refine.ls_percent_reflns_R_free                 7.67 
_refine.ls_number_reflns_R_free                  755 
_refine.ls_number_parameters                     ? 
_refine.ls_number_restraints                     ? 
_refine.occupancy_min                            ? 
_refine.occupancy_max                            ? 
_refine.correlation_coeff_Fo_to_Fc               ? 
_refine.correlation_coeff_Fo_to_Fc_free          ? 
_refine.B_iso_mean                               53.56 
_refine.aniso_B[1][1]                            1.0433 
_refine.aniso_B[2][2]                            1.0433 
_refine.aniso_B[3][3]                            1.0433 
_refine.aniso_B[1][2]                            0.0000 
_refine.aniso_B[1][3]                            0.0000 
_refine.aniso_B[2][3]                            -0.0000 
_refine.solvent_model_details                    'FLAT BULK SOLVENT MODEL' 
_refine.solvent_model_param_ksol                 0.330 
_refine.solvent_model_param_bsol                 43.592 
_refine.pdbx_solvent_vdw_probe_radii             1.00 
_refine.pdbx_solvent_ion_probe_radii             ? 
_refine.pdbx_solvent_shrinkage_radii             0.80 
_refine.pdbx_ls_cross_valid_method               THROUGHOUT 
_refine.details                                  ? 
_refine.pdbx_starting_model                      'PDB ENTRY 1L3A' 
_refine.pdbx_method_to_determine_struct          'MOLECULAR REPLACEMENT' 
_refine.pdbx_isotropic_thermal_model             Isotropic 
_refine.pdbx_stereochemistry_target_values       ML 
_refine.pdbx_stereochem_target_val_spec_case     ? 
_refine.pdbx_R_Free_selection_details            RANDOM 
_refine.pdbx_overall_ESU_R_Free                  ? 
_refine.overall_SU_ML                            0.35 
_refine.overall_SU_B                             ? 
_refine.overall_SU_R_Cruickshank_DPI             ? 
_refine.ls_redundancy_reflns_obs                 ? 
_refine.B_iso_min                                ? 
_refine.B_iso_max                                ? 
_refine.overall_SU_R_free                        ? 
_refine.ls_wR_factor_R_free                      ? 
_refine.ls_wR_factor_R_work                      ? 
_refine.overall_FOM_free_R_set                   ? 
_refine.overall_FOM_work_R_set                   ? 
_refine.pdbx_overall_phase_error                 ? 
_refine.pdbx_refine_id                           'X-RAY DIFFRACTION' 
_refine.pdbx_overall_ESU_R                       ? 
_refine.pdbx_diffrn_id                           1 
_refine.pdbx_TLS_residual_ADP_flag               ? 
_refine.pdbx_overall_SU_R_free_Cruickshank_DPI   ? 
_refine.pdbx_overall_SU_R_Blow_DPI               ? 
_refine.pdbx_overall_SU_R_free_Blow_DPI          ? 
# 
_refine_hist.pdbx_refine_id                   'X-RAY DIFFRACTION' 
_refine_hist.cycle_id                         LAST 
_refine_hist.pdbx_number_atoms_protein        1266 
_refine_hist.pdbx_number_atoms_nucleic_acid   180 
_refine_hist.pdbx_number_atoms_ligand         0 
_refine_hist.number_atoms_solvent             36 
_refine_hist.number_atoms_total               1482 
_refine_hist.d_res_high                       2.200 
_refine_hist.d_res_low                        32.171 
# 
loop_
_refine_ls_restr.type 
_refine_ls_restr.dev_ideal 
_refine_ls_restr.dev_ideal_target 
_refine_ls_restr.weight 
_refine_ls_restr.number 
_refine_ls_restr.pdbx_refine_id 
_refine_ls_restr.pdbx_restraint_function 
f_bond_d           0.008  ? ? 1495 'X-RAY DIFFRACTION' ? 
f_angle_d          1.099  ? ? 2056 'X-RAY DIFFRACTION' ? 
f_dihedral_angle_d 16.539 ? ? 561  'X-RAY DIFFRACTION' ? 
f_chiral_restr     0.060  ? ? 225  'X-RAY DIFFRACTION' ? 
f_plane_restr      0.004  ? ? 236  'X-RAY DIFFRACTION' ? 
# 
loop_
_refine_ls_shell.pdbx_total_number_of_bins_used 
_refine_ls_shell.d_res_high 
_refine_ls_shell.d_res_low 
_refine_ls_shell.number_reflns_R_work 
_refine_ls_shell.R_factor_R_work 
_refine_ls_shell.percent_reflns_obs 
_refine_ls_shell.R_factor_R_free 
_refine_ls_shell.R_factor_R_free_error 
_refine_ls_shell.percent_reflns_R_free 
_refine_ls_shell.number_reflns_R_free 
_refine_ls_shell.number_reflns_all 
_refine_ls_shell.R_factor_all 
_refine_ls_shell.number_reflns_obs 
_refine_ls_shell.redundancy_reflns_obs 
_refine_ls_shell.pdbx_refine_id 
. 2.2003 2.3701  1252 0.4689 65.00 0.4758 . . 100 . . . . 'X-RAY DIFFRACTION' 
. 2.3701 2.6085  1877 0.2909 97.00 0.3336 . . 140 . . . . 'X-RAY DIFFRACTION' 
. 2.6085 2.9858  1908 0.2644 99.00 0.3184 . . 161 . . . . 'X-RAY DIFFRACTION' 
. 2.9858 3.7608  1955 0.2141 99.00 0.2265 . . 163 . . . . 'X-RAY DIFFRACTION' 
. 3.7608 32.1742 2093 0.1852 99.00 0.2256 . . 191 . . . . 'X-RAY DIFFRACTION' 
# 
_struct.entry_id                  3N1I 
_struct.title                     'Crystal Structure of a StWhy2-ERE32 complex' 
_struct.pdbx_model_details        ? 
_struct.pdbx_CASP_flag            ? 
_struct.pdbx_model_type_details   ? 
# 
_struct_keywords.entry_id        3N1I 
_struct_keywords.pdbx_keywords   'DNA BINDING PROTEIN/DNA' 
_struct_keywords.text            
'Single-stranded DNA binding protein, Plant, Whirly, Protein-DNA complex, DNA BINDING PROTEIN-DNA complex' 
# 
loop_
_struct_asym.id 
_struct_asym.pdbx_blank_PDB_chainid_flag 
_struct_asym.pdbx_modified 
_struct_asym.entity_id 
_struct_asym.details 
A N N 1 ? 
B N N 2 ? 
C N N 3 ? 
D N N 3 ? 
# 
_struct_biol.id        1 
_struct_biol.details   
;Authors state that the biological unit is a tetramer protein plus a 32-mer DNA molecule, as indicated as pentamer in remark 350. Please refer to remark 999 for more details on the sequences specificity of this crystal structure.
;
# 
loop_
_struct_conf.conf_type_id 
_struct_conf.id 
_struct_conf.pdbx_PDB_helix_id 
_struct_conf.beg_label_comp_id 
_struct_conf.beg_label_asym_id 
_struct_conf.beg_label_seq_id 
_struct_conf.pdbx_beg_PDB_ins_code 
_struct_conf.end_label_comp_id 
_struct_conf.end_label_asym_id 
_struct_conf.end_label_seq_id 
_struct_conf.pdbx_end_PDB_ins_code 
_struct_conf.beg_auth_comp_id 
_struct_conf.beg_auth_asym_id 
_struct_conf.beg_auth_seq_id 
_struct_conf.end_auth_comp_id 
_struct_conf.end_auth_asym_id 
_struct_conf.end_auth_seq_id 
_struct_conf.pdbx_PDB_helix_class 
_struct_conf.details 
_struct_conf.pdbx_PDB_helix_length 
HELX_P HELX_P1 1 ASP A 63  ? ARG A 67  ? ASP A 109 ARG A 113 5 ? 5  
HELX_P HELX_P2 2 SER A 73  ? SER A 82  ? SER A 119 SER A 128 1 ? 10 
HELX_P HELX_P3 3 THR A 143 ? MET A 161 ? THR A 189 MET A 207 1 ? 19 
HELX_P HELX_P4 4 GLY A 162 ? PHE A 166 ? GLY A 208 PHE A 212 5 ? 5  
# 
_struct_conf_type.id          HELX_P 
_struct_conf_type.criteria    ? 
_struct_conf_type.reference   ? 
# 
loop_
_struct_sheet.id 
_struct_sheet.type 
_struct_sheet.number_strands 
_struct_sheet.details 
A ? 4 ? 
B ? 2 ? 
C ? 4 ? 
# 
loop_
_struct_sheet_order.sheet_id 
_struct_sheet_order.range_id_1 
_struct_sheet_order.range_id_2 
_struct_sheet_order.offset 
_struct_sheet_order.sense 
A 1 2 ? anti-parallel 
A 2 3 ? anti-parallel 
A 3 4 ? anti-parallel 
B 1 2 ? anti-parallel 
C 1 2 ? anti-parallel 
C 2 3 ? anti-parallel 
C 3 4 ? anti-parallel 
# 
loop_
_struct_sheet_range.sheet_id 
_struct_sheet_range.id 
_struct_sheet_range.beg_label_comp_id 
_struct_sheet_range.beg_label_asym_id 
_struct_sheet_range.beg_label_seq_id 
_struct_sheet_range.pdbx_beg_PDB_ins_code 
_struct_sheet_range.end_label_comp_id 
_struct_sheet_range.end_label_asym_id 
_struct_sheet_range.end_label_seq_id 
_struct_sheet_range.pdbx_end_PDB_ins_code 
_struct_sheet_range.beg_auth_comp_id 
_struct_sheet_range.beg_auth_asym_id 
_struct_sheet_range.beg_auth_seq_id 
_struct_sheet_range.end_auth_comp_id 
_struct_sheet_range.end_auth_asym_id 
_struct_sheet_range.end_auth_seq_id 
A 1 TYR A 15  ? PHE A 18  ? TYR A 61  PHE A 64  
A 2 ALA A 22  ? ARG A 29  ? ALA A 68  ARG A 75  
A 3 VAL A 48  ? PRO A 55  ? VAL A 94  PRO A 101 
A 4 GLN A 68  ? LEU A 72  ? GLN A 114 LEU A 118 
B 1 PHE A 33  ? ARG A 35  ? PHE A 79  ARG A 81  
B 2 VAL A 41  ? LEU A 43  ? VAL A 87  LEU A 89  
C 1 SER A 89  ? HIS A 93  ? SER A 135 HIS A 139 
C 2 VAL A 105 ? PRO A 113 ? VAL A 151 PRO A 159 
C 3 GLY A 119 ? ASN A 128 ? GLY A 165 ASN A 174 
C 4 THR A 133 ? THR A 142 ? THR A 179 THR A 188 
# 
loop_
_pdbx_struct_sheet_hbond.sheet_id 
_pdbx_struct_sheet_hbond.range_id_1 
_pdbx_struct_sheet_hbond.range_id_2 
_pdbx_struct_sheet_hbond.range_1_label_atom_id 
_pdbx_struct_sheet_hbond.range_1_label_comp_id 
_pdbx_struct_sheet_hbond.range_1_label_asym_id 
_pdbx_struct_sheet_hbond.range_1_label_seq_id 
_pdbx_struct_sheet_hbond.range_1_PDB_ins_code 
_pdbx_struct_sheet_hbond.range_1_auth_atom_id 
_pdbx_struct_sheet_hbond.range_1_auth_comp_id 
_pdbx_struct_sheet_hbond.range_1_auth_asym_id 
_pdbx_struct_sheet_hbond.range_1_auth_seq_id 
_pdbx_struct_sheet_hbond.range_2_label_atom_id 
_pdbx_struct_sheet_hbond.range_2_label_comp_id 
_pdbx_struct_sheet_hbond.range_2_label_asym_id 
_pdbx_struct_sheet_hbond.range_2_label_seq_id 
_pdbx_struct_sheet_hbond.range_2_PDB_ins_code 
_pdbx_struct_sheet_hbond.range_2_auth_atom_id 
_pdbx_struct_sheet_hbond.range_2_auth_comp_id 
_pdbx_struct_sheet_hbond.range_2_auth_asym_id 
_pdbx_struct_sheet_hbond.range_2_auth_seq_id 
A 1 2 N VAL A 17  ? N VAL A 63  O LEU A 24  ? O LEU A 70  
A 2 3 N ALA A 23  ? N ALA A 69  O TRP A 54  ? O TRP A 100 
A 3 4 N LEU A 51  ? N LEU A 97  O PHE A 70  ? O PHE A 116 
B 1 2 N ASN A 34  ? N ASN A 80  O LYS A 42  ? O LYS A 88  
C 1 2 N HIS A 93  ? N HIS A 139 O LYS A 107 ? O LYS A 153 
C 2 3 N LYS A 112 ? N LYS A 158 O PHE A 121 ? O PHE A 167 
C 3 4 N TYR A 120 ? N TYR A 166 O VAL A 141 ? O VAL A 187 
# 
_atom_sites.entry_id                    3N1I 
_atom_sites.fract_transf_matrix[1][1]   0.00095217 
_atom_sites.fract_transf_matrix[1][2]   -0.00340424 
_atom_sites.fract_transf_matrix[1][3]   -0.00482585 
_atom_sites.fract_transf_matrix[2][1]   -0.00316715 
_atom_sites.fract_transf_matrix[2][2]   0.00383146 
_atom_sites.fract_transf_matrix[2][3]   -0.00332767 
_atom_sites.fract_transf_matrix[3][1]   0.00498466 
_atom_sites.fract_transf_matrix[3][2]   0.00308471 
_atom_sites.fract_transf_matrix[3][3]   -0.00119250 
_atom_sites.fract_transf_vector[1]      0.410901 
_atom_sites.fract_transf_vector[2]      0.734756 
_atom_sites.fract_transf_vector[3]      -0.414914 
# 
loop_
_atom_type.symbol 
C 
N 
O 
P 
S 
# 
loop_
_atom_site.group_PDB 
_atom_site.id 
_atom_site.type_symbol 
_atom_site.label_atom_id 
_atom_site.label_alt_id 
_atom_site.label_comp_id 
_atom_site.label_asym_id 
_atom_site.label_entity_id 
_atom_site.label_seq_id 
_atom_site.pdbx_PDB_ins_code 
_atom_site.Cartn_x 
_atom_site.Cartn_y 
_atom_site.Cartn_z 
_atom_site.occupancy 
_atom_site.B_iso_or_equiv 
_atom_site.pdbx_formal_charge 
_atom_site.auth_seq_id 
_atom_site.auth_comp_id 
_atom_site.auth_asym_id 
_atom_site.auth_atom_id 
_atom_site.pdbx_PDB_model_num 
ATOM   1    N N     . GLY A 1 9   ? -14.902 8.914   -13.477 1.00 58.78  ? 55  GLY A N     1 
ATOM   2    C CA    . GLY A 1 9   ? -15.070 9.502   -12.157 1.00 81.61  ? 55  GLY A CA    1 
ATOM   3    C C     . GLY A 1 9   ? -14.351 8.754   -11.042 1.00 87.64  ? 55  GLY A C     1 
ATOM   4    O O     . GLY A 1 9   ? -14.188 7.531   -11.090 1.00 82.56  ? 55  GLY A O     1 
ATOM   5    N N     . ARG A 1 10  ? -13.937 9.509   -10.021 1.00 82.46  ? 56  ARG A N     1 
ATOM   6    C CA    . ARG A 1 10  ? -13.159 8.987   -8.877  1.00 74.31  ? 56  ARG A CA    1 
ATOM   7    C C     . ARG A 1 10  ? -14.007 7.964   -8.119  1.00 76.94  ? 56  ARG A C     1 
ATOM   8    O O     . ARG A 1 10  ? -15.245 8.055   -8.102  1.00 79.69  ? 56  ARG A O     1 
ATOM   9    C CB    . ARG A 1 10  ? -12.758 10.146  -7.928  1.00 80.92  ? 56  ARG A CB    1 
ATOM   10   C CG    . ARG A 1 10  ? -11.322 10.785  -8.199  1.00 91.57  ? 56  ARG A CG    1 
ATOM   11   C CD    . ARG A 1 10  ? -11.313 12.259  -8.835  1.00 92.78  ? 56  ARG A CD    1 
ATOM   12   N NE    . ARG A 1 10  ? -10.787 12.243  -10.228 1.00 99.95  ? 56  ARG A NE    1 
ATOM   13   C CZ    . ARG A 1 10  ? -9.545  12.626  -10.600 1.00 101.09 ? 56  ARG A CZ    1 
ATOM   14   N NH1   . ARG A 1 10  ? -8.667  13.103  -9.682  1.00 97.69  ? 56  ARG A NH1   1 
ATOM   15   N NH2   . ARG A 1 10  ? -9.166  12.565  -11.911 1.00 88.33  ? 56  ARG A NH2   1 
ATOM   16   N N     . VAL A 1 11  ? -13.342 6.972   -7.524  1.00 82.01  ? 57  VAL A N     1 
ATOM   17   C CA    . VAL A 1 11  ? -14.012 5.960   -6.703  1.00 74.97  ? 57  VAL A CA    1 
ATOM   18   C C     . VAL A 1 11  ? -13.259 5.783   -5.386  1.00 70.81  ? 57  VAL A C     1 
ATOM   19   O O     . VAL A 1 11  ? -12.030 5.641   -5.371  1.00 71.51  ? 57  VAL A O     1 
ATOM   20   C CB    . VAL A 1 11  ? -14.133 4.598   -7.422  1.00 71.04  ? 57  VAL A CB    1 
ATOM   21   C CG1   . VAL A 1 11  ? -14.735 3.548   -6.484  1.00 61.18  ? 57  VAL A CG1   1 
ATOM   22   C CG2   . VAL A 1 11  ? -14.970 4.734   -8.691  1.00 71.32  ? 57  VAL A CG2   1 
ATOM   23   N N     . PHE A 1 12  ? -14.005 5.807   -4.286  1.00 65.11  ? 58  PHE A N     1 
ATOM   24   C CA    . PHE A 1 12  ? -13.435 5.704   -2.951  1.00 63.72  ? 58  PHE A CA    1 
ATOM   25   C C     . PHE A 1 12  ? -14.100 4.563   -2.177  1.00 65.82  ? 58  PHE A C     1 
ATOM   26   O O     . PHE A 1 12  ? -15.115 4.756   -1.502  1.00 63.09  ? 58  PHE A O     1 
ATOM   27   C CB    . PHE A 1 12  ? -13.575 7.040   -2.213  1.00 67.62  ? 58  PHE A CB    1 
ATOM   28   C CG    . PHE A 1 12  ? -12.988 8.204   -2.966  1.00 79.06  ? 58  PHE A CG    1 
ATOM   29   C CD1   . PHE A 1 12  ? -13.805 9.101   -3.641  1.00 81.81  ? 58  PHE A CD1   1 
ATOM   30   C CD2   . PHE A 1 12  ? -11.612 8.386   -3.026  1.00 84.34  ? 58  PHE A CD2   1 
ATOM   31   C CE1   . PHE A 1 12  ? -13.258 10.168  -4.349  1.00 84.43  ? 58  PHE A CE1   1 
ATOM   32   C CE2   . PHE A 1 12  ? -11.058 9.451   -3.733  1.00 88.67  ? 58  PHE A CE2   1 
ATOM   33   C CZ    . PHE A 1 12  ? -11.879 10.341  -4.393  1.00 83.51  ? 58  PHE A CZ    1 
ATOM   34   N N     . ALA A 1 13  ? -13.526 3.370   -2.295  1.00 59.19  ? 59  ALA A N     1 
ATOM   35   C CA    . ALA A 1 13  ? -14.050 2.193   -1.617  1.00 52.11  ? 59  ALA A CA    1 
ATOM   36   C C     . ALA A 1 13  ? -12.909 1.431   -0.955  1.00 49.22  ? 59  ALA A C     1 
ATOM   37   O O     . ALA A 1 13  ? -12.595 0.303   -1.335  1.00 48.35  ? 59  ALA A O     1 
ATOM   38   C CB    . ALA A 1 13  ? -14.780 1.307   -2.601  1.00 47.94  ? 59  ALA A CB    1 
ATOM   39   N N     . PRO A 1 14  ? -12.285 2.045   0.052   1.00 49.70  ? 60  PRO A N     1 
ATOM   40   C CA    . PRO A 1 14  ? -11.083 1.479   0.662   1.00 47.61  ? 60  PRO A CA    1 
ATOM   41   C C     . PRO A 1 14  ? -11.416 0.314   1.576   1.00 47.01  ? 60  PRO A C     1 
ATOM   42   O O     . PRO A 1 14  ? -12.472 0.313   2.209   1.00 42.72  ? 60  PRO A O     1 
ATOM   43   C CB    . PRO A 1 14  ? -10.545 2.634   1.511   1.00 43.87  ? 60  PRO A CB    1 
ATOM   44   C CG    . PRO A 1 14  ? -11.411 3.830   1.186   1.00 56.17  ? 60  PRO A CG    1 
ATOM   45   C CD    . PRO A 1 14  ? -12.706 3.278   0.727   1.00 52.55  ? 60  PRO A CD    1 
ATOM   46   N N     . TYR A 1 15  ? -10.524 -0.670  1.643   1.00 41.52  ? 61  TYR A N     1 
ATOM   47   C CA    . TYR A 1 15  ? -10.624 -1.659  2.691   1.00 37.77  ? 61  TYR A CA    1 
ATOM   48   C C     . TYR A 1 15  ? -9.777  -1.168  3.842   1.00 35.83  ? 61  TYR A C     1 
ATOM   49   O O     . TYR A 1 15  ? -8.577  -0.908  3.688   1.00 39.54  ? 61  TYR A O     1 
ATOM   50   C CB    . TYR A 1 15  ? -10.160 -3.032  2.225   1.00 42.30  ? 61  TYR A CB    1 
ATOM   51   C CG    . TYR A 1 15  ? -10.162 -4.050  3.340   1.00 38.49  ? 61  TYR A CG    1 
ATOM   52   C CD1   . TYR A 1 15  ? -11.353 -4.424  3.960   1.00 40.09  ? 61  TYR A CD1   1 
ATOM   53   C CD2   . TYR A 1 15  ? -8.978  -4.631  3.780   1.00 37.35  ? 61  TYR A CD2   1 
ATOM   54   C CE1   . TYR A 1 15  ? -11.360 -5.356  4.986   1.00 38.17  ? 61  TYR A CE1   1 
ATOM   55   C CE2   . TYR A 1 15  ? -8.975  -5.567  4.805   1.00 33.91  ? 61  TYR A CE2   1 
ATOM   56   C CZ    . TYR A 1 15  ? -10.167 -5.923  5.402   1.00 39.23  ? 61  TYR A CZ    1 
ATOM   57   O OH    . TYR A 1 15  ? -10.168 -6.850  6.415   1.00 42.03  ? 61  TYR A OH    1 
ATOM   58   N N     . SER A 1 16  ? -10.405 -1.022  4.998   1.00 42.27  ? 62  SER A N     1 
ATOM   59   C CA    . SER A 1 16  ? -9.731  -0.418  6.131   1.00 44.45  ? 62  SER A CA    1 
ATOM   60   C C     . SER A 1 16  ? -9.771  -1.304  7.361   1.00 40.27  ? 62  SER A C     1 
ATOM   61   O O     . SER A 1 16  ? -10.754 -1.993  7.613   1.00 43.10  ? 62  SER A O     1 
ATOM   62   C CB    . SER A 1 16  ? -10.352 0.946   6.455   1.00 43.33  ? 62  SER A CB    1 
ATOM   63   O OG    . SER A 1 16  ? -10.268 1.825   5.348   1.00 44.36  ? 62  SER A OG    1 
ATOM   64   N N     . VAL A 1 17  ? -8.687  -1.260  8.126   1.00 43.22  ? 63  VAL A N     1 
ATOM   65   C CA    . VAL A 1 17  ? -8.595  -1.950  9.400   1.00 46.83  ? 63  VAL A CA    1 
ATOM   66   C C     . VAL A 1 17  ? -8.283  -0.924  10.489  1.00 42.53  ? 63  VAL A C     1 
ATOM   67   O O     . VAL A 1 17  ? -7.316  -0.180  10.382  1.00 43.49  ? 63  VAL A O     1 
ATOM   68   C CB    . VAL A 1 17  ? -7.488  -3.016  9.360   1.00 44.66  ? 63  VAL A CB    1 
ATOM   69   C CG1   . VAL A 1 17  ? -7.464  -3.791  10.657  1.00 45.46  ? 63  VAL A CG1   1 
ATOM   70   C CG2   . VAL A 1 17  ? -7.700  -3.954  8.174   1.00 40.83  ? 63  VAL A CG2   1 
ATOM   71   N N     . PHE A 1 18  ? -9.110  -0.875  11.526  1.00 45.49  ? 64  PHE A N     1 
ATOM   72   C CA    . PHE A 1 18  ? -8.919  0.081   12.610  1.00 44.65  ? 64  PHE A CA    1 
ATOM   73   C C     . PHE A 1 18  ? -8.502  -0.642  13.878  1.00 46.51  ? 64  PHE A C     1 
ATOM   74   O O     . PHE A 1 18  ? -9.218  -1.511  14.369  1.00 47.61  ? 64  PHE A O     1 
ATOM   75   C CB    . PHE A 1 18  ? -10.206 0.862   12.871  1.00 41.99  ? 64  PHE A CB    1 
ATOM   76   C CG    . PHE A 1 18  ? -10.612 1.762   11.741  1.00 44.19  ? 64  PHE A CG    1 
ATOM   77   C CD1   . PHE A 1 18  ? -10.263 3.106   11.742  1.00 48.11  ? 64  PHE A CD1   1 
ATOM   78   C CD2   . PHE A 1 18  ? -11.351 1.274   10.684  1.00 44.14  ? 64  PHE A CD2   1 
ATOM   79   C CE1   . PHE A 1 18  ? -10.643 3.941   10.702  1.00 51.48  ? 64  PHE A CE1   1 
ATOM   80   C CE2   . PHE A 1 18  ? -11.730 2.098   9.638   1.00 41.93  ? 64  PHE A CE2   1 
ATOM   81   C CZ    . PHE A 1 18  ? -11.377 3.435   9.646   1.00 46.92  ? 64  PHE A CZ    1 
ATOM   82   N N     . LYS A 1 19  ? -7.346  -0.284  14.417  1.00 47.22  ? 65  LYS A N     1 
ATOM   83   C CA    . LYS A 1 19  ? -6.858  -0.961  15.612  1.00 48.50  ? 65  LYS A CA    1 
ATOM   84   C C     . LYS A 1 19  ? -6.491  0.026   16.724  1.00 53.95  ? 65  LYS A C     1 
ATOM   85   O O     . LYS A 1 19  ? -6.785  1.218   16.627  1.00 46.28  ? 65  LYS A O     1 
ATOM   86   C CB    . LYS A 1 19  ? -5.692  -1.897  15.267  1.00 50.41  ? 65  LYS A CB    1 
ATOM   87   C CG    . LYS A 1 19  ? -6.103  -3.087  14.389  1.00 44.73  ? 65  LYS A CG    1 
ATOM   88   C CD    . LYS A 1 19  ? -7.221  -3.893  15.048  1.00 47.62  ? 65  LYS A CD    1 
ATOM   89   C CE    . LYS A 1 19  ? -7.822  -4.922  14.102  1.00 41.68  ? 65  LYS A CE    1 
ATOM   90   N NZ    . LYS A 1 19  ? -6.859  -5.970  13.676  1.00 42.10  ? 65  LYS A NZ    1 
ATOM   91   N N     . GLY A 1 20  ? -5.862  -0.480  17.783  1.00 52.31  ? 66  GLY A N     1 
ATOM   92   C CA    . GLY A 1 20  ? -5.587  0.318   18.965  1.00 41.60  ? 66  GLY A CA    1 
ATOM   93   C C     . GLY A 1 20  ? -4.876  1.640   18.724  1.00 51.50  ? 66  GLY A C     1 
ATOM   94   O O     . GLY A 1 20  ? -5.379  2.702   19.101  1.00 45.62  ? 66  GLY A O     1 
ATOM   95   N N     . LYS A 1 21  ? -3.704  1.584   18.096  1.00 46.33  ? 67  LYS A N     1 
ATOM   96   C CA    . LYS A 1 21  ? -2.845  2.764   17.986  1.00 47.64  ? 67  LYS A CA    1 
ATOM   97   C C     . LYS A 1 21  ? -2.841  3.411   16.597  1.00 52.69  ? 67  LYS A C     1 
ATOM   98   O O     . LYS A 1 21  ? -2.366  4.544   16.428  1.00 50.71  ? 67  LYS A O     1 
ATOM   99   C CB    . LYS A 1 21  ? -1.410  2.415   18.398  1.00 50.13  ? 67  LYS A CB    1 
ATOM   100  C CG    . LYS A 1 21  ? -1.271  1.921   19.837  1.00 46.96  ? 67  LYS A CG    1 
ATOM   101  C CD    . LYS A 1 21  ? 0.066   2.342   20.437  1.00 47.30  ? 67  LYS A CD    1 
ATOM   102  C CE    . LYS A 1 21  ? 0.102   2.116   21.946  1.00 52.59  ? 67  LYS A CE    1 
ATOM   103  N NZ    . LYS A 1 21  ? 0.008   0.676   22.342  1.00 53.56  ? 67  LYS A NZ    1 
ATOM   104  N N     . ALA A 1 22  ? -3.362  2.697   15.602  1.00 47.00  ? 68  ALA A N     1 
ATOM   105  C CA    . ALA A 1 22  ? -3.372  3.220   14.246  1.00 48.41  ? 68  ALA A CA    1 
ATOM   106  C C     . ALA A 1 22  ? -4.390  2.525   13.340  1.00 46.54  ? 68  ALA A C     1 
ATOM   107  O O     . ALA A 1 22  ? -4.915  1.449   13.652  1.00 42.93  ? 68  ALA A O     1 
ATOM   108  C CB    . ALA A 1 22  ? -1.970  3.149   13.637  1.00 44.10  ? 68  ALA A CB    1 
ATOM   109  N N     . ALA A 1 23  ? -4.658  3.168   12.212  1.00 45.39  ? 69  ALA A N     1 
ATOM   110  C CA    . ALA A 1 23  ? -5.575  2.656   11.214  1.00 44.38  ? 69  ALA A CA    1 
ATOM   111  C C     . ALA A 1 23  ? -4.802  2.358   9.934   1.00 46.77  ? 69  ALA A C     1 
ATOM   112  O O     . ALA A 1 23  ? -3.824  3.037   9.615   1.00 40.65  ? 69  ALA A O     1 
ATOM   113  C CB    . ALA A 1 23  ? -6.672  3.679   10.939  1.00 45.88  ? 69  ALA A CB    1 
ATOM   114  N N     . LEU A 1 24  ? -5.250  1.346   9.200   1.00 46.80  ? 70  LEU A N     1 
ATOM   115  C CA    . LEU A 1 24  ? -4.650  0.994   7.918   1.00 39.91  ? 70  LEU A CA    1 
ATOM   116  C C     . LEU A 1 24  ? -5.716  0.949   6.844   1.00 38.32  ? 70  LEU A C     1 
ATOM   117  O O     . LEU A 1 24  ? -6.764  0.353   7.034   1.00 44.53  ? 70  LEU A O     1 
ATOM   118  C CB    . LEU A 1 24  ? -3.988  -0.376  8.018   1.00 40.36  ? 70  LEU A CB    1 
ATOM   119  C CG    . LEU A 1 24  ? -3.487  -0.977  6.712   1.00 37.62  ? 70  LEU A CG    1 
ATOM   120  C CD1   . LEU A 1 24  ? -2.610  0.028   5.990   1.00 40.74  ? 70  LEU A CD1   1 
ATOM   121  C CD2   . LEU A 1 24  ? -2.713  -2.243  7.006   1.00 41.29  ? 70  LEU A CD2   1 
ATOM   122  N N     . SER A 1 25  ? -5.456  1.572   5.707   1.00 39.99  ? 71  SER A N     1 
ATOM   123  C CA    . SER A 1 25  ? -6.392  1.506   4.600   1.00 39.47  ? 71  SER A CA    1 
ATOM   124  C C     . SER A 1 25  ? -5.656  1.147   3.324   1.00 37.47  ? 71  SER A C     1 
ATOM   125  O O     . SER A 1 25  ? -4.497  1.497   3.163   1.00 38.50  ? 71  SER A O     1 
ATOM   126  C CB    . SER A 1 25  ? -7.113  2.837   4.432   1.00 38.95  ? 71  SER A CB    1 
ATOM   127  O OG    . SER A 1 25  ? -8.247  2.684   3.604   1.00 46.59  ? 71  SER A OG    1 
ATOM   128  N N     . ALA A 1 26  ? -6.336  0.442   2.422   1.00 38.16  ? 72  ALA A N     1 
ATOM   129  C CA    . ALA A 1 26  ? -5.746  0.048   1.144   1.00 33.81  ? 72  ALA A CA    1 
ATOM   130  C C     . ALA A 1 26  ? -6.726  0.246   0.006   1.00 29.52  ? 72  ALA A C     1 
ATOM   131  O O     . ALA A 1 26  ? -7.883  -0.153  0.095   1.00 35.93  ? 72  ALA A O     1 
ATOM   132  C CB    . ALA A 1 26  ? -5.302  -1.417  1.185   1.00 30.17  ? 72  ALA A CB    1 
ATOM   133  N N     . GLU A 1 27  ? -6.265  0.849   -1.075  1.00 34.13  ? 73  GLU A N     1 
ATOM   134  C CA    . GLU A 1 27  ? -7.080  0.889   -2.278  1.00 36.06  ? 73  GLU A CA    1 
ATOM   135  C C     . GLU A 1 27  ? -6.237  1.035   -3.524  1.00 30.18  ? 73  GLU A C     1 
ATOM   136  O O     . GLU A 1 27  ? -5.178  1.654   -3.497  1.00 32.58  ? 73  GLU A O     1 
ATOM   137  C CB    . GLU A 1 27  ? -8.136  1.991   -2.202  1.00 40.53  ? 73  GLU A CB    1 
ATOM   138  C CG    . GLU A 1 27  ? -7.625  3.362   -2.553  1.00 52.31  ? 73  GLU A CG    1 
ATOM   139  C CD    . GLU A 1 27  ? -8.695  4.430   -2.410  1.00 63.94  ? 73  GLU A CD    1 
ATOM   140  O OE1   . GLU A 1 27  ? -9.897  4.073   -2.302  1.00 58.01  ? 73  GLU A OE1   1 
ATOM   141  O OE2   . GLU A 1 27  ? -8.325  5.625   -2.402  1.00 65.15  ? 73  GLU A OE2   1 
ATOM   142  N N     . PRO A 1 28  ? -6.713  0.452   -4.624  1.00 28.06  ? 74  PRO A N     1 
ATOM   143  C CA    . PRO A 1 28  ? -6.041  0.473   -5.924  1.00 29.47  ? 74  PRO A CA    1 
ATOM   144  C C     . PRO A 1 28  ? -6.036  1.852   -6.575  1.00 38.62  ? 74  PRO A C     1 
ATOM   145  O O     . PRO A 1 28  ? -7.018  2.584   -6.507  1.00 44.06  ? 74  PRO A O     1 
ATOM   146  C CB    . PRO A 1 28  ? -6.891  -0.474  -6.782  1.00 29.80  ? 74  PRO A CB    1 
ATOM   147  C CG    . PRO A 1 28  ? -7.779  -1.201  -5.832  1.00 40.41  ? 74  PRO A CG    1 
ATOM   148  C CD    . PRO A 1 28  ? -7.957  -0.333  -4.644  1.00 32.71  ? 74  PRO A CD    1 
ATOM   149  N N     . ARG A 1 29  ? -4.919  2.179   -7.207  1.00 38.09  ? 75  ARG A N     1 
ATOM   150  C CA    . ARG A 1 29  ? -4.803  3.323   -8.088  1.00 40.37  ? 75  ARG A CA    1 
ATOM   151  C C     . ARG A 1 29  ? -4.570  2.760   -9.477  1.00 45.26  ? 75  ARG A C     1 
ATOM   152  O O     . ARG A 1 29  ? -3.543  2.122   -9.733  1.00 43.98  ? 75  ARG A O     1 
ATOM   153  C CB    . ARG A 1 29  ? -3.593  4.168   -7.704  1.00 47.18  ? 75  ARG A CB    1 
ATOM   154  C CG    . ARG A 1 29  ? -3.914  5.522   -7.103  1.00 55.78  ? 75  ARG A CG    1 
ATOM   155  C CD    . ARG A 1 29  ? -4.724  5.383   -5.823  1.00 58.36  ? 75  ARG A CD    1 
ATOM   156  N NE    . ARG A 1 29  ? -4.635  6.579   -4.988  1.00 59.69  ? 75  ARG A NE    1 
ATOM   157  C CZ    . ARG A 1 29  ? -5.169  6.678   -3.774  1.00 71.13  ? 75  ARG A CZ    1 
ATOM   158  N NH1   . ARG A 1 29  ? -5.838  5.648   -3.251  1.00 59.00  ? 75  ARG A NH1   1 
ATOM   159  N NH2   . ARG A 1 29  ? -5.032  7.804   -3.078  1.00 70.81  ? 75  ARG A NH2   1 
ATOM   160  N N     . LEU A 1 30  ? -5.522  2.979   -10.371 1.00 43.03  ? 76  LEU A N     1 
ATOM   161  C CA    . LEU A 1 30  ? -5.437  2.422   -11.710 1.00 42.17  ? 76  LEU A CA    1 
ATOM   162  C C     . LEU A 1 30  ? -4.278  3.039   -12.466 1.00 38.94  ? 76  LEU A C     1 
ATOM   163  O O     . LEU A 1 30  ? -3.804  4.118   -12.108 1.00 41.31  ? 76  LEU A O     1 
ATOM   164  C CB    . LEU A 1 30  ? -6.746  2.655   -12.459 1.00 40.85  ? 76  LEU A CB    1 
ATOM   165  C CG    . LEU A 1 30  ? -7.903  1.860   -11.861 1.00 55.15  ? 76  LEU A CG    1 
ATOM   166  C CD1   . LEU A 1 30  ? -9.195  2.126   -12.621 1.00 68.13  ? 76  LEU A CD1   1 
ATOM   167  C CD2   . LEU A 1 30  ? -7.560  0.381   -11.877 1.00 50.33  ? 76  LEU A CD2   1 
ATOM   168  N N     . PRO A 1 31  ? -3.812  2.348   -13.514 1.00 39.87  ? 77  PRO A N     1 
ATOM   169  C CA    . PRO A 1 31  ? -2.782  2.896   -14.394 1.00 46.63  ? 77  PRO A CA    1 
ATOM   170  C C     . PRO A 1 31  ? -3.397  3.970   -15.278 1.00 44.39  ? 77  PRO A C     1 
ATOM   171  O O     . PRO A 1 31  ? -4.603  3.938   -15.526 1.00 44.89  ? 77  PRO A O     1 
ATOM   172  C CB    . PRO A 1 31  ? -2.385  1.701   -15.274 1.00 39.06  ? 77  PRO A CB    1 
ATOM   173  C CG    . PRO A 1 31  ? -3.195  0.551   -14.816 1.00 45.19  ? 77  PRO A CG    1 
ATOM   174  C CD    . PRO A 1 31  ? -4.334  1.073   -14.015 1.00 42.82  ? 77  PRO A CD    1 
ATOM   175  N N     . THR A 1 32  ? -2.578  4.900   -15.751 1.00 49.31  ? 78  THR A N     1 
ATOM   176  C CA    . THR A 1 32  ? -3.032  5.881   -16.725 1.00 59.99  ? 78  THR A CA    1 
ATOM   177  C C     . THR A 1 32  ? -2.518  5.479   -18.092 1.00 58.20  ? 78  THR A C     1 
ATOM   178  O O     . THR A 1 32  ? -1.393  5.003   -18.223 1.00 57.94  ? 78  THR A O     1 
ATOM   179  C CB    . THR A 1 32  ? -2.516  7.283   -16.406 1.00 59.61  ? 78  THR A CB    1 
ATOM   180  O OG1   . THR A 1 32  ? -1.085  7.258   -16.348 1.00 62.10  ? 78  THR A OG1   1 
ATOM   181  C CG2   . THR A 1 32  ? -3.072  7.758   -15.076 1.00 56.50  ? 78  THR A CG2   1 
ATOM   182  N N     . PHE A 1 33  ? -3.348  5.669   -19.106 1.00 62.23  ? 79  PHE A N     1 
ATOM   183  C CA    . PHE A 1 33  ? -2.992  5.279   -20.464 1.00 69.87  ? 79  PHE A CA    1 
ATOM   184  C C     . PHE A 1 33  ? -2.852  6.497   -21.372 1.00 71.99  ? 79  PHE A C     1 
ATOM   185  O O     . PHE A 1 33  ? -3.486  7.530   -21.144 1.00 67.72  ? 79  PHE A O     1 
ATOM   186  C CB    . PHE A 1 33  ? -4.045  4.317   -21.021 1.00 62.75  ? 79  PHE A CB    1 
ATOM   187  C CG    . PHE A 1 33  ? -4.078  2.996   -20.320 1.00 66.72  ? 79  PHE A CG    1 
ATOM   188  C CD1   . PHE A 1 33  ? -4.614  2.883   -19.048 1.00 62.73  ? 79  PHE A CD1   1 
ATOM   189  C CD2   . PHE A 1 33  ? -3.561  1.862   -20.929 1.00 69.34  ? 79  PHE A CD2   1 
ATOM   190  C CE1   . PHE A 1 33  ? -4.634  1.662   -18.394 1.00 58.67  ? 79  PHE A CE1   1 
ATOM   191  C CE2   . PHE A 1 33  ? -3.580  0.639   -20.284 1.00 65.24  ? 79  PHE A CE2   1 
ATOM   192  C CZ    . PHE A 1 33  ? -4.117  0.540   -19.014 1.00 60.53  ? 79  PHE A CZ    1 
ATOM   193  N N     . ASN A 1 34  ? -2.009  6.377   -22.393 1.00 71.31  ? 80  ASN A N     1 
ATOM   194  C CA    . ASN A 1 34  ? -1.896  7.420   -23.408 1.00 66.67  ? 80  ASN A CA    1 
ATOM   195  C C     . ASN A 1 34  ? -2.398  6.919   -24.744 1.00 69.70  ? 80  ASN A C     1 
ATOM   196  O O     . ASN A 1 34  ? -1.944  5.886   -25.236 1.00 70.99  ? 80  ASN A O     1 
ATOM   197  C CB    . ASN A 1 34  ? -0.456  7.912   -23.549 1.00 63.04  ? 80  ASN A CB    1 
ATOM   198  C CG    . ASN A 1 34  ? -0.050  8.860   -22.434 1.00 75.88  ? 80  ASN A CG    1 
ATOM   199  O OD1   . ASN A 1 34  ? -0.890  9.339   -21.662 1.00 76.90  ? 80  ASN A OD1   1 
ATOM   200  N ND2   . ASN A 1 34  ? 1.244   9.144   -22.349 1.00 71.03  ? 80  ASN A ND2   1 
ATOM   201  N N     . ARG A 1 35  ? -3.341  7.646   -25.329 1.00 73.22  ? 81  ARG A N     1 
ATOM   202  C CA    . ARG A 1 35  ? -3.886  7.256   -26.617 1.00 75.91  ? 81  ARG A CA    1 
ATOM   203  C C     . ARG A 1 35  ? -2.870  7.553   -27.720 1.00 69.51  ? 81  ARG A C     1 
ATOM   204  O O     . ARG A 1 35  ? -2.561  8.704   -28.007 1.00 76.13  ? 81  ARG A O     1 
ATOM   205  C CB    . ARG A 1 35  ? -5.263  7.907   -26.845 1.00 82.25  ? 81  ARG A CB    1 
ATOM   206  C CG    . ARG A 1 35  ? -6.299  7.489   -25.768 1.00 91.55  ? 81  ARG A CG    1 
ATOM   207  C CD    . ARG A 1 35  ? -7.735  8.065   -25.931 1.00 95.62  ? 81  ARG A CD    1 
ATOM   208  N NE    . ARG A 1 35  ? -7.802  9.532   -25.975 1.00 104.45 ? 81  ARG A NE    1 
ATOM   209  C CZ    . ARG A 1 35  ? -8.193  10.330  -24.981 1.00 99.06  ? 81  ARG A CZ    1 
ATOM   210  N NH1   . ARG A 1 35  ? -8.572  9.826   -23.821 1.00 100.13 ? 81  ARG A NH1   1 
ATOM   211  N NH2   . ARG A 1 35  ? -8.205  11.646  -25.160 1.00 98.48  ? 81  ARG A NH2   1 
ATOM   212  N N     . LEU A 1 36  ? -2.310  6.487   -28.283 1.00 74.89  ? 82  LEU A N     1 
ATOM   213  C CA    . LEU A 1 36  ? -1.332  6.583   -29.360 1.00 78.54  ? 82  LEU A CA    1 
ATOM   214  C C     . LEU A 1 36  ? -1.940  7.303   -30.557 1.00 88.68  ? 82  LEU A C     1 
ATOM   215  O O     . LEU A 1 36  ? -3.160  7.298   -30.734 1.00 85.93  ? 82  LEU A O     1 
ATOM   216  C CB    . LEU A 1 36  ? -0.895  5.182   -29.798 1.00 81.87  ? 82  LEU A CB    1 
ATOM   217  C CG    . LEU A 1 36  ? -0.071  4.356   -28.815 1.00 78.46  ? 82  LEU A CG    1 
ATOM   218  C CD1   . LEU A 1 36  ? 0.178   2.954   -29.366 1.00 77.20  ? 82  LEU A CD1   1 
ATOM   219  C CD2   . LEU A 1 36  ? 1.232   5.074   -28.542 1.00 83.63  ? 82  LEU A CD2   1 
ATOM   220  N N     . ASP A 1 37  ? -1.094  7.921   -31.378 1.00 93.24  ? 83  ASP A N     1 
ATOM   221  C CA    . ASP A 1 37  ? -1.541  8.467   -32.654 1.00 87.05  ? 83  ASP A CA    1 
ATOM   222  C C     . ASP A 1 37  ? -1.868  7.296   -33.581 1.00 90.92  ? 83  ASP A C     1 
ATOM   223  O O     . ASP A 1 37  ? -2.867  7.316   -34.306 1.00 92.88  ? 83  ASP A O     1 
ATOM   224  C CB    . ASP A 1 37  ? -0.457  9.358   -33.268 1.00 83.77  ? 83  ASP A CB    1 
ATOM   225  C CG    . ASP A 1 37  ? -1.023  10.617  -33.912 1.00 89.81  ? 83  ASP A CG    1 
ATOM   226  O OD1   . ASP A 1 37  ? -1.037  11.680  -33.245 1.00 82.72  ? 83  ASP A OD1   1 
ATOM   227  O OD2   . ASP A 1 37  ? -1.449  10.538  -35.087 1.00 80.59  ? 83  ASP A OD2   1 
ATOM   228  N N     . SER A 1 38  ? -1.020  6.269   -33.535 1.00 87.64  ? 84  SER A N     1 
ATOM   229  C CA    . SER A 1 38  ? -1.253  5.021   -34.257 1.00 89.76  ? 84  SER A CA    1 
ATOM   230  C C     . SER A 1 38  ? -2.676  4.504   -34.072 1.00 88.52  ? 84  SER A C     1 
ATOM   231  O O     . SER A 1 38  ? -3.149  3.691   -34.862 1.00 86.71  ? 84  SER A O     1 
ATOM   232  C CB    . SER A 1 38  ? -0.261  3.948   -33.797 1.00 95.38  ? 84  SER A CB    1 
ATOM   233  O OG    . SER A 1 38  ? 1.077   4.305   -34.100 1.00 95.72  ? 84  SER A OG    1 
ATOM   234  N N     . GLY A 1 39  ? -3.349  4.963   -33.018 1.00 91.87  ? 85  GLY A N     1 
ATOM   235  C CA    . GLY A 1 39  ? -4.729  4.580   -32.757 1.00 94.56  ? 85  GLY A CA    1 
ATOM   236  C C     . GLY A 1 39  ? -4.926  3.775   -31.480 1.00 96.13  ? 85  GLY A C     1 
ATOM   237  O O     . GLY A 1 39  ? -5.908  3.964   -30.755 1.00 95.11  ? 85  GLY A O     1 
ATOM   238  N N     . GLY A 1 40  ? -3.988  2.875   -31.203 1.00 87.42  ? 86  GLY A N     1 
ATOM   239  C CA    . GLY A 1 40  ? -4.063  2.043   -30.021 1.00 78.63  ? 86  GLY A CA    1 
ATOM   240  C C     . GLY A 1 40  ? -3.872  2.812   -28.730 1.00 79.13  ? 86  GLY A C     1 
ATOM   241  O O     . GLY A 1 40  ? -3.930  4.043   -28.701 1.00 76.95  ? 86  GLY A O     1 
ATOM   242  N N     . VAL A 1 41  ? -3.645  2.074   -27.651 1.00 80.89  ? 87  VAL A N     1 
ATOM   243  C CA    . VAL A 1 41  ? -3.466  2.668   -26.333 1.00 77.09  ? 87  VAL A CA    1 
ATOM   244  C C     . VAL A 1 41  ? -2.207  2.124   -25.656 1.00 72.71  ? 87  VAL A C     1 
ATOM   245  O O     . VAL A 1 41  ? -1.912  0.933   -25.737 1.00 76.01  ? 87  VAL A O     1 
ATOM   246  C CB    . VAL A 1 41  ? -4.690  2.420   -25.442 1.00 73.92  ? 87  VAL A CB    1 
ATOM   247  C CG1   . VAL A 1 41  ? -4.527  3.146   -24.126 1.00 73.70  ? 87  VAL A CG1   1 
ATOM   248  C CG2   . VAL A 1 41  ? -5.964  2.874   -26.159 1.00 72.67  ? 87  VAL A CG2   1 
ATOM   249  N N     . LYS A 1 42  ? -1.461  3.006   -25.003 1.00 69.30  ? 88  LYS A N     1 
ATOM   250  C CA    . LYS A 1 42  ? -0.194  2.625   -24.398 1.00 62.26  ? 88  LYS A CA    1 
ATOM   251  C C     . LYS A 1 42  ? -0.192  2.973   -22.924 1.00 70.66  ? 88  LYS A C     1 
ATOM   252  O O     . LYS A 1 42  ? -0.423  4.127   -22.550 1.00 69.19  ? 88  LYS A O     1 
ATOM   253  C CB    . LYS A 1 42  ? 0.959   3.343   -25.091 1.00 71.10  ? 88  LYS A CB    1 
ATOM   254  C CG    . LYS A 1 42  ? 2.242   3.350   -24.288 1.00 77.40  ? 88  LYS A CG    1 
ATOM   255  C CD    . LYS A 1 42  ? 3.193   4.430   -24.781 1.00 90.64  ? 88  LYS A CD    1 
ATOM   256  C CE    . LYS A 1 42  ? 4.279   4.728   -23.754 1.00 89.29  ? 88  LYS A CE    1 
ATOM   257  N NZ    . LYS A 1 42  ? 5.189   5.812   -24.220 1.00 91.41  ? 88  LYS A NZ    1 
ATOM   258  N N     . LEU A 1 43  ? 0.071   1.974   -22.087 1.00 66.69  ? 89  LEU A N     1 
ATOM   259  C CA    . LEU A 1 43  ? 0.063   2.186   -20.645 1.00 63.16  ? 89  LEU A CA    1 
ATOM   260  C C     . LEU A 1 43  ? 1.157   3.163   -20.260 1.00 58.58  ? 89  LEU A C     1 
ATOM   261  O O     . LEU A 1 43  ? 2.305   3.000   -20.654 1.00 61.42  ? 89  LEU A O     1 
ATOM   262  C CB    . LEU A 1 43  ? 0.233   0.864   -19.897 1.00 67.06  ? 89  LEU A CB    1 
ATOM   263  C CG    . LEU A 1 43  ? 0.002   0.898   -18.381 1.00 58.51  ? 89  LEU A CG    1 
ATOM   264  C CD1   . LEU A 1 43  ? -0.529  -0.439  -17.883 1.00 51.88  ? 89  LEU A CD1   1 
ATOM   265  C CD2   . LEU A 1 43  ? 1.271   1.298   -17.636 1.00 55.65  ? 89  LEU A CD2   1 
ATOM   266  N N     . ASN A 1 44  ? 0.790   4.177   -19.486 1.00 60.41  ? 90  ASN A N     1 
ATOM   267  C CA    . ASN A 1 44  ? 1.713   5.252   -19.130 1.00 65.27  ? 90  ASN A CA    1 
ATOM   268  C C     . ASN A 1 44  ? 2.249   5.131   -17.709 1.00 63.11  ? 90  ASN A C     1 
ATOM   269  O O     . ASN A 1 44  ? 3.269   4.482   -17.479 1.00 55.39  ? 90  ASN A O     1 
ATOM   270  C CB    . ASN A 1 44  ? 1.043   6.615   -19.322 1.00 67.47  ? 90  ASN A CB    1 
ATOM   271  C CG    . ASN A 1 44  ? 1.933   7.764   -18.904 1.00 71.62  ? 90  ASN A CG    1 
ATOM   272  O OD1   . ASN A 1 44  ? 3.161   7.641   -18.880 1.00 68.58  ? 90  ASN A OD1   1 
ATOM   273  N ND2   . ASN A 1 44  ? 1.316   8.893   -18.559 1.00 72.41  ? 90  ASN A ND2   1 
ATOM   274  N N     . ARG A 1 45  ? 1.564   5.774   -16.763 1.00 62.01  ? 91  ARG A N     1 
ATOM   275  C CA    . ARG A 1 45  ? 1.899   5.628   -15.349 1.00 61.33  ? 91  ARG A CA    1 
ATOM   276  C C     . ARG A 1 45  ? 1.295   4.348   -14.770 1.00 61.82  ? 91  ARG A C     1 
ATOM   277  O O     . ARG A 1 45  ? 0.094   4.088   -14.905 1.00 56.02  ? 91  ARG A O     1 
ATOM   278  C CB    . ARG A 1 45  ? 1.433   6.838   -14.533 1.00 67.73  ? 91  ARG A CB    1 
ATOM   279  C CG    . ARG A 1 45  ? 1.903   6.800   -13.083 1.00 68.27  ? 91  ARG A CG    1 
ATOM   280  C CD    . ARG A 1 45  ? 1.481   8.035   -12.302 1.00 72.18  ? 91  ARG A CD    1 
ATOM   281  N NE    . ARG A 1 45  ? 0.036   8.096   -12.073 1.00 80.27  ? 91  ARG A NE    1 
ATOM   282  C CZ    . ARG A 1 45  ? -0.557  8.991   -11.285 1.00 87.01  ? 91  ARG A CZ    1 
ATOM   283  N NH1   . ARG A 1 45  ? 0.172   9.901   -10.643 1.00 86.55  ? 91  ARG A NH1   1 
ATOM   284  N NH2   . ARG A 1 45  ? -1.879  8.976   -11.130 1.00 79.47  ? 91  ARG A NH2   1 
ATOM   285  N N     . ARG A 1 46  ? 2.132   3.554   -14.112 1.00 56.16  ? 92  ARG A N     1 
ATOM   286  C CA    . ARG A 1 46  ? 1.691   2.268   -13.572 1.00 53.99  ? 92  ARG A CA    1 
ATOM   287  C C     . ARG A 1 46  ? 0.734   2.365   -12.382 1.00 47.34  ? 92  ARG A C     1 
ATOM   288  O O     . ARG A 1 46  ? 0.789   3.309   -11.589 1.00 49.42  ? 92  ARG A O     1 
ATOM   289  C CB    . ARG A 1 46  ? 2.897   1.404   -13.209 1.00 57.81  ? 92  ARG A CB    1 
ATOM   290  C CG    . ARG A 1 46  ? 3.352   0.517   -14.368 1.00 71.65  ? 92  ARG A CG    1 
ATOM   291  C CD    . ARG A 1 46  ? 2.246   -0.492  -14.752 1.00 64.98  ? 92  ARG A CD    1 
ATOM   292  N NE    . ARG A 1 46  ? 2.346   -1.730  -13.978 1.00 67.04  ? 92  ARG A NE    1 
ATOM   293  C CZ    . ARG A 1 46  ? 2.891   -2.858  -14.436 1.00 70.54  ? 92  ARG A CZ    1 
ATOM   294  N NH1   . ARG A 1 46  ? 3.369   -2.924  -15.680 1.00 65.98  ? 92  ARG A NH1   1 
ATOM   295  N NH2   . ARG A 1 46  ? 2.944   -3.933  -13.656 1.00 64.33  ? 92  ARG A NH2   1 
ATOM   296  N N     . GLY A 1 47  ? -0.157  1.390   -12.267 1.00 37.22  ? 93  GLY A N     1 
ATOM   297  C CA    . GLY A 1 47  ? -1.040  1.344   -11.125 1.00 32.83  ? 93  GLY A CA    1 
ATOM   298  C C     . GLY A 1 47  ? -0.299  0.883   -9.888  1.00 37.78  ? 93  GLY A C     1 
ATOM   299  O O     . GLY A 1 47  ? 0.773   0.287   -9.978  1.00 33.46  ? 93  GLY A O     1 
ATOM   300  N N     . VAL A 1 48  ? -0.865  1.173   -8.721  1.00 39.78  ? 94  VAL A N     1 
ATOM   301  C CA    . VAL A 1 48  ? -0.324  0.660   -7.475  1.00 31.27  ? 94  VAL A CA    1 
ATOM   302  C C     . VAL A 1 48  ? -1.480  0.231   -6.591  1.00 39.28  ? 94  VAL A C     1 
ATOM   303  O O     . VAL A 1 48  ? -2.648  0.371   -6.966  1.00 34.33  ? 94  VAL A O     1 
ATOM   304  C CB    . VAL A 1 48  ? 0.553   1.708   -6.741  1.00 37.37  ? 94  VAL A CB    1 
ATOM   305  C CG1   . VAL A 1 48  ? 1.717   2.138   -7.622  1.00 32.68  ? 94  VAL A CG1   1 
ATOM   306  C CG2   . VAL A 1 48  ? -0.272  2.917   -6.325  1.00 35.68  ? 94  VAL A CG2   1 
ATOM   307  N N     . ILE A 1 49  ? -1.157  -0.327  -5.431  1.00 38.89  ? 95  ILE A N     1 
ATOM   308  C CA    . ILE A 1 49  ? -2.150  -0.480  -4.382  1.00 34.47  ? 95  ILE A CA    1 
ATOM   309  C C     . ILE A 1 49  ? -1.675  0.460   -3.302  1.00 36.40  ? 95  ILE A C     1 
ATOM   310  O O     . ILE A 1 49  ? -0.590  0.278   -2.752  1.00 31.04  ? 95  ILE A O     1 
ATOM   311  C CB    . ILE A 1 49  ? -2.190  -1.905  -3.838  1.00 32.64  ? 95  ILE A CB    1 
ATOM   312  C CG1   . ILE A 1 49  ? -2.760  -2.862  -4.884  1.00 30.52  ? 95  ILE A CG1   1 
ATOM   313  C CG2   . ILE A 1 49  ? -3.034  -1.966  -2.578  1.00 31.11  ? 95  ILE A CG2   1 
ATOM   314  C CD1   . ILE A 1 49  ? -4.173  -3.170  -4.676  1.00 30.40  ? 95  ILE A CD1   1 
ATOM   315  N N     . MET A 1 50  ? -2.466  1.484   -3.019  1.00 35.88  ? 96  MET A N     1 
ATOM   316  C CA    . MET A 1 50  ? -2.021  2.518   -2.101  1.00 35.20  ? 96  MET A CA    1 
ATOM   317  C C     . MET A 1 50  ? -2.394  2.178   -0.672  1.00 38.00  ? 96  MET A C     1 
ATOM   318  O O     . MET A 1 50  ? -3.557  1.890   -0.367  1.00 39.71  ? 96  MET A O     1 
ATOM   319  C CB    . MET A 1 50  ? -2.601  3.872   -2.481  1.00 35.07  ? 96  MET A CB    1 
ATOM   320  C CG    . MET A 1 50  ? -2.078  5.000   -1.630  1.00 40.49  ? 96  MET A CG    1 
ATOM   321  S SD    . MET A 1 50  ? -0.381  5.455   -2.049  1.00 38.73  ? 96  MET A SD    1 
ATOM   322  C CE    . MET A 1 50  ? -0.603  6.130   -3.683  1.00 39.19  ? 96  MET A CE    1 
ATOM   323  N N     . LEU A 1 51  ? -1.396  2.207   0.203   1.00 35.07  ? 97  LEU A N     1 
ATOM   324  C CA    . LEU A 1 51  ? -1.630  1.991   1.615   1.00 35.80  ? 97  LEU A CA    1 
ATOM   325  C C     . LEU A 1 51  ? -1.547  3.311   2.373   1.00 40.29  ? 97  LEU A C     1 
ATOM   326  O O     . LEU A 1 51  ? -0.589  4.081   2.213   1.00 39.20  ? 97  LEU A O     1 
ATOM   327  C CB    . LEU A 1 51  ? -0.615  1.004   2.200   1.00 30.85  ? 97  LEU A CB    1 
ATOM   328  C CG    . LEU A 1 51  ? -0.560  -0.445  1.727   1.00 31.72  ? 97  LEU A CG    1 
ATOM   329  C CD1   . LEU A 1 51  ? 0.557   -1.189  2.476   1.00 33.66  ? 97  LEU A CD1   1 
ATOM   330  C CD2   . LEU A 1 51  ? -1.887  -1.119  1.951   1.00 25.83  ? 97  LEU A CD2   1 
ATOM   331  N N     . THR A 1 52  ? -2.546  3.550   3.215   1.00 41.67  ? 98  THR A N     1 
ATOM   332  C CA    . THR A 1 52  ? -2.557  4.722   4.068   1.00 43.17  ? 98  THR A CA    1 
ATOM   333  C C     . THR A 1 52  ? -2.565  4.283   5.527   1.00 42.68  ? 98  THR A C     1 
ATOM   334  O O     . THR A 1 52  ? -3.325  3.391   5.915   1.00 39.92  ? 98  THR A O     1 
ATOM   335  C CB    . THR A 1 52  ? -3.768  5.625   3.768   1.00 37.12  ? 98  THR A CB    1 
ATOM   336  O OG1   . THR A 1 52  ? -3.761  5.976   2.381   1.00 40.46  ? 98  THR A OG1   1 
ATOM   337  C CG2   . THR A 1 52  ? -3.702  6.896   4.595   1.00 41.81  ? 98  THR A CG2   1 
ATOM   338  N N     . PHE A 1 53  ? -1.682  4.893   6.315   1.00 40.69  ? 99  PHE A N     1 
ATOM   339  C CA    . PHE A 1 53  ? -1.631  4.677   7.753   1.00 45.42  ? 99  PHE A CA    1 
ATOM   340  C C     . PHE A 1 53  ? -1.932  6.008   8.428   1.00 44.58  ? 99  PHE A C     1 
ATOM   341  O O     . PHE A 1 53  ? -1.591  7.070   7.902   1.00 45.74  ? 99  PHE A O     1 
ATOM   342  C CB    . PHE A 1 53  ? -0.240  4.191   8.187   1.00 42.34  ? 99  PHE A CB    1 
ATOM   343  C CG    . PHE A 1 53  ? 0.098   2.787   7.739   1.00 36.63  ? 99  PHE A CG    1 
ATOM   344  C CD1   . PHE A 1 53  ? 0.483   2.532   6.434   1.00 38.40  ? 99  PHE A CD1   1 
ATOM   345  C CD2   . PHE A 1 53  ? 0.060   1.728   8.636   1.00 40.98  ? 99  PHE A CD2   1 
ATOM   346  C CE1   . PHE A 1 53  ? 0.813   1.231   6.024   1.00 40.38  ? 99  PHE A CE1   1 
ATOM   347  C CE2   . PHE A 1 53  ? 0.386   0.430   8.233   1.00 37.96  ? 99  PHE A CE2   1 
ATOM   348  C CZ    . PHE A 1 53  ? 0.758   0.183   6.924   1.00 37.00  ? 99  PHE A CZ    1 
ATOM   349  N N     . TRP A 1 54  ? -2.588  5.954   9.579   1.00 47.13  ? 100 TRP A N     1 
ATOM   350  C CA    . TRP A 1 54  ? -2.772  7.142   10.408  1.00 53.82  ? 100 TRP A CA    1 
ATOM   351  C C     . TRP A 1 54  ? -3.051  6.740   11.861  1.00 52.47  ? 100 TRP A C     1 
ATOM   352  O O     . TRP A 1 54  ? -3.589  5.660   12.120  1.00 49.25  ? 100 TRP A O     1 
ATOM   353  C CB    . TRP A 1 54  ? -3.802  8.130   9.808   1.00 50.13  ? 100 TRP A CB    1 
ATOM   354  C CG    . TRP A 1 54  ? -5.244  7.690   9.762   1.00 55.71  ? 100 TRP A CG    1 
ATOM   355  C CD1   . TRP A 1 54  ? -6.268  8.175   10.525  1.00 58.72  ? 100 TRP A CD1   1 
ATOM   356  C CD2   . TRP A 1 54  ? -5.827  6.712   8.887   1.00 57.20  ? 100 TRP A CD2   1 
ATOM   357  N NE1   . TRP A 1 54  ? -7.448  7.549   10.194  1.00 55.27  ? 100 TRP A NE1   1 
ATOM   358  C CE2   . TRP A 1 54  ? -7.206  6.645   9.193   1.00 59.73  ? 100 TRP A CE2   1 
ATOM   359  C CE3   . TRP A 1 54  ? -5.321  5.875   7.884   1.00 50.97  ? 100 TRP A CE3   1 
ATOM   360  C CZ2   . TRP A 1 54  ? -8.081  5.774   8.533   1.00 60.70  ? 100 TRP A CZ2   1 
ATOM   361  C CZ3   . TRP A 1 54  ? -6.194  5.010   7.225   1.00 48.81  ? 100 TRP A CZ3   1 
ATOM   362  C CH2   . TRP A 1 54  ? -7.557  4.968   7.555   1.00 51.90  ? 100 TRP A CH2   1 
ATOM   363  N N     . PRO A 1 55  ? -2.633  7.589   12.815  1.00 56.33  ? 101 PRO A N     1 
ATOM   364  C CA    . PRO A 1 55  ? -2.644  7.259   14.244  1.00 50.69  ? 101 PRO A CA    1 
ATOM   365  C C     . PRO A 1 55  ? -3.989  7.490   14.907  1.00 55.58  ? 101 PRO A C     1 
ATOM   366  O O     . PRO A 1 55  ? -4.800  8.284   14.426  1.00 58.13  ? 101 PRO A O     1 
ATOM   367  C CB    . PRO A 1 55  ? -1.642  8.253   14.817  1.00 50.53  ? 101 PRO A CB    1 
ATOM   368  C CG    . PRO A 1 55  ? -1.831  9.455   13.963  1.00 49.13  ? 101 PRO A CG    1 
ATOM   369  C CD    . PRO A 1 55  ? -2.046  8.919   12.570  1.00 53.15  ? 101 PRO A CD    1 
ATOM   370  N N     . SER A 1 56  ? -4.213  6.806   16.024  1.00 57.59  ? 102 SER A N     1 
ATOM   371  C CA    . SER A 1 56  ? -5.417  7.012   16.811  1.00 60.22  ? 102 SER A CA    1 
ATOM   372  C C     . SER A 1 56  ? -5.166  8.086   17.852  1.00 67.04  ? 102 SER A C     1 
ATOM   373  O O     . SER A 1 56  ? -4.352  7.896   18.754  1.00 71.48  ? 102 SER A O     1 
ATOM   374  C CB    . SER A 1 56  ? -5.807  5.724   17.528  1.00 57.68  ? 102 SER A CB    1 
ATOM   375  O OG    . SER A 1 56  ? -4.887  5.445   18.567  1.00 66.99  ? 102 SER A OG    1 
ATOM   376  N N     . VAL A 1 57  ? -5.854  9.216   17.725  1.00 66.60  ? 103 VAL A N     1 
ATOM   377  C CA    . VAL A 1 57  ? -5.793  10.257  18.743  1.00 71.89  ? 103 VAL A CA    1 
ATOM   378  C C     . VAL A 1 57  ? -7.021  10.168  19.630  1.00 77.40  ? 103 VAL A C     1 
ATOM   379  O O     . VAL A 1 57  ? -8.142  10.050  19.138  1.00 79.20  ? 103 VAL A O     1 
ATOM   380  C CB    . VAL A 1 57  ? -5.738  11.662  18.128  1.00 77.14  ? 103 VAL A CB    1 
ATOM   381  C CG1   . VAL A 1 57  ? -4.361  11.934  17.534  1.00 71.81  ? 103 VAL A CG1   1 
ATOM   382  C CG2   . VAL A 1 57  ? -6.832  11.816  17.084  1.00 73.57  ? 103 VAL A CG2   1 
ATOM   383  N N     . GLY A 1 58  ? -6.812  10.230  20.938  1.00 78.96  ? 104 GLY A N     1 
ATOM   384  C CA    . GLY A 1 58  ? -7.910  10.078  21.869  1.00 79.50  ? 104 GLY A CA    1 
ATOM   385  C C     . GLY A 1 58  ? -8.333  8.627   21.909  1.00 82.66  ? 104 GLY A C     1 
ATOM   386  O O     . GLY A 1 58  ? -7.496  7.732   21.787  1.00 85.00  ? 104 GLY A O     1 
ATOM   387  N N     . GLU A 1 59  ? -9.632  8.391   22.066  1.00 90.81  ? 105 GLU A N     1 
ATOM   388  C CA    . GLU A 1 59  ? -10.149 7.032   22.185  1.00 95.44  ? 105 GLU A CA    1 
ATOM   389  C C     . GLU A 1 59  ? -11.022 6.663   20.991  1.00 93.47  ? 105 GLU A C     1 
ATOM   390  O O     . GLU A 1 59  ? -12.003 7.346   20.682  1.00 93.55  ? 105 GLU A O     1 
ATOM   391  C CB    . GLU A 1 59  ? -10.911 6.854   23.506  1.00 102.37 ? 105 GLU A CB    1 
ATOM   392  C CG    . GLU A 1 59  ? -11.935 7.952   23.801  1.00 108.72 ? 105 GLU A CG    1 
ATOM   393  C CD    . GLU A 1 59  ? -12.342 8.005   25.270  1.00 115.89 ? 105 GLU A CD    1 
ATOM   394  O OE1   . GLU A 1 59  ? -13.530 8.281   25.545  1.00 114.69 ? 105 GLU A OE1   1 
ATOM   395  O OE2   . GLU A 1 59  ? -11.471 7.783   26.146  1.00 108.68 ? 105 GLU A OE2   1 
ATOM   396  N N     . ARG A 1 60  ? -10.650 5.577   20.323  1.00 90.55  ? 106 ARG A N     1 
ATOM   397  C CA    . ARG A 1 60  ? -11.308 5.162   19.089  1.00 88.74  ? 106 ARG A CA    1 
ATOM   398  C C     . ARG A 1 60  ? -11.617 6.364   18.205  1.00 81.54  ? 106 ARG A C     1 
ATOM   399  O O     . ARG A 1 60  ? -12.739 6.531   17.725  1.00 82.52  ? 106 ARG A O     1 
ATOM   400  C CB    . ARG A 1 60  ? -12.584 4.369   19.378  1.00 95.51  ? 106 ARG A CB    1 
ATOM   401  C CG    . ARG A 1 60  ? -13.190 3.697   18.149  1.00 93.13  ? 106 ARG A CG    1 
ATOM   402  C CD    . ARG A 1 60  ? -14.405 2.846   18.513  1.00 102.55 ? 106 ARG A CD    1 
ATOM   403  N NE    . ARG A 1 60  ? -14.060 1.732   19.397  1.00 111.73 ? 106 ARG A NE    1 
ATOM   404  C CZ    . ARG A 1 60  ? -14.571 1.550   20.614  1.00 112.83 ? 106 ARG A CZ    1 
ATOM   405  N NH1   . ARG A 1 60  ? -15.461 2.408   21.098  1.00 111.70 ? 106 ARG A NH1   1 
ATOM   406  N NH2   . ARG A 1 60  ? -14.197 0.507   21.347  1.00 112.10 ? 106 ARG A NH2   1 
ATOM   407  N N     . LYS A 1 61  ? -10.617 7.214   18.016  1.00 73.05  ? 107 LYS A N     1 
ATOM   408  C CA    . LYS A 1 61  ? -10.725 8.298   17.053  1.00 67.18  ? 107 LYS A CA    1 
ATOM   409  C C     . LYS A 1 61  ? -9.353  8.458   16.420  1.00 61.33  ? 107 LYS A C     1 
ATOM   410  O O     . LYS A 1 61  ? -8.337  8.206   17.069  1.00 64.31  ? 107 LYS A O     1 
ATOM   411  C CB    . LYS A 1 61  ? -11.192 9.581   17.734  1.00 71.39  ? 107 LYS A CB    1 
ATOM   412  C CG    . LYS A 1 61  ? -12.022 10.486  16.835  1.00 73.34  ? 107 LYS A CG    1 
ATOM   413  C CD    . LYS A 1 61  ? -11.250 11.748  16.462  1.00 71.86  ? 107 LYS A CD    1 
ATOM   414  C CE    . LYS A 1 61  ? -11.314 12.791  17.577  1.00 77.53  ? 107 LYS A CE    1 
ATOM   415  N NZ    . LYS A 1 61  ? -10.030 13.529  17.773  1.00 72.55  ? 107 LYS A NZ    1 
ATOM   416  N N     . TYR A 1 62  ? -9.310  8.843   15.153  1.00 58.96  ? 108 TYR A N     1 
ATOM   417  C CA    . TYR A 1 62  ? -8.049  8.796   14.419  1.00 63.22  ? 108 TYR A CA    1 
ATOM   418  C C     . TYR A 1 62  ? -7.713  10.096  13.707  1.00 61.99  ? 108 TYR A C     1 
ATOM   419  O O     . TYR A 1 62  ? -8.584  10.743  13.124  1.00 64.98  ? 108 TYR A O     1 
ATOM   420  C CB    . TYR A 1 62  ? -8.064  7.636   13.417  1.00 60.00  ? 108 TYR A CB    1 
ATOM   421  C CG    . TYR A 1 62  ? -8.276  6.285   14.063  1.00 55.35  ? 108 TYR A CG    1 
ATOM   422  C CD1   . TYR A 1 62  ? -9.551  5.833   14.366  1.00 50.70  ? 108 TYR A CD1   1 
ATOM   423  C CD2   . TYR A 1 62  ? -7.198  5.466   14.381  1.00 52.33  ? 108 TYR A CD2   1 
ATOM   424  C CE1   . TYR A 1 62  ? -9.746  4.604   14.965  1.00 53.25  ? 108 TYR A CE1   1 
ATOM   425  C CE2   . TYR A 1 62  ? -7.388  4.238   14.979  1.00 47.92  ? 108 TYR A CE2   1 
ATOM   426  C CZ    . TYR A 1 62  ? -8.661  3.813   15.269  1.00 47.61  ? 108 TYR A CZ    1 
ATOM   427  O OH    . TYR A 1 62  ? -8.850  2.585   15.860  1.00 42.45  ? 108 TYR A OH    1 
ATOM   428  N N     . ASP A 1 63  ? -6.433  10.454  13.733  1.00 61.97  ? 109 ASP A N     1 
ATOM   429  C CA    . ASP A 1 63  ? -5.982  11.732  13.202  1.00 61.13  ? 109 ASP A CA    1 
ATOM   430  C C     . ASP A 1 63  ? -5.588  11.677  11.717  1.00 62.10  ? 109 ASP A C     1 
ATOM   431  O O     . ASP A 1 63  ? -4.415  11.529  11.373  1.00 59.10  ? 109 ASP A O     1 
ATOM   432  C CB    . ASP A 1 63  ? -4.828  12.264  14.044  1.00 58.10  ? 109 ASP A CB    1 
ATOM   433  C CG    . ASP A 1 63  ? -4.554  13.726  13.787  1.00 70.21  ? 109 ASP A CG    1 
ATOM   434  O OD1   . ASP A 1 63  ? -3.991  14.393  14.684  1.00 71.25  ? 109 ASP A OD1   1 
ATOM   435  O OD2   . ASP A 1 63  ? -4.912  14.208  12.687  1.00 66.32  ? 109 ASP A OD2   1 
ATOM   436  N N     . TRP A 1 64  ? -6.581  11.821  10.846  1.00 59.96  ? 110 TRP A N     1 
ATOM   437  C CA    . TRP A 1 64  ? -6.380  11.773  9.404   1.00 58.31  ? 110 TRP A CA    1 
ATOM   438  C C     . TRP A 1 64  ? -5.371  12.810  8.904   1.00 62.68  ? 110 TRP A C     1 
ATOM   439  O O     . TRP A 1 64  ? -4.854  12.703  7.786   1.00 63.75  ? 110 TRP A O     1 
ATOM   440  C CB    . TRP A 1 64  ? -7.722  11.964  8.693   1.00 56.74  ? 110 TRP A CB    1 
ATOM   441  C CG    . TRP A 1 64  ? -7.644  11.904  7.207   1.00 61.16  ? 110 TRP A CG    1 
ATOM   442  C CD1   . TRP A 1 64  ? -7.712  12.954  6.337   1.00 60.22  ? 110 TRP A CD1   1 
ATOM   443  C CD2   . TRP A 1 64  ? -7.480  10.729  6.409   1.00 62.53  ? 110 TRP A CD2   1 
ATOM   444  N NE1   . TRP A 1 64  ? -7.603  12.502  5.043   1.00 62.08  ? 110 TRP A NE1   1 
ATOM   445  C CE2   . TRP A 1 64  ? -7.458  11.140  5.060   1.00 61.36  ? 110 TRP A CE2   1 
ATOM   446  C CE3   . TRP A 1 64  ? -7.350  9.368   6.701   1.00 58.42  ? 110 TRP A CE3   1 
ATOM   447  C CZ2   . TRP A 1 64  ? -7.311  10.240  4.007   1.00 59.63  ? 110 TRP A CZ2   1 
ATOM   448  C CZ3   . TRP A 1 64  ? -7.207  8.476   5.653   1.00 57.90  ? 110 TRP A CZ3   1 
ATOM   449  C CH2   . TRP A 1 64  ? -7.188  8.916   4.323   1.00 56.14  ? 110 TRP A CH2   1 
ATOM   450  N N     . GLU A 1 65  ? -5.094  13.818  9.722   1.00 63.02  ? 111 GLU A N     1 
ATOM   451  C CA    . GLU A 1 65  ? -4.165  14.869  9.325   1.00 63.81  ? 111 GLU A CA    1 
ATOM   452  C C     . GLU A 1 65  ? -2.748  14.309  9.276   1.00 63.25  ? 111 GLU A C     1 
ATOM   453  O O     . GLU A 1 65  ? -1.904  14.784  8.512   1.00 59.55  ? 111 GLU A O     1 
ATOM   454  C CB    . GLU A 1 65  ? -4.227  16.049  10.306  1.00 68.21  ? 111 GLU A CB    1 
ATOM   455  C CG    . GLU A 1 65  ? -5.605  16.704  10.445  1.00 79.89  ? 111 GLU A CG    1 
ATOM   456  C CD    . GLU A 1 65  ? -6.087  17.359  9.159   1.00 88.99  ? 111 GLU A CD    1 
ATOM   457  O OE1   . GLU A 1 65  ? -5.276  17.504  8.212   1.00 89.05  ? 111 GLU A OE1   1 
ATOM   458  O OE2   . GLU A 1 65  ? -7.282  17.727  9.099   1.00 89.70  ? 111 GLU A OE2   1 
ATOM   459  N N     . LYS A 1 66  ? -2.500  13.286  10.090  1.00 57.48  ? 112 LYS A N     1 
ATOM   460  C CA    . LYS A 1 66  ? -1.149  12.773  10.286  1.00 56.25  ? 112 LYS A CA    1 
ATOM   461  C C     . LYS A 1 66  ? -0.872  11.488  9.505   1.00 52.60  ? 112 LYS A C     1 
ATOM   462  O O     . LYS A 1 66  ? 0.008   10.703  9.874   1.00 51.93  ? 112 LYS A O     1 
ATOM   463  C CB    . LYS A 1 66  ? -0.880  12.571  11.777  1.00 56.49  ? 112 LYS A CB    1 
ATOM   464  C CG    . LYS A 1 66  ? -0.486  13.858  12.478  1.00 59.26  ? 112 LYS A CG    1 
ATOM   465  C CD    . LYS A 1 66  ? -1.082  13.961  13.874  1.00 66.38  ? 112 LYS A CD    1 
ATOM   466  C CE    . LYS A 1 66  ? -0.908  15.373  14.437  1.00 77.74  ? 112 LYS A CE    1 
ATOM   467  N NZ    . LYS A 1 66  ? -1.470  16.427  13.525  1.00 75.96  ? 112 LYS A NZ    1 
ATOM   468  N N     . ARG A 1 67  ? -1.608  11.295  8.418   1.00 43.00  ? 113 ARG A N     1 
ATOM   469  C CA    . ARG A 1 67  ? -1.483  10.088  7.624   1.00 48.63  ? 113 ARG A CA    1 
ATOM   470  C C     . ARG A 1 67  ? -0.176  10.019  6.839   1.00 50.30  ? 113 ARG A C     1 
ATOM   471  O O     . ARG A 1 67  ? 0.392   11.045  6.458   1.00 49.66  ? 113 ARG A O     1 
ATOM   472  C CB    . ARG A 1 67  ? -2.660  9.973   6.664   1.00 50.78  ? 113 ARG A CB    1 
ATOM   473  C CG    . ARG A 1 67  ? -2.722  11.087  5.643   1.00 47.87  ? 113 ARG A CG    1 
ATOM   474  C CD    . ARG A 1 67  ? -3.933  10.924  4.760   1.00 56.30  ? 113 ARG A CD    1 
ATOM   475  N NE    . ARG A 1 67  ? -3.966  11.883  3.658   1.00 64.94  ? 113 ARG A NE    1 
ATOM   476  C CZ    . ARG A 1 67  ? -4.419  13.133  3.766   1.00 71.90  ? 113 ARG A CZ    1 
ATOM   477  N NH1   . ARG A 1 67  ? -4.860  13.591  4.936   1.00 64.07  ? 113 ARG A NH1   1 
ATOM   478  N NH2   . ARG A 1 67  ? -4.423  13.931  2.707   1.00 70.67  ? 113 ARG A NH2   1 
ATOM   479  N N     . GLN A 1 68  ? 0.289   8.795   6.600   1.00 48.76  ? 114 GLN A N     1 
ATOM   480  C CA    . GLN A 1 68  ? 1.453   8.549   5.751   1.00 47.34  ? 114 GLN A CA    1 
ATOM   481  C C     . GLN A 1 68  ? 1.068   7.512   4.702   1.00 46.32  ? 114 GLN A C     1 
ATOM   482  O O     . GLN A 1 68  ? 0.285   6.593   4.983   1.00 37.84  ? 114 GLN A O     1 
ATOM   483  C CB    . GLN A 1 68  ? 2.640   8.048   6.578   1.00 48.14  ? 114 GLN A CB    1 
ATOM   484  C CG    . GLN A 1 68  ? 3.123   9.018   7.651   1.00 52.25  ? 114 GLN A CG    1 
ATOM   485  C CD    . GLN A 1 68  ? 3.809   10.247  7.080   1.00 56.74  ? 114 GLN A CD    1 
ATOM   486  O OE1   . GLN A 1 68  ? 4.078   10.331  5.873   1.00 53.00  ? 114 GLN A OE1   1 
ATOM   487  N NE2   . GLN A 1 68  ? 4.104   11.208  7.949   1.00 56.10  ? 114 GLN A NE2   1 
ATOM   488  N N     . LEU A 1 69  ? 1.607   7.661   3.496   1.00 44.10  ? 115 LEU A N     1 
ATOM   489  C CA    . LEU A 1 69  ? 1.222   6.793   2.387   1.00 43.27  ? 115 LEU A CA    1 
ATOM   490  C C     . LEU A 1 69  ? 2.376   5.913   1.908   1.00 44.22  ? 115 LEU A C     1 
ATOM   491  O O     . LEU A 1 69  ? 3.551   6.267   2.058   1.00 33.95  ? 115 LEU A O     1 
ATOM   492  C CB    . LEU A 1 69  ? 0.688   7.619   1.214   1.00 45.36  ? 115 LEU A CB    1 
ATOM   493  C CG    . LEU A 1 69  ? -0.440  8.619   1.494   1.00 49.43  ? 115 LEU A CG    1 
ATOM   494  C CD1   . LEU A 1 69  ? -0.943  9.203   0.188   1.00 56.04  ? 115 LEU A CD1   1 
ATOM   495  C CD2   . LEU A 1 69  ? -1.572  7.959   2.234   1.00 43.84  ? 115 LEU A CD2   1 
ATOM   496  N N     . PHE A 1 70  ? 2.019   4.762   1.339   1.00 40.13  ? 116 PHE A N     1 
ATOM   497  C CA    . PHE A 1 70  ? 2.986   3.831   0.773   1.00 33.52  ? 116 PHE A CA    1 
ATOM   498  C C     . PHE A 1 70  ? 2.333   3.129   -0.414  1.00 27.77  ? 116 PHE A C     1 
ATOM   499  O O     . PHE A 1 70  ? 1.260   2.551   -0.282  1.00 36.46  ? 116 PHE A O     1 
ATOM   500  C CB    . PHE A 1 70  ? 3.416   2.804   1.825   1.00 31.34  ? 116 PHE A CB    1 
ATOM   501  C CG    . PHE A 1 70  ? 4.690   2.072   1.483   1.00 36.30  ? 116 PHE A CG    1 
ATOM   502  C CD1   . PHE A 1 70  ? 5.903   2.465   2.033   1.00 32.92  ? 116 PHE A CD1   1 
ATOM   503  C CD2   . PHE A 1 70  ? 4.672   0.984   0.621   1.00 30.14  ? 116 PHE A CD2   1 
ATOM   504  C CE1   . PHE A 1 70  ? 7.073   1.790   1.738   1.00 30.94  ? 116 PHE A CE1   1 
ATOM   505  C CE2   . PHE A 1 70  ? 5.840   0.299   0.321   1.00 33.78  ? 116 PHE A CE2   1 
ATOM   506  C CZ    . PHE A 1 70  ? 7.046   0.712   0.879   1.00 38.38  ? 116 PHE A CZ    1 
ATOM   507  N N     . ALA A 1 71  ? 2.976   3.193   -1.570  1.00 27.85  ? 117 ALA A N     1 
ATOM   508  C CA    . ALA A 1 71  ? 2.394   2.687   -2.804  1.00 28.19  ? 117 ALA A CA    1 
ATOM   509  C C     . ALA A 1 71  ? 3.015   1.359   -3.209  1.00 32.20  ? 117 ALA A C     1 
ATOM   510  O O     . ALA A 1 71  ? 4.166   1.314   -3.630  1.00 31.30  ? 117 ALA A O     1 
ATOM   511  C CB    . ALA A 1 71  ? 2.592   3.699   -3.916  1.00 31.84  ? 117 ALA A CB    1 
ATOM   512  N N     . LEU A 1 72  ? 2.249   0.281   -3.093  1.00 32.25  ? 118 LEU A N     1 
ATOM   513  C CA    . LEU A 1 72  ? 2.728   -1.039  -3.495  1.00 29.17  ? 118 LEU A CA    1 
ATOM   514  C C     . LEU A 1 72  ? 2.753   -1.201  -5.010  1.00 34.38  ? 118 LEU A C     1 
ATOM   515  O O     . LEU A 1 72  ? 1.725   -1.071  -5.670  1.00 32.76  ? 118 LEU A O     1 
ATOM   516  C CB    . LEU A 1 72  ? 1.836   -2.124  -2.895  1.00 32.70  ? 118 LEU A CB    1 
ATOM   517  C CG    . LEU A 1 72  ? 1.804   -2.190  -1.377  1.00 28.26  ? 118 LEU A CG    1 
ATOM   518  C CD1   . LEU A 1 72  ? 0.798   -3.210  -0.943  1.00 29.61  ? 118 LEU A CD1   1 
ATOM   519  C CD2   . LEU A 1 72  ? 3.188   -2.524  -0.853  1.00 33.91  ? 118 LEU A CD2   1 
ATOM   520  N N     . SER A 1 73  ? 3.924   -1.501  -5.563  1.00 35.00  ? 119 SER A N     1 
ATOM   521  C CA    . SER A 1 73  ? 4.028   -1.843  -6.977  1.00 30.73  ? 119 SER A CA    1 
ATOM   522  C C     . SER A 1 73  ? 3.420   -3.218  -7.238  1.00 36.73  ? 119 SER A C     1 
ATOM   523  O O     . SER A 1 73  ? 3.099   -3.954  -6.295  1.00 31.95  ? 119 SER A O     1 
ATOM   524  C CB    . SER A 1 73  ? 5.489   -1.824  -7.435  1.00 33.91  ? 119 SER A CB    1 
ATOM   525  O OG    . SER A 1 73  ? 6.325   -2.570  -6.559  1.00 42.35  ? 119 SER A OG    1 
ATOM   526  N N     . ALA A 1 74  ? 3.268   -3.560  -8.516  1.00 30.74  ? 120 ALA A N     1 
ATOM   527  C CA    . ALA A 1 74  ? 2.685   -4.837  -8.903  1.00 34.65  ? 120 ALA A CA    1 
ATOM   528  C C     . ALA A 1 74  ? 3.513   -5.936  -8.283  1.00 34.83  ? 120 ALA A C     1 
ATOM   529  O O     . ALA A 1 74  ? 2.986   -6.894  -7.718  1.00 30.67  ? 120 ALA A O     1 
ATOM   530  C CB    . ALA A 1 74  ? 2.673   -4.985  -10.416 1.00 34.01  ? 120 ALA A CB    1 
ATOM   531  N N     . THR A 1 75  ? 4.824   -5.781  -8.387  1.00 31.47  ? 121 THR A N     1 
ATOM   532  C CA    . THR A 1 75  ? 5.745   -6.774  -7.862  1.00 35.02  ? 121 THR A CA    1 
ATOM   533  C C     . THR A 1 75  ? 5.654   -6.891  -6.336  1.00 31.72  ? 121 THR A C     1 
ATOM   534  O O     . THR A 1 75  ? 5.600   -7.986  -5.803  1.00 35.72  ? 121 THR A O     1 
ATOM   535  C CB    . THR A 1 75  ? 7.171   -6.487  -8.335  1.00 33.31  ? 121 THR A CB    1 
ATOM   536  O OG1   . THR A 1 75  ? 7.194   -6.534  -9.772  1.00 29.50  ? 121 THR A OG1   1 
ATOM   537  C CG2   . THR A 1 75  ? 8.111   -7.520  -7.786  1.00 34.21  ? 121 THR A CG2   1 
ATOM   538  N N     . GLU A 1 76  ? 5.592   -5.767  -5.633  1.00 33.87  ? 122 GLU A N     1 
ATOM   539  C CA    . GLU A 1 76  ? 5.396   -5.815  -4.186  1.00 32.15  ? 122 GLU A CA    1 
ATOM   540  C C     . GLU A 1 76  ? 4.046   -6.422  -3.825  1.00 33.09  ? 122 GLU A C     1 
ATOM   541  O O     . GLU A 1 76  ? 3.937   -7.115  -2.820  1.00 33.48  ? 122 GLU A O     1 
ATOM   542  C CB    . GLU A 1 76  ? 5.596   -4.427  -3.568  1.00 33.03  ? 122 GLU A CB    1 
ATOM   543  C CG    . GLU A 1 76  ? 6.995   -3.904  -3.868  1.00 41.16  ? 122 GLU A CG    1 
ATOM   544  C CD    . GLU A 1 76  ? 7.232   -2.467  -3.470  1.00 44.93  ? 122 GLU A CD    1 
ATOM   545  O OE1   . GLU A 1 76  ? 8.336   -2.182  -2.940  1.00 52.33  ? 122 GLU A OE1   1 
ATOM   546  O OE2   . GLU A 1 76  ? 6.336   -1.626  -3.716  1.00 46.39  ? 122 GLU A OE2   1 
ATOM   547  N N     . VAL A 1 77  ? 3.024   -6.192  -4.648  1.00 29.34  ? 123 VAL A N     1 
ATOM   548  C CA    . VAL A 1 77  ? 1.748   -6.862  -4.420  1.00 32.75  ? 123 VAL A CA    1 
ATOM   549  C C     . VAL A 1 77  ? 1.907   -8.379  -4.590  1.00 31.63  ? 123 VAL A C     1 
ATOM   550  O O     . VAL A 1 77  ? 1.412   -9.159  -3.780  1.00 34.52  ? 123 VAL A O     1 
ATOM   551  C CB    . VAL A 1 77  ? 0.608   -6.317  -5.321  1.00 32.79  ? 123 VAL A CB    1 
ATOM   552  C CG1   . VAL A 1 77  ? -0.637  -7.173  -5.180  1.00 30.81  ? 123 VAL A CG1   1 
ATOM   553  C CG2   . VAL A 1 77  ? 0.281   -4.868  -4.961  1.00 34.88  ? 123 VAL A CG2   1 
ATOM   554  N N     . GLY A 1 78  ? 2.623   -8.797  -5.624  1.00 32.86  ? 124 GLY A N     1 
ATOM   555  C CA    . GLY A 1 78  ? 2.847   -10.212 -5.844  1.00 35.97  ? 124 GLY A CA    1 
ATOM   556  C C     . GLY A 1 78  ? 3.553   -10.873 -4.669  1.00 37.88  ? 124 GLY A C     1 
ATOM   557  O O     . GLY A 1 78  ? 3.366   -12.062 -4.407  1.00 39.22  ? 124 GLY A O     1 
ATOM   558  N N     . SER A 1 79  ? 4.362   -10.099 -3.953  1.00 36.24  ? 125 SER A N     1 
ATOM   559  C CA    . SER A 1 79  ? 5.117   -10.609 -2.803  1.00 36.21  ? 125 SER A CA    1 
ATOM   560  C C     . SER A 1 79  ? 4.225   -10.775 -1.582  1.00 37.97  ? 125 SER A C     1 
ATOM   561  O O     . SER A 1 79  ? 4.412   -11.659 -0.760  1.00 37.61  ? 125 SER A O     1 
ATOM   562  C CB    . SER A 1 79  ? 6.245   -9.643  -2.464  1.00 36.25  ? 125 SER A CB    1 
ATOM   563  O OG    . SER A 1 79  ? 6.849   -9.999  -1.242  1.00 44.80  ? 125 SER A OG    1 
ATOM   564  N N     . LEU A 1 80  ? 3.241   -9.903  -1.472  1.00 35.58  ? 126 LEU A N     1 
ATOM   565  C CA    . LEU A 1 80  ? 2.309   -9.956  -0.367  1.00 37.82  ? 126 LEU A CA    1 
ATOM   566  C C     . LEU A 1 80  ? 1.354   -11.144 -0.505  1.00 38.52  ? 126 LEU A C     1 
ATOM   567  O O     . LEU A 1 80  ? 1.069   -11.832 0.471   1.00 42.24  ? 126 LEU A O     1 
ATOM   568  C CB    . LEU A 1 80  ? 1.545   -8.637  -0.294  1.00 34.99  ? 126 LEU A CB    1 
ATOM   569  C CG    . LEU A 1 80  ? 0.740   -8.350  0.966   1.00 42.08  ? 126 LEU A CG    1 
ATOM   570  C CD1   . LEU A 1 80  ? 0.754   -6.870  1.235   1.00 40.99  ? 126 LEU A CD1   1 
ATOM   571  C CD2   . LEU A 1 80  ? -0.689  -8.862  0.807   1.00 41.10  ? 126 LEU A CD2   1 
ATOM   572  N N     . ILE A 1 81  ? 0.873   -11.399 -1.717  1.00 39.70  ? 127 ILE A N     1 
ATOM   573  C CA    . ILE A 1 81  ? -0.138  -12.435 -1.910  1.00 39.73  ? 127 ILE A CA    1 
ATOM   574  C C     . ILE A 1 81  ? 0.481   -13.818 -1.904  1.00 41.36  ? 127 ILE A C     1 
ATOM   575  O O     . ILE A 1 81  ? -0.231  -14.817 -1.833  1.00 45.68  ? 127 ILE A O     1 
ATOM   576  C CB    . ILE A 1 81  ? -0.927  -12.265 -3.232  1.00 35.55  ? 127 ILE A CB    1 
ATOM   577  C CG1   . ILE A 1 81  ? -0.025  -12.477 -4.445  1.00 32.10  ? 127 ILE A CG1   1 
ATOM   578  C CG2   . ILE A 1 81  ? -1.591  -10.910 -3.309  1.00 36.46  ? 127 ILE A CG2   1 
ATOM   579  C CD1   . ILE A 1 81  ? -0.669  -12.047 -5.740  1.00 42.08  ? 127 ILE A CD1   1 
ATOM   580  N N     . SER A 1 82  ? 1.803   -13.877 -1.991  1.00 39.40  ? 128 SER A N     1 
ATOM   581  C CA    . SER A 1 82  ? 2.478   -15.155 -2.108  1.00 38.67  ? 128 SER A CA    1 
ATOM   582  C C     . SER A 1 82  ? 3.194   -15.502 -0.809  1.00 49.95  ? 128 SER A C     1 
ATOM   583  O O     . SER A 1 82  ? 3.973   -16.452 -0.761  1.00 50.78  ? 128 SER A O     1 
ATOM   584  C CB    . SER A 1 82  ? 3.458   -15.126 -3.283  1.00 39.98  ? 128 SER A CB    1 
ATOM   585  O OG    . SER A 1 82  ? 4.568   -14.277 -3.015  1.00 51.00  ? 128 SER A OG    1 
ATOM   586  N N     . MET A 1 83  ? 2.916   -14.720 0.235   1.00 51.43  ? 129 MET A N     1 
ATOM   587  C CA    . MET A 1 83  ? 3.501   -14.909 1.560   1.00 43.19  ? 129 MET A CA    1 
ATOM   588  C C     . MET A 1 83  ? 2.879   -16.077 2.283   1.00 46.90  ? 129 MET A C     1 
ATOM   589  O O     . MET A 1 83  ? 1.656   -16.227 2.299   1.00 51.88  ? 129 MET A O     1 
ATOM   590  C CB    . MET A 1 83  ? 3.234   -13.693 2.439   1.00 42.66  ? 129 MET A CB    1 
ATOM   591  C CG    . MET A 1 83  ? 4.081   -12.483 2.168   1.00 44.38  ? 129 MET A CG    1 
ATOM   592  S SD    . MET A 1 83  ? 3.734   -11.197 3.386   1.00 42.80  ? 129 MET A SD    1 
ATOM   593  C CE    . MET A 1 83  ? 4.665   -11.756 4.809   1.00 48.70  ? 129 MET A CE    1 
ATOM   594  N N     . GLY A 1 84  ? 3.716   -16.873 2.940   1.00 52.84  ? 130 GLY A N     1 
ATOM   595  C CA    . GLY A 1 84  ? 3.220   -17.906 3.826   1.00 47.85  ? 130 GLY A CA    1 
ATOM   596  C C     . GLY A 1 84  ? 2.834   -17.364 5.191   1.00 47.03  ? 130 GLY A C     1 
ATOM   597  O O     . GLY A 1 84  ? 3.145   -16.224 5.539   1.00 43.22  ? 130 GLY A O     1 
ATOM   598  N N     . THR A 1 85  ? 2.157   -18.197 5.972   1.00 51.89  ? 131 THR A N     1 
ATOM   599  C CA    . THR A 1 85  ? 1.778   -17.848 7.332   1.00 45.81  ? 131 THR A CA    1 
ATOM   600  C C     . THR A 1 85  ? 2.974   -17.340 8.126   1.00 53.27  ? 131 THR A C     1 
ATOM   601  O O     . THR A 1 85  ? 2.835   -16.441 8.964   1.00 51.98  ? 131 THR A O     1 
ATOM   602  C CB    . THR A 1 85  ? 1.224   -19.070 8.080   1.00 49.37  ? 131 THR A CB    1 
ATOM   603  O OG1   . THR A 1 85  ? 0.202   -19.693 7.297   1.00 61.61  ? 131 THR A OG1   1 
ATOM   604  C CG2   . THR A 1 85  ? 0.641   -18.654 9.429   1.00 55.03  ? 131 THR A CG2   1 
ATOM   605  N N     . ARG A 1 86  ? 4.140   -17.924 7.856   1.00 48.13  ? 132 ARG A N     1 
ATOM   606  C CA    . ARG A 1 86  ? 5.322   -17.716 8.680   1.00 50.61  ? 132 ARG A CA    1 
ATOM   607  C C     . ARG A 1 86  ? 6.303   -16.723 8.068   1.00 54.10  ? 132 ARG A C     1 
ATOM   608  O O     . ARG A 1 86  ? 7.333   -16.404 8.667   1.00 55.69  ? 132 ARG A O     1 
ATOM   609  C CB    . ARG A 1 86  ? 6.031   -19.054 8.890   1.00 58.39  ? 132 ARG A CB    1 
ATOM   610  C CG    . ARG A 1 86  ? 5.220   -20.082 9.661   1.00 62.76  ? 132 ARG A CG    1 
ATOM   611  C CD    . ARG A 1 86  ? 5.401   -19.908 11.166  1.00 70.87  ? 132 ARG A CD    1 
ATOM   612  N NE    . ARG A 1 86  ? 4.958   -18.599 11.643  1.00 70.87  ? 132 ARG A NE    1 
ATOM   613  C CZ    . ARG A 1 86  ? 3.758   -18.361 12.168  1.00 76.83  ? 132 ARG A CZ    1 
ATOM   614  N NH1   . ARG A 1 86  ? 2.875   -19.348 12.285  1.00 72.74  ? 132 ARG A NH1   1 
ATOM   615  N NH2   . ARG A 1 86  ? 3.440   -17.136 12.578  1.00 74.87  ? 132 ARG A NH2   1 
ATOM   616  N N     . ASP A 1 87  ? 5.991   -16.251 6.866   1.00 55.39  ? 133 ASP A N     1 
ATOM   617  C CA    . ASP A 1 87  ? 6.904   -15.390 6.120   1.00 51.68  ? 133 ASP A CA    1 
ATOM   618  C C     . ASP A 1 87  ? 6.767   -13.933 6.536   1.00 47.83  ? 133 ASP A C     1 
ATOM   619  O O     . ASP A 1 87  ? 5.762   -13.536 7.128   1.00 43.56  ? 133 ASP A O     1 
ATOM   620  C CB    . ASP A 1 87  ? 6.671   -15.533 4.611   1.00 47.94  ? 133 ASP A CB    1 
ATOM   621  C CG    . ASP A 1 87  ? 7.159   -16.869 4.071   1.00 56.39  ? 133 ASP A CG    1 
ATOM   622  O OD1   . ASP A 1 87  ? 8.123   -17.421 4.645   1.00 60.86  ? 133 ASP A OD1   1 
ATOM   623  O OD2   . ASP A 1 87  ? 6.585   -17.368 3.076   1.00 56.96  ? 133 ASP A OD2   1 
ATOM   624  N N     . SER A 1 88  ? 7.800   -13.148 6.241   1.00 44.43  ? 134 SER A N     1 
ATOM   625  C CA    . SER A 1 88  ? 7.766   -11.712 6.474   1.00 49.73  ? 134 SER A CA    1 
ATOM   626  C C     . SER A 1 88  ? 8.471   -10.984 5.338   1.00 53.41  ? 134 SER A C     1 
ATOM   627  O O     . SER A 1 88  ? 9.418   -11.511 4.752   1.00 56.32  ? 134 SER A O     1 
ATOM   628  C CB    . SER A 1 88  ? 8.418   -11.365 7.813   1.00 42.64  ? 134 SER A CB    1 
ATOM   629  O OG    . SER A 1 88  ? 9.742   -11.839 7.866   1.00 48.35  ? 134 SER A OG    1 
ATOM   630  N N     . SER A 1 89  ? 8.010   -9.777  5.024   1.00 46.77  ? 135 SER A N     1 
ATOM   631  C CA    . SER A 1 89  ? 8.660   -8.972  3.993   1.00 48.62  ? 135 SER A CA    1 
ATOM   632  C C     . SER A 1 89  ? 8.881   -7.515  4.419   1.00 46.99  ? 135 SER A C     1 
ATOM   633  O O     . SER A 1 89  ? 8.192   -7.005  5.298   1.00 47.58  ? 135 SER A O     1 
ATOM   634  C CB    . SER A 1 89  ? 7.886   -9.051  2.671   1.00 51.38  ? 135 SER A CB    1 
ATOM   635  O OG    . SER A 1 89  ? 6.487   -8.924  2.873   1.00 52.74  ? 135 SER A OG    1 
ATOM   636  N N     . GLU A 1 90  ? 9.859   -6.856  3.805   1.00 41.76  ? 136 GLU A N     1 
ATOM   637  C CA    . GLU A 1 90  ? 10.078  -5.445  4.062   1.00 41.60  ? 136 GLU A CA    1 
ATOM   638  C C     . GLU A 1 90  ? 10.440  -4.709  2.777   1.00 37.64  ? 136 GLU A C     1 
ATOM   639  O O     . GLU A 1 90  ? 11.340  -5.120  2.054   1.00 46.24  ? 136 GLU A O     1 
ATOM   640  C CB    . GLU A 1 90  ? 11.153  -5.240  5.139   1.00 44.99  ? 136 GLU A CB    1 
ATOM   641  C CG    . GLU A 1 90  ? 11.124  -3.835  5.777   1.00 50.67  ? 136 GLU A CG    1 
ATOM   642  C CD    . GLU A 1 90  ? 11.859  -3.752  7.115   1.00 57.73  ? 136 GLU A CD    1 
ATOM   643  O OE1   . GLU A 1 90  ? 11.723  -2.711  7.806   1.00 59.56  ? 136 GLU A OE1   1 
ATOM   644  O OE2   . GLU A 1 90  ? 12.567  -4.721  7.477   1.00 63.76  ? 136 GLU A OE2   1 
ATOM   645  N N     . PHE A 1 91  ? 9.726   -3.624  2.504   1.00 36.86  ? 137 PHE A N     1 
ATOM   646  C CA    . PHE A 1 91  ? 9.937   -2.811  1.307   1.00 36.96  ? 137 PHE A CA    1 
ATOM   647  C C     . PHE A 1 91  ? 10.426  -1.428  1.714   1.00 33.35  ? 137 PHE A C     1 
ATOM   648  O O     . PHE A 1 91  ? 10.033  -0.911  2.755   1.00 33.84  ? 137 PHE A O     1 
ATOM   649  C CB    . PHE A 1 91  ? 8.635   -2.692  0.514   1.00 37.60  ? 137 PHE A CB    1 
ATOM   650  C CG    . PHE A 1 91  ? 7.921   -4.005  0.313   1.00 39.96  ? 137 PHE A CG    1 
ATOM   651  C CD1   . PHE A 1 91  ? 8.559   -5.072  -0.307  1.00 41.93  ? 137 PHE A CD1   1 
ATOM   652  C CD2   . PHE A 1 91  ? 6.614   -4.171  0.733   1.00 41.36  ? 137 PHE A CD2   1 
ATOM   653  C CE1   . PHE A 1 91  ? 7.903   -6.286  -0.496  1.00 45.68  ? 137 PHE A CE1   1 
ATOM   654  C CE2   . PHE A 1 91  ? 5.954   -5.386  0.543   1.00 41.87  ? 137 PHE A CE2   1 
ATOM   655  C CZ    . PHE A 1 91  ? 6.601   -6.440  -0.071  1.00 44.15  ? 137 PHE A CZ    1 
ATOM   656  N N     . PHE A 1 92  ? 11.288  -0.836  0.896   1.00 35.82  ? 138 PHE A N     1 
ATOM   657  C CA    . PHE A 1 92  ? 11.942  0.428   1.237   1.00 36.40  ? 138 PHE A CA    1 
ATOM   658  C C     . PHE A 1 92  ? 11.753  1.428   0.113   1.00 38.68  ? 138 PHE A C     1 
ATOM   659  O O     . PHE A 1 92  ? 12.252  1.212   -0.984  1.00 42.60  ? 138 PHE A O     1 
ATOM   660  C CB    . PHE A 1 92  ? 13.442  0.200   1.476   1.00 33.96  ? 138 PHE A CB    1 
ATOM   661  C CG    . PHE A 1 92  ? 13.740  -0.717  2.634   1.00 34.57  ? 138 PHE A CG    1 
ATOM   662  C CD1   . PHE A 1 92  ? 14.005  -2.059  2.420   1.00 41.65  ? 138 PHE A CD1   1 
ATOM   663  C CD2   . PHE A 1 92  ? 13.747  -0.236  3.937   1.00 37.58  ? 138 PHE A CD2   1 
ATOM   664  C CE1   . PHE A 1 92  ? 14.279  -2.915  3.494   1.00 40.78  ? 138 PHE A CE1   1 
ATOM   665  C CE2   . PHE A 1 92  ? 14.022  -1.078  5.015   1.00 43.67  ? 138 PHE A CE2   1 
ATOM   666  C CZ    . PHE A 1 92  ? 14.289  -2.421  4.791   1.00 42.34  ? 138 PHE A CZ    1 
ATOM   667  N N     . HIS A 1 93  ? 11.043  2.519   0.377   1.00 34.69  ? 139 HIS A N     1 
ATOM   668  C CA    . HIS A 1 93  ? 10.676  3.458   -0.684  1.00 40.79  ? 139 HIS A CA    1 
ATOM   669  C C     . HIS A 1 93  ? 11.233  4.862   -0.457  1.00 43.91  ? 139 HIS A C     1 
ATOM   670  O O     . HIS A 1 93  ? 11.232  5.362   0.671   1.00 44.90  ? 139 HIS A O     1 
ATOM   671  C CB    . HIS A 1 93  ? 9.154   3.553   -0.809  1.00 34.93  ? 139 HIS A CB    1 
ATOM   672  C CG    . HIS A 1 93  ? 8.531   2.444   -1.598  1.00 39.28  ? 139 HIS A CG    1 
ATOM   673  N ND1   . HIS A 1 93  ? 7.259   2.532   -2.124  1.00 38.85  ? 139 HIS A ND1   1 
ATOM   674  C CD2   . HIS A 1 93  ? 8.994   1.222   -1.946  1.00 42.29  ? 139 HIS A CD2   1 
ATOM   675  C CE1   . HIS A 1 93  ? 6.967   1.416   -2.763  1.00 36.94  ? 139 HIS A CE1   1 
ATOM   676  N NE2   . HIS A 1 93  ? 8.005   0.599   -2.667  1.00 38.54  ? 139 HIS A NE2   1 
ATOM   677  N N     . ASP A 1 94  ? 11.701  5.488   -1.536  1.00 46.79  ? 140 ASP A N     1 
ATOM   678  C CA    . ASP A 1 94  ? 12.046  6.912   -1.534  1.00 47.24  ? 140 ASP A CA    1 
ATOM   679  C C     . ASP A 1 94  ? 11.034  7.660   -2.390  1.00 48.45  ? 140 ASP A C     1 
ATOM   680  O O     . ASP A 1 94  ? 11.079  7.561   -3.624  1.00 46.85  ? 140 ASP A O     1 
ATOM   681  C CB    . ASP A 1 94  ? 13.453  7.143   -2.096  1.00 49.86  ? 140 ASP A CB    1 
ATOM   682  C CG    . ASP A 1 94  ? 13.934  8.589   -1.914  1.00 57.08  ? 140 ASP A CG    1 
ATOM   683  O OD1   . ASP A 1 94  ? 13.116  9.466   -1.535  1.00 47.77  ? 140 ASP A OD1   1 
ATOM   684  O OD2   . ASP A 1 94  ? 15.135  8.841   -2.157  1.00 51.19  ? 140 ASP A OD2   1 
ATOM   685  N N     . PRO A 1 95  ? 10.113  8.406   -1.737  1.00 50.79  ? 141 PRO A N     1 
ATOM   686  C CA    . PRO A 1 95  ? 9.038   9.137   -2.427  1.00 50.85  ? 141 PRO A CA    1 
ATOM   687  C C     . PRO A 1 95  ? 9.575   10.022  -3.556  1.00 54.69  ? 141 PRO A C     1 
ATOM   688  O O     . PRO A 1 95  ? 8.946   10.136  -4.614  1.00 55.28  ? 141 PRO A O     1 
ATOM   689  C CB    . PRO A 1 95  ? 8.454   10.030  -1.321  1.00 45.33  ? 141 PRO A CB    1 
ATOM   690  C CG    . PRO A 1 95  ? 8.780   9.339   -0.042  1.00 42.54  ? 141 PRO A CG    1 
ATOM   691  C CD    . PRO A 1 95  ? 10.118  8.673   -0.282  1.00 46.84  ? 141 PRO A CD    1 
ATOM   692  N N     . SER A 1 96  ? 10.727  10.645  -3.319  1.00 56.37  ? 142 SER A N     1 
ATOM   693  C CA    . SER A 1 96  ? 11.304  11.592  -4.268  1.00 58.46  ? 142 SER A CA    1 
ATOM   694  C C     . SER A 1 96  ? 12.507  10.975  -4.966  1.00 61.35  ? 142 SER A C     1 
ATOM   695  O O     . SER A 1 96  ? 13.516  11.656  -5.194  1.00 56.19  ? 142 SER A O     1 
ATOM   696  C CB    . SER A 1 96  ? 11.724  12.867  -3.538  1.00 53.57  ? 142 SER A CB    1 
ATOM   697  O OG    . SER A 1 96  ? 10.703  13.317  -2.663  1.00 54.01  ? 142 SER A OG    1 
ATOM   698  N N     . MET A 1 97  ? 12.397  9.685   -5.290  1.00 55.18  ? 143 MET A N     1 
ATOM   699  C CA    . MET A 1 97  ? 13.469  8.950   -5.964  1.00 57.51  ? 143 MET A CA    1 
ATOM   700  C C     . MET A 1 97  ? 13.798  9.597   -7.307  1.00 58.94  ? 143 MET A C     1 
ATOM   701  O O     . MET A 1 97  ? 12.890  9.962   -8.054  1.00 58.93  ? 143 MET A O     1 
ATOM   702  C CB    . MET A 1 97  ? 13.061  7.483   -6.187  1.00 55.19  ? 143 MET A CB    1 
ATOM   703  C CG    . MET A 1 97  ? 14.223  6.517   -6.486  1.00 51.42  ? 143 MET A CG    1 
ATOM   704  S SD    . MET A 1 97  ? 13.636  4.880   -7.005  1.00 61.43  ? 143 MET A SD    1 
ATOM   705  C CE    . MET A 1 97  ? 14.904  3.813   -6.293  1.00 47.95  ? 143 MET A CE    1 
ATOM   706  N N     . LEU A 1 98  ? 15.089  9.733   -7.606  1.00 60.53  ? 144 LEU A N     1 
ATOM   707  C CA    . LEU A 1 98  ? 15.538  10.288  -8.889  1.00 63.05  ? 144 LEU A CA    1 
ATOM   708  C C     . LEU A 1 98  ? 15.182  11.773  -9.089  1.00 66.54  ? 144 LEU A C     1 
ATOM   709  O O     . LEU A 1 98  ? 15.606  12.391  -10.073 1.00 67.48  ? 144 LEU A O     1 
ATOM   710  C CB    . LEU A 1 98  ? 15.023  9.443   -10.062 1.00 49.07  ? 144 LEU A CB    1 
ATOM   711  C CG    . LEU A 1 98  ? 15.503  7.994   -10.100 1.00 55.02  ? 144 LEU A CG    1 
ATOM   712  C CD1   . LEU A 1 98  ? 14.862  7.235   -11.242 1.00 59.89  ? 144 LEU A CD1   1 
ATOM   713  C CD2   . LEU A 1 98  ? 17.011  7.915   -10.193 1.00 59.28  ? 144 LEU A CD2   1 
ATOM   714  N N     . SER A 1 99  ? 14.403  12.345  -8.174  1.00 62.63  ? 145 SER A N     1 
ATOM   715  C CA    . SER A 1 99  ? 14.149  13.784  -8.230  1.00 66.80  ? 145 SER A CA    1 
ATOM   716  C C     . SER A 1 99  ? 15.246  14.538  -7.463  1.00 68.77  ? 145 SER A C     1 
ATOM   717  O O     . SER A 1 99  ? 16.214  13.935  -6.988  1.00 68.17  ? 145 SER A O     1 
ATOM   718  C CB    . SER A 1 99  ? 12.748  14.136  -7.711  1.00 59.23  ? 145 SER A CB    1 
ATOM   719  O OG    . SER A 1 99  ? 12.766  14.521  -6.349  1.00 66.34  ? 145 SER A OG    1 
ATOM   720  N N     . SER A 1 100 ? 15.106  15.854  -7.358  1.00 74.50  ? 146 SER A N     1 
ATOM   721  C CA    . SER A 1 100 ? 16.103  16.678  -6.674  1.00 78.98  ? 146 SER A CA    1 
ATOM   722  C C     . SER A 1 100 ? 16.157  16.388  -5.169  1.00 74.70  ? 146 SER A C     1 
ATOM   723  O O     . SER A 1 100 ? 17.219  16.497  -4.545  1.00 74.26  ? 146 SER A O     1 
ATOM   724  C CB    . SER A 1 100 ? 15.825  18.169  -6.928  1.00 80.07  ? 146 SER A CB    1 
ATOM   725  O OG    . SER A 1 100 ? 14.430  18.439  -6.938  1.00 76.97  ? 146 SER A OG    1 
ATOM   726  N N     . ASN A 1 101 ? 15.012  16.005  -4.600  1.00 70.07  ? 147 ASN A N     1 
ATOM   727  C CA    . ASN A 1 101 ? 14.879  15.811  -3.153  1.00 74.22  ? 147 ASN A CA    1 
ATOM   728  C C     . ASN A 1 101 ? 15.093  14.362  -2.664  1.00 69.25  ? 147 ASN A C     1 
ATOM   729  O O     . ASN A 1 101 ? 14.698  14.008  -1.551  1.00 65.90  ? 147 ASN A O     1 
ATOM   730  C CB    . ASN A 1 101 ? 13.518  16.330  -2.662  1.00 73.99  ? 147 ASN A CB    1 
ATOM   731  C CG    . ASN A 1 101 ? 12.869  17.313  -3.634  1.00 78.63  ? 147 ASN A CG    1 
ATOM   732  O OD1   . ASN A 1 101 ? 12.173  16.910  -4.570  1.00 76.99  ? 147 ASN A OD1   1 
ATOM   733  N ND2   . ASN A 1 101 ? 13.077  18.605  -3.402  1.00 77.62  ? 147 ASN A ND2   1 
ATOM   734  N N     . ALA A 1 102 ? 15.716  13.536  -3.499  1.00 63.93  ? 148 ALA A N     1 
ATOM   735  C CA    . ALA A 1 102 ? 16.030  12.152  -3.144  1.00 56.40  ? 148 ALA A CA    1 
ATOM   736  C C     . ALA A 1 102 ? 16.885  12.057  -1.880  1.00 60.54  ? 148 ALA A C     1 
ATOM   737  O O     . ALA A 1 102 ? 17.707  12.935  -1.618  1.00 64.43  ? 148 ALA A O     1 
ATOM   738  C CB    . ALA A 1 102 ? 16.734  11.468  -4.304  1.00 49.50  ? 148 ALA A CB    1 
ATOM   739  N N     . GLY A 1 103 ? 16.702  10.989  -1.105  1.00 61.45  ? 149 GLY A N     1 
ATOM   740  C CA    . GLY A 1 103 ? 17.530  10.747  0.067   1.00 54.72  ? 149 GLY A CA    1 
ATOM   741  C C     . GLY A 1 103 ? 17.006  11.389  1.339   1.00 62.02  ? 149 GLY A C     1 
ATOM   742  O O     . GLY A 1 103 ? 17.394  11.013  2.455   1.00 61.21  ? 149 GLY A O     1 
ATOM   743  N N     . GLN A 1 104 ? 16.114  12.358  1.166   1.00 57.39  ? 150 GLN A N     1 
ATOM   744  C CA    . GLN A 1 104 ? 15.600  13.145  2.281   1.00 59.53  ? 150 GLN A CA    1 
ATOM   745  C C     . GLN A 1 104 ? 14.568  12.386  3.119   1.00 59.88  ? 150 GLN A C     1 
ATOM   746  O O     . GLN A 1 104 ? 14.649  12.357  4.348   1.00 60.92  ? 150 GLN A O     1 
ATOM   747  C CB    . GLN A 1 104 ? 15.030  14.471  1.764   1.00 62.23  ? 150 GLN A CB    1 
ATOM   748  C CG    . GLN A 1 104 ? 16.071  15.324  1.035   1.00 67.86  ? 150 GLN A CG    1 
ATOM   749  C CD    . GLN A 1 104 ? 15.473  16.465  0.211   1.00 79.88  ? 150 GLN A CD    1 
ATOM   750  O OE1   . GLN A 1 104 ? 14.250  16.619  0.124   1.00 73.77  ? 150 GLN A OE1   1 
ATOM   751  N NE2   . GLN A 1 104 ? 16.344  17.269  -0.400  1.00 74.87  ? 150 GLN A NE2   1 
ATOM   752  N N     . VAL A 1 105 ? 13.604  11.769  2.450   1.00 53.11  ? 151 VAL A N     1 
ATOM   753  C CA    . VAL A 1 105 ? 12.570  11.012  3.137   1.00 53.29  ? 151 VAL A CA    1 
ATOM   754  C C     . VAL A 1 105 ? 12.750  9.531   2.825   1.00 51.70  ? 151 VAL A C     1 
ATOM   755  O O     . VAL A 1 105 ? 13.053  9.157   1.685   1.00 50.70  ? 151 VAL A O     1 
ATOM   756  C CB    . VAL A 1 105 ? 11.161  11.487  2.716   1.00 53.34  ? 151 VAL A CB    1 
ATOM   757  C CG1   . VAL A 1 105 ? 10.084  10.603  3.317   1.00 49.95  ? 151 VAL A CG1   1 
ATOM   758  C CG2   . VAL A 1 105 ? 10.948  12.942  3.116   1.00 49.47  ? 151 VAL A CG2   1 
ATOM   759  N N     . ARG A 1 106 ? 12.577  8.691   3.841   1.00 48.15  ? 152 ARG A N     1 
ATOM   760  C CA    . ARG A 1 106 ? 12.795  7.255   3.682   1.00 50.23  ? 152 ARG A CA    1 
ATOM   761  C C     . ARG A 1 106 ? 11.684  6.455   4.354   1.00 46.03  ? 152 ARG A C     1 
ATOM   762  O O     . ARG A 1 106 ? 11.466  6.572   5.563   1.00 44.35  ? 152 ARG A O     1 
ATOM   763  C CB    . ARG A 1 106 ? 14.154  6.855   4.255   1.00 48.27  ? 152 ARG A CB    1 
ATOM   764  C CG    . ARG A 1 106 ? 14.600  5.469   3.839   1.00 61.73  ? 152 ARG A CG    1 
ATOM   765  C CD    . ARG A 1 106 ? 15.919  5.068   4.514   1.00 70.62  ? 152 ARG A CD    1 
ATOM   766  N NE    . ARG A 1 106 ? 15.828  5.006   5.975   1.00 55.24  ? 152 ARG A NE    1 
ATOM   767  C CZ    . ARG A 1 106 ? 16.418  5.876   6.789   1.00 52.28  ? 152 ARG A CZ    1 
ATOM   768  N NH1   . ARG A 1 106 ? 17.143  6.864   6.282   1.00 47.92  ? 152 ARG A NH1   1 
ATOM   769  N NH2   . ARG A 1 106 ? 16.292  5.756   8.106   1.00 48.35  ? 152 ARG A NH2   1 
ATOM   770  N N     . LYS A 1 107 ? 10.978  5.651   3.564   1.00 41.08  ? 153 LYS A N     1 
ATOM   771  C CA    . LYS A 1 107 ? 9.836   4.895   4.060   1.00 38.80  ? 153 LYS A CA    1 
ATOM   772  C C     . LYS A 1 107 ? 10.108  3.404   4.010   1.00 37.64  ? 153 LYS A C     1 
ATOM   773  O O     . LYS A 1 107 ? 10.573  2.885   2.994   1.00 33.77  ? 153 LYS A O     1 
ATOM   774  C CB    . LYS A 1 107 ? 8.597   5.171   3.212   1.00 37.69  ? 153 LYS A CB    1 
ATOM   775  C CG    . LYS A 1 107 ? 8.110   6.593   3.214   1.00 40.25  ? 153 LYS A CG    1 
ATOM   776  C CD    . LYS A 1 107 ? 6.832   6.693   2.406   1.00 42.70  ? 153 LYS A CD    1 
ATOM   777  C CE    . LYS A 1 107 ? 6.369   8.131   2.281   1.00 37.26  ? 153 LYS A CE    1 
ATOM   778  N NZ    . LYS A 1 107 ? 5.197   8.215   1.376   1.00 40.58  ? 153 LYS A NZ    1 
ATOM   779  N N     . SER A 1 108 ? 9.781   2.706   5.090   1.00 35.59  ? 154 SER A N     1 
ATOM   780  C CA    . SER A 1 108 ? 9.909   1.256   5.092   1.00 38.71  ? 154 SER A CA    1 
ATOM   781  C C     . SER A 1 108 ? 8.627   0.599   5.563   1.00 36.45  ? 154 SER A C     1 
ATOM   782  O O     . SER A 1 108 ? 8.072   0.951   6.608   1.00 35.80  ? 154 SER A O     1 
ATOM   783  C CB    . SER A 1 108 ? 11.087  0.805   5.953   1.00 39.64  ? 154 SER A CB    1 
ATOM   784  O OG    . SER A 1 108 ? 10.731  0.821   7.319   1.00 49.95  ? 154 SER A OG    1 
ATOM   785  N N     . LEU A 1 109 ? 8.153   -0.358  4.776   1.00 35.58  ? 155 LEU A N     1 
ATOM   786  C CA    . LEU A 1 109 ? 6.930   -1.065  5.112   1.00 37.55  ? 155 LEU A CA    1 
ATOM   787  C C     . LEU A 1 109 ? 7.245   -2.513  5.444   1.00 36.33  ? 155 LEU A C     1 
ATOM   788  O O     . LEU A 1 109 ? 7.790   -3.243  4.626   1.00 31.31  ? 155 LEU A O     1 
ATOM   789  C CB    . LEU A 1 109 ? 5.947   -1.017  3.950   1.00 35.12  ? 155 LEU A CB    1 
ATOM   790  C CG    . LEU A 1 109 ? 4.692   -1.845  4.213   1.00 33.63  ? 155 LEU A CG    1 
ATOM   791  C CD1   . LEU A 1 109 ? 3.724   -1.055  5.077   1.00 28.91  ? 155 LEU A CD1   1 
ATOM   792  C CD2   . LEU A 1 109 ? 4.071   -2.237  2.908   1.00 30.54  ? 155 LEU A CD2   1 
ATOM   793  N N     . SER A 1 110 ? 6.902   -2.935  6.649   1.00 35.42  ? 156 SER A N     1 
ATOM   794  C CA    . SER A 1 110 ? 7.213   -4.297  7.033   1.00 41.45  ? 156 SER A CA    1 
ATOM   795  C C     . SER A 1 110 ? 5.956   -5.087  7.356   1.00 38.10  ? 156 SER A C     1 
ATOM   796  O O     . SER A 1 110 ? 5.009   -4.574  7.937   1.00 38.79  ? 156 SER A O     1 
ATOM   797  C CB    . SER A 1 110 ? 8.184   -4.321  8.211   1.00 38.47  ? 156 SER A CB    1 
ATOM   798  O OG    . SER A 1 110 ? 7.588   -3.750  9.356   1.00 43.94  ? 156 SER A OG    1 
ATOM   799  N N     . ILE A 1 111 ? 5.967   -6.343  6.944   1.00 41.11  ? 157 ILE A N     1 
ATOM   800  C CA    . ILE A 1 111 ? 4.915   -7.285  7.260   1.00 43.24  ? 157 ILE A CA    1 
ATOM   801  C C     . ILE A 1 111 ? 5.588   -8.436  7.981   1.00 45.62  ? 157 ILE A C     1 
ATOM   802  O O     . ILE A 1 111 ? 6.366   -9.175  7.375   1.00 43.47  ? 157 ILE A O     1 
ATOM   803  C CB    . ILE A 1 111 ? 4.243   -7.786  5.980   1.00 40.44  ? 157 ILE A CB    1 
ATOM   804  C CG1   . ILE A 1 111 ? 3.810   -6.585  5.135   1.00 41.79  ? 157 ILE A CG1   1 
ATOM   805  C CG2   . ILE A 1 111 ? 3.051   -8.676  6.301   1.00 39.61  ? 157 ILE A CG2   1 
ATOM   806  C CD1   . ILE A 1 111 ? 2.957   -6.946  3.943   1.00 39.40  ? 157 ILE A CD1   1 
ATOM   807  N N     . LYS A 1 112 ? 5.339   -8.546  9.285   1.00 38.67  ? 158 LYS A N     1 
ATOM   808  C CA    . LYS A 1 112 ? 5.904   -9.628  10.090  1.00 48.55  ? 158 LYS A CA    1 
ATOM   809  C C     . LYS A 1 112 ? 4.785   -10.436 10.723  1.00 42.64  ? 158 LYS A C     1 
ATOM   810  O O     . LYS A 1 112 ? 3.799   -9.869  11.198  1.00 37.93  ? 158 LYS A O     1 
ATOM   811  C CB    . LYS A 1 112 ? 6.785   -9.091  11.219  1.00 46.63  ? 158 LYS A CB    1 
ATOM   812  C CG    . LYS A 1 112 ? 7.921   -8.177  10.820  1.00 51.57  ? 158 LYS A CG    1 
ATOM   813  C CD    . LYS A 1 112 ? 8.516   -7.573  12.087  1.00 54.29  ? 158 LYS A CD    1 
ATOM   814  C CE    . LYS A 1 112 ? 7.393   -7.001  12.974  1.00 64.58  ? 158 LYS A CE    1 
ATOM   815  N NZ    . LYS A 1 112 ? 7.734   -6.875  14.429  1.00 65.63  ? 158 LYS A NZ    1 
ATOM   816  N N     . PRO A 1 113 ? 4.937   -11.766 10.745  1.00 42.19  ? 159 PRO A N     1 
ATOM   817  C CA    . PRO A 1 113 ? 3.946   -12.596 11.451  1.00 43.08  ? 159 PRO A CA    1 
ATOM   818  C C     . PRO A 1 113 ? 4.039   -12.325 12.947  1.00 44.17  ? 159 PRO A C     1 
ATOM   819  O O     . PRO A 1 113 ? 5.131   -12.000 13.410  1.00 47.90  ? 159 PRO A O     1 
ATOM   820  C CB    . PRO A 1 113 ? 4.382   -14.030 11.133  1.00 47.37  ? 159 PRO A CB    1 
ATOM   821  C CG    . PRO A 1 113 ? 5.826   -13.924 10.697  1.00 45.18  ? 159 PRO A CG    1 
ATOM   822  C CD    . PRO A 1 113 ? 6.009   -12.555 10.112  1.00 44.61  ? 159 PRO A CD    1 
ATOM   823  N N     . ASN A 1 114 ? 2.933   -12.400 13.680  1.00 41.00  ? 160 ASN A N     1 
ATOM   824  C CA    . ASN A 1 114 ? 3.022   -12.364 15.135  1.00 58.52  ? 160 ASN A CA    1 
ATOM   825  C C     . ASN A 1 114 ? 3.300   -13.762 15.690  1.00 60.21  ? 160 ASN A C     1 
ATOM   826  O O     . ASN A 1 114 ? 3.059   -14.763 15.012  1.00 61.07  ? 160 ASN A O     1 
ATOM   827  C CB    . ASN A 1 114 ? 1.783   -11.742 15.766  1.00 53.92  ? 160 ASN A CB    1 
ATOM   828  C CG    . ASN A 1 114 ? 0.533   -12.453 15.386  1.00 61.92  ? 160 ASN A CG    1 
ATOM   829  O OD1   . ASN A 1 114 ? 0.524   -13.672 15.227  1.00 65.75  ? 160 ASN A OD1   1 
ATOM   830  N ND2   . ASN A 1 114 ? -0.544  -11.701 15.230  1.00 63.65  ? 160 ASN A ND2   1 
ATOM   831  N N     . ALA A 1 115 ? 3.825   -13.821 16.913  1.00 69.47  ? 161 ALA A N     1 
ATOM   832  C CA    . ALA A 1 115 ? 4.312   -15.073 17.499  1.00 68.90  ? 161 ALA A CA    1 
ATOM   833  C C     . ALA A 1 115 ? 3.257   -16.184 17.530  1.00 73.00  ? 161 ALA A C     1 
ATOM   834  O O     . ALA A 1 115 ? 3.552   -17.347 17.241  1.00 66.35  ? 161 ALA A O     1 
ATOM   835  C CB    . ALA A 1 115 ? 4.866   -14.819 18.894  1.00 70.51  ? 161 ALA A CB    1 
ATOM   836  N N     . ASP A 1 116 ? 2.029   -15.810 17.874  1.00 79.71  ? 162 ASP A N     1 
ATOM   837  C CA    . ASP A 1 116 ? 0.901   -16.742 17.941  1.00 76.85  ? 162 ASP A CA    1 
ATOM   838  C C     . ASP A 1 116 ? 0.577   -17.427 16.599  1.00 75.41  ? 162 ASP A C     1 
ATOM   839  O O     . ASP A 1 116 ? 0.164   -18.586 16.567  1.00 72.22  ? 162 ASP A O     1 
ATOM   840  C CB    . ASP A 1 116 ? -0.330  -15.995 18.453  1.00 71.17  ? 162 ASP A CB    1 
ATOM   841  C CG    . ASP A 1 116 ? 0.016   -14.980 19.531  1.00 79.86  ? 162 ASP A CG    1 
ATOM   842  O OD1   . ASP A 1 116 ? 0.822   -15.315 20.432  1.00 83.60  ? 162 ASP A OD1   1 
ATOM   843  O OD2   . ASP A 1 116 ? -0.509  -13.845 19.468  1.00 78.07  ? 162 ASP A OD2   1 
ATOM   844  N N     . GLY A 1 117 ? 0.765   -16.709 15.495  1.00 73.00  ? 163 GLY A N     1 
ATOM   845  C CA    . GLY A 1 117 ? 0.393   -17.216 14.185  1.00 67.65  ? 163 GLY A CA    1 
ATOM   846  C C     . GLY A 1 117 ? -0.993  -16.723 13.827  1.00 66.76  ? 163 GLY A C     1 
ATOM   847  O O     . GLY A 1 117 ? -1.578  -17.100 12.807  1.00 66.89  ? 163 GLY A O     1 
ATOM   848  N N     . SER A 1 118 ? -1.512  -15.855 14.689  1.00 62.29  ? 164 SER A N     1 
ATOM   849  C CA    . SER A 1 118 ? -2.844  -15.300 14.527  1.00 66.46  ? 164 SER A CA    1 
ATOM   850  C C     . SER A 1 118 ? -2.895  -14.117 13.557  1.00 59.94  ? 164 SER A C     1 
ATOM   851  O O     . SER A 1 118 ? -3.859  -13.347 13.571  1.00 61.65  ? 164 SER A O     1 
ATOM   852  C CB    . SER A 1 118 ? -3.377  -14.865 15.893  1.00 67.79  ? 164 SER A CB    1 
ATOM   853  O OG    . SER A 1 118 ? -2.436  -14.043 16.566  1.00 70.68  ? 164 SER A OG    1 
ATOM   854  N N     . GLY A 1 119 ? -1.869  -13.966 12.723  1.00 56.60  ? 165 GLY A N     1 
ATOM   855  C CA    . GLY A 1 119 ? -1.821  -12.851 11.791  1.00 54.51  ? 165 GLY A CA    1 
ATOM   856  C C     . GLY A 1 119 ? -0.458  -12.206 11.586  1.00 47.65  ? 165 GLY A C     1 
ATOM   857  O O     . GLY A 1 119 ? 0.569   -12.885 11.598  1.00 49.63  ? 165 GLY A O     1 
ATOM   858  N N     . TYR A 1 120 ? -0.457  -10.888 11.388  1.00 43.06  ? 166 TYR A N     1 
ATOM   859  C CA    . TYR A 1 120 ? 0.756   -10.137 11.075  1.00 37.48  ? 166 TYR A CA    1 
ATOM   860  C C     . TYR A 1 120 ? 0.727   -8.768  11.733  1.00 40.20  ? 166 TYR A C     1 
ATOM   861  O O     . TYR A 1 120 ? -0.331  -8.289  12.132  1.00 42.64  ? 166 TYR A O     1 
ATOM   862  C CB    . TYR A 1 120 ? 0.878   -9.915  9.566   1.00 38.90  ? 166 TYR A CB    1 
ATOM   863  C CG    . TYR A 1 120 ? 0.914   -11.168 8.716   1.00 37.46  ? 166 TYR A CG    1 
ATOM   864  C CD1   . TYR A 1 120 ? -0.259  -11.758 8.267   1.00 38.11  ? 166 TYR A CD1   1 
ATOM   865  C CD2   . TYR A 1 120 ? 2.127   -11.744 8.339   1.00 38.94  ? 166 TYR A CD2   1 
ATOM   866  C CE1   . TYR A 1 120 ? -0.231  -12.896 7.480   1.00 38.10  ? 166 TYR A CE1   1 
ATOM   867  C CE2   . TYR A 1 120 ? 2.171   -12.874 7.551   1.00 38.65  ? 166 TYR A CE2   1 
ATOM   868  C CZ    . TYR A 1 120 ? 0.988   -13.452 7.124   1.00 42.99  ? 166 TYR A CZ    1 
ATOM   869  O OH    . TYR A 1 120 ? 1.020   -14.589 6.337   1.00 44.08  ? 166 TYR A OH    1 
ATOM   870  N N     . PHE A 1 121 ? 1.890   -8.133  11.840  1.00 39.19  ? 167 PHE A N     1 
ATOM   871  C CA    . PHE A 1 121 ? 1.947   -6.703  12.133  1.00 41.79  ? 167 PHE A CA    1 
ATOM   872  C C     . PHE A 1 121 ? 2.352   -5.976  10.861  1.00 41.48  ? 167 PHE A C     1 
ATOM   873  O O     . PHE A 1 121 ? 3.311   -6.362  10.191  1.00 38.21  ? 167 PHE A O     1 
ATOM   874  C CB    . PHE A 1 121 ? 2.941   -6.401  13.248  1.00 42.71  ? 167 PHE A CB    1 
ATOM   875  C CG    . PHE A 1 121 ? 2.593   -7.044  14.551  1.00 50.70  ? 167 PHE A CG    1 
ATOM   876  C CD1   . PHE A 1 121 ? 3.141   -8.280  14.904  1.00 48.36  ? 167 PHE A CD1   1 
ATOM   877  C CD2   . PHE A 1 121 ? 1.713   -6.422  15.427  1.00 47.28  ? 167 PHE A CD2   1 
ATOM   878  C CE1   . PHE A 1 121 ? 2.821   -8.874  16.108  1.00 47.10  ? 167 PHE A CE1   1 
ATOM   879  C CE2   . PHE A 1 121 ? 1.385   -7.014  16.636  1.00 47.68  ? 167 PHE A CE2   1 
ATOM   880  C CZ    . PHE A 1 121 ? 1.937   -8.242  16.973  1.00 53.41  ? 167 PHE A CZ    1 
ATOM   881  N N     . ILE A 1 122 ? 1.599   -4.950  10.494  1.00 41.53  ? 168 ILE A N     1 
ATOM   882  C CA    . ILE A 1 122 ? 1.962   -4.187  9.308   1.00 39.15  ? 168 ILE A CA    1 
ATOM   883  C C     . ILE A 1 122 ? 2.318   -2.790  9.730   1.00 41.45  ? 168 ILE A C     1 
ATOM   884  O O     . ILE A 1 122 ? 1.476   -2.051  10.242  1.00 45.43  ? 168 ILE A O     1 
ATOM   885  C CB    . ILE A 1 122 ? 0.856   -4.167  8.238   1.00 39.74  ? 168 ILE A CB    1 
ATOM   886  C CG1   . ILE A 1 122 ? 0.481   -5.590  7.837   1.00 35.97  ? 168 ILE A CG1   1 
ATOM   887  C CG2   . ILE A 1 122 ? 1.332   -3.408  6.998   1.00 40.02  ? 168 ILE A CG2   1 
ATOM   888  C CD1   . ILE A 1 122 ? -0.422  -5.650  6.648   1.00 31.81  ? 168 ILE A CD1   1 
ATOM   889  N N     . SER A 1 123 ? 3.578   -2.431  9.542   1.00 35.58  ? 169 SER A N     1 
ATOM   890  C CA    . SER A 1 123 ? 4.038   -1.151  10.027  1.00 40.47  ? 169 SER A CA    1 
ATOM   891  C C     . SER A 1 123 ? 4.709   -0.332  8.954   1.00 42.00  ? 169 SER A C     1 
ATOM   892  O O     . SER A 1 123 ? 5.442   -0.851  8.093   1.00 40.67  ? 169 SER A O     1 
ATOM   893  C CB    . SER A 1 123 ? 4.968   -1.330  11.220  1.00 44.47  ? 169 SER A CB    1 
ATOM   894  O OG    . SER A 1 123 ? 5.736   -2.494  11.035  1.00 48.08  ? 169 SER A OG    1 
ATOM   895  N N     . LEU A 1 124 ? 4.420   0.959   9.005   1.00 37.79  ? 170 LEU A N     1 
ATOM   896  C CA    . LEU A 1 124 ? 5.067   1.919   8.145   1.00 40.57  ? 170 LEU A CA    1 
ATOM   897  C C     . LEU A 1 124 ? 5.950   2.794   9.011   1.00 42.78  ? 170 LEU A C     1 
ATOM   898  O O     . LEU A 1 124 ? 5.508   3.339   10.021  1.00 36.02  ? 170 LEU A O     1 
ATOM   899  C CB    . LEU A 1 124 ? 4.041   2.775   7.409   1.00 40.60  ? 170 LEU A CB    1 
ATOM   900  C CG    . LEU A 1 124 ? 4.632   3.798   6.438   1.00 35.33  ? 170 LEU A CG    1 
ATOM   901  C CD1   . LEU A 1 124 ? 5.470   3.105   5.389   1.00 35.99  ? 170 LEU A CD1   1 
ATOM   902  C CD2   . LEU A 1 124 ? 3.525   4.600   5.791   1.00 41.07  ? 170 LEU A CD2   1 
ATOM   903  N N     . SER A 1 125 ? 7.213   2.885   8.617   1.00 46.33  ? 171 SER A N     1 
ATOM   904  C CA    . SER A 1 125 ? 8.161   3.784   9.232   1.00 41.82  ? 171 SER A CA    1 
ATOM   905  C C     . SER A 1 125 ? 8.514   4.869   8.223   1.00 41.57  ? 171 SER A C     1 
ATOM   906  O O     . SER A 1 125 ? 8.786   4.577   7.053   1.00 36.93  ? 171 SER A O     1 
ATOM   907  C CB    . SER A 1 125 ? 9.413   3.022   9.636   1.00 41.77  ? 171 SER A CB    1 
ATOM   908  O OG    . SER A 1 125 ? 10.379  3.906   10.172  1.00 57.98  ? 171 SER A OG    1 
ATOM   909  N N     . VAL A 1 126 ? 8.487   6.118   8.679   1.00 39.35  ? 172 VAL A N     1 
ATOM   910  C CA    . VAL A 1 126 ? 8.844   7.257   7.835   1.00 45.45  ? 172 VAL A CA    1 
ATOM   911  C C     . VAL A 1 126 ? 9.876   8.139   8.522   1.00 41.50  ? 172 VAL A C     1 
ATOM   912  O O     . VAL A 1 126 ? 9.586   8.771   9.533   1.00 43.17  ? 172 VAL A O     1 
ATOM   913  C CB    . VAL A 1 126 ? 7.613   8.124   7.497   1.00 49.23  ? 172 VAL A CB    1 
ATOM   914  C CG1   . VAL A 1 126 ? 8.016   9.297   6.582   1.00 40.01  ? 172 VAL A CG1   1 
ATOM   915  C CG2   . VAL A 1 126 ? 6.520   7.265   6.865   1.00 45.23  ? 172 VAL A CG2   1 
ATOM   916  N N     . VAL A 1 127 ? 11.080  8.175   7.969   1.00 42.44  ? 173 VAL A N     1 
ATOM   917  C CA    . VAL A 1 127 ? 12.136  9.023   8.502   1.00 46.65  ? 173 VAL A CA    1 
ATOM   918  C C     . VAL A 1 127 ? 12.384  10.193  7.554   1.00 50.93  ? 173 VAL A C     1 
ATOM   919  O O     . VAL A 1 127 ? 12.842  10.007  6.425   1.00 51.13  ? 173 VAL A O     1 
ATOM   920  C CB    . VAL A 1 127 ? 13.446  8.229   8.719   1.00 42.98  ? 173 VAL A CB    1 
ATOM   921  C CG1   . VAL A 1 127 ? 14.580  9.172   9.077   1.00 45.52  ? 173 VAL A CG1   1 
ATOM   922  C CG2   . VAL A 1 127 ? 13.252  7.182   9.807   1.00 44.30  ? 173 VAL A CG2   1 
ATOM   923  N N     . ASN A 1 128 ? 12.060  11.396  8.010   1.00 52.01  ? 174 ASN A N     1 
ATOM   924  C CA    . ASN A 1 128 ? 12.258  12.594  7.205   1.00 53.36  ? 174 ASN A CA    1 
ATOM   925  C C     . ASN A 1 128 ? 13.456  13.391  7.717   1.00 57.58  ? 174 ASN A C     1 
ATOM   926  O O     . ASN A 1 128 ? 13.447  13.873  8.853   1.00 59.42  ? 174 ASN A O     1 
ATOM   927  C CB    . ASN A 1 128 ? 10.989  13.448  7.224   1.00 56.09  ? 174 ASN A CB    1 
ATOM   928  C CG    . ASN A 1 128 ? 11.010  14.558  6.186   1.00 56.85  ? 174 ASN A CG    1 
ATOM   929  O OD1   . ASN A 1 128 ? 12.070  15.090  5.840   1.00 55.99  ? 174 ASN A OD1   1 
ATOM   930  N ND2   . ASN A 1 128 ? 9.830   14.917  5.687   1.00 55.92  ? 174 ASN A ND2   1 
ATOM   931  N N     . ASN A 1 129 ? 14.489  13.515  6.888   1.00 55.22  ? 175 ASN A N     1 
ATOM   932  C CA    . ASN A 1 129 ? 15.701  14.225  7.286   1.00 58.83  ? 175 ASN A CA    1 
ATOM   933  C C     . ASN A 1 129 ? 15.634  15.733  7.027   1.00 66.73  ? 175 ASN A C     1 
ATOM   934  O O     . ASN A 1 129 ? 16.522  16.474  7.448   1.00 65.92  ? 175 ASN A O     1 
ATOM   935  C CB    . ASN A 1 129 ? 16.947  13.622  6.623   1.00 57.56  ? 175 ASN A CB    1 
ATOM   936  C CG    . ASN A 1 129 ? 17.402  12.315  7.284   1.00 65.75  ? 175 ASN A CG    1 
ATOM   937  O OD1   . ASN A 1 129 ? 17.318  12.148  8.507   1.00 56.46  ? 175 ASN A OD1   1 
ATOM   938  N ND2   . ASN A 1 129 ? 17.898  11.388  6.470   1.00 67.79  ? 175 ASN A ND2   1 
ATOM   939  N N     . ASN A 1 130 ? 14.587  16.185  6.337   1.00 67.61  ? 176 ASN A N     1 
ATOM   940  C CA    . ASN A 1 130 ? 14.350  17.619  6.159   1.00 67.25  ? 176 ASN A CA    1 
ATOM   941  C C     . ASN A 1 130 ? 13.630  18.218  7.356   1.00 66.74  ? 176 ASN A C     1 
ATOM   942  O O     . ASN A 1 130 ? 14.000  19.283  7.849   1.00 70.31  ? 176 ASN A O     1 
ATOM   943  C CB    . ASN A 1 130 ? 13.527  17.897  4.901   1.00 67.15  ? 176 ASN A CB    1 
ATOM   944  C CG    . ASN A 1 130 ? 14.228  17.451  3.637   1.00 73.70  ? 176 ASN A CG    1 
ATOM   945  O OD1   . ASN A 1 130 ? 15.424  17.155  3.649   1.00 74.83  ? 176 ASN A OD1   1 
ATOM   946  N ND2   . ASN A 1 130 ? 13.488  17.402  2.534   1.00 67.21  ? 176 ASN A ND2   1 
ATOM   947  N N     . LEU A 1 131 ? 12.595  17.523  7.816   1.00 63.76  ? 177 LEU A N     1 
ATOM   948  C CA    . LEU A 1 131 ? 11.754  18.014  8.896   1.00 60.08  ? 177 LEU A CA    1 
ATOM   949  C C     . LEU A 1 131 ? 12.167  17.415  10.227  1.00 62.42  ? 177 LEU A C     1 
ATOM   950  O O     . LEU A 1 131 ? 11.564  17.709  11.259  1.00 61.66  ? 177 LEU A O     1 
ATOM   951  C CB    . LEU A 1 131 ? 10.295  17.669  8.610   1.00 60.75  ? 177 LEU A CB    1 
ATOM   952  C CG    . LEU A 1 131 ? 9.819   18.122  7.232   1.00 66.78  ? 177 LEU A CG    1 
ATOM   953  C CD1   . LEU A 1 131 ? 8.352   17.763  7.022   1.00 62.89  ? 177 LEU A CD1   1 
ATOM   954  C CD2   . LEU A 1 131 ? 10.061  19.622  7.057   1.00 61.08  ? 177 LEU A CD2   1 
ATOM   955  N N     . LYS A 1 132 ? 13.187  16.561  10.201  1.00 64.46  ? 178 LYS A N     1 
ATOM   956  C CA    . LYS A 1 132 ? 13.679  15.933  11.418  1.00 60.28  ? 178 LYS A CA    1 
ATOM   957  C C     . LYS A 1 132 ? 12.567  15.176  12.145  1.00 62.59  ? 178 LYS A C     1 
ATOM   958  O O     . LYS A 1 132 ? 12.438  15.270  13.365  1.00 67.56  ? 178 LYS A O     1 
ATOM   959  C CB    . LYS A 1 132 ? 14.253  16.998  12.350  1.00 64.05  ? 178 LYS A CB    1 
ATOM   960  C CG    . LYS A 1 132 ? 15.713  17.366  12.110  1.00 64.93  ? 178 LYS A CG    1 
ATOM   961  C CD    . LYS A 1 132 ? 16.091  17.449  10.645  1.00 59.68  ? 178 LYS A CD    1 
ATOM   962  C CE    . LYS A 1 132 ? 17.535  17.931  10.506  1.00 62.62  ? 178 LYS A CE    1 
ATOM   963  N NZ    . LYS A 1 132 ? 18.328  17.159  9.497   1.00 63.07  ? 178 LYS A NZ    1 
ATOM   964  N N     . THR A 1 133 ? 11.753  14.441  11.395  1.00 57.84  ? 179 THR A N     1 
ATOM   965  C CA    . THR A 1 133 ? 10.690  13.646  12.003  1.00 58.05  ? 179 THR A CA    1 
ATOM   966  C C     . THR A 1 133 ? 10.952  12.147  11.840  1.00 54.90  ? 179 THR A C     1 
ATOM   967  O O     . THR A 1 133 ? 11.653  11.727  10.921  1.00 53.00  ? 179 THR A O     1 
ATOM   968  C CB    . THR A 1 133 ? 9.300   14.003  11.429  1.00 60.46  ? 179 THR A CB    1 
ATOM   969  O OG1   . THR A 1 133 ? 9.379   14.110  10.001  1.00 55.60  ? 179 THR A OG1   1 
ATOM   970  C CG2   . THR A 1 133 ? 8.807   15.324  12.003  1.00 55.28  ? 179 THR A CG2   1 
ATOM   971  N N     . ASN A 1 134 ? 10.399  11.355  12.751  1.00 49.62  ? 180 ASN A N     1 
ATOM   972  C CA    . ASN A 1 134 ? 10.533  9.905   12.706  1.00 51.98  ? 180 ASN A CA    1 
ATOM   973  C C     . ASN A 1 134 ? 9.211   9.267   13.138  1.00 54.53  ? 180 ASN A C     1 
ATOM   974  O O     . ASN A 1 134 ? 8.967   9.052   14.331  1.00 50.78  ? 180 ASN A O     1 
ATOM   975  C CB    . ASN A 1 134 ? 11.692  9.448   13.603  1.00 57.49  ? 180 ASN A CB    1 
ATOM   976  C CG    . ASN A 1 134 ? 11.862  7.930   13.635  1.00 59.60  ? 180 ASN A CG    1 
ATOM   977  O OD1   . ASN A 1 134 ? 10.902  7.174   13.445  1.00 59.90  ? 180 ASN A OD1   1 
ATOM   978  N ND2   . ASN A 1 134 ? 13.090  7.480   13.895  1.00 55.60  ? 180 ASN A ND2   1 
ATOM   979  N N     . ASP A 1 135 ? 8.355   8.979   12.161  1.00 48.31  ? 181 ASP A N     1 
ATOM   980  C CA    . ASP A 1 135 ? 7.040   8.412   12.434  1.00 49.79  ? 181 ASP A CA    1 
ATOM   981  C C     . ASP A 1 135 ? 7.011   6.891   12.283  1.00 48.30  ? 181 ASP A C     1 
ATOM   982  O O     . ASP A 1 135 ? 7.774   6.313   11.507  1.00 50.94  ? 181 ASP A O     1 
ATOM   983  C CB    . ASP A 1 135 ? 5.991   9.074   11.544  1.00 50.98  ? 181 ASP A CB    1 
ATOM   984  C CG    . ASP A 1 135 ? 5.741   10.528  11.934  1.00 67.33  ? 181 ASP A CG    1 
ATOM   985  O OD1   . ASP A 1 135 ? 5.700   10.810  13.156  1.00 69.49  ? 181 ASP A OD1   1 
ATOM   986  O OD2   . ASP A 1 135 ? 5.598   11.384  11.030  1.00 60.16  ? 181 ASP A OD2   1 
ATOM   987  N N     . ARG A 1 136 ? 6.144   6.245   13.054  1.00 48.84  ? 182 ARG A N     1 
ATOM   988  C CA    . ARG A 1 136 ? 5.957   4.810   12.941  1.00 44.73  ? 182 ARG A CA    1 
ATOM   989  C C     . ARG A 1 136 ? 4.550   4.403   13.358  1.00 51.18  ? 182 ARG A C     1 
ATOM   990  O O     . ARG A 1 136 ? 4.150   4.571   14.518  1.00 51.90  ? 182 ARG A O     1 
ATOM   991  C CB    . ARG A 1 136 ? 6.997   4.050   13.758  1.00 43.69  ? 182 ARG A CB    1 
ATOM   992  C CG    . ARG A 1 136 ? 6.823   2.552   13.663  1.00 49.19  ? 182 ARG A CG    1 
ATOM   993  C CD    . ARG A 1 136 ? 8.023   1.795   14.207  1.00 53.97  ? 182 ARG A CD    1 
ATOM   994  N NE    . ARG A 1 136 ? 7.960   0.381   13.841  1.00 68.94  ? 182 ARG A NE    1 
ATOM   995  C CZ    . ARG A 1 136 ? 8.292   -0.092  12.639  1.00 73.38  ? 182 ARG A CZ    1 
ATOM   996  N NH1   . ARG A 1 136 ? 8.715   0.732   11.683  1.00 60.32  ? 182 ARG A NH1   1 
ATOM   997  N NH2   . ARG A 1 136 ? 8.206   -1.393  12.390  1.00 75.08  ? 182 ARG A NH2   1 
ATOM   998  N N     . PHE A 1 137 ? 3.796   3.877   12.396  1.00 49.12  ? 183 PHE A N     1 
ATOM   999  C CA    . PHE A 1 137 ? 2.450   3.406   12.658  1.00 45.04  ? 183 PHE A CA    1 
ATOM   1000 C C     . PHE A 1 137 ? 2.449   1.903   12.469  1.00 45.00  ? 183 PHE A C     1 
ATOM   1001 O O     . PHE A 1 137 ? 2.875   1.416   11.427  1.00 49.95  ? 183 PHE A O     1 
ATOM   1002 C CB    . PHE A 1 137 ? 1.453   4.027   11.679  1.00 41.75  ? 183 PHE A CB    1 
ATOM   1003 C CG    . PHE A 1 137 ? 1.658   5.499   11.433  1.00 42.55  ? 183 PHE A CG    1 
ATOM   1004 C CD1   . PHE A 1 137 ? 0.919   6.441   12.124  1.00 51.41  ? 183 PHE A CD1   1 
ATOM   1005 C CD2   . PHE A 1 137 ? 2.565   5.936   10.483  1.00 49.60  ? 183 PHE A CD2   1 
ATOM   1006 C CE1   . PHE A 1 137 ? 1.091   7.796   11.886  1.00 49.77  ? 183 PHE A CE1   1 
ATOM   1007 C CE2   . PHE A 1 137 ? 2.741   7.286   10.241  1.00 56.36  ? 183 PHE A CE2   1 
ATOM   1008 C CZ    . PHE A 1 137 ? 1.999   8.220   10.944  1.00 49.68  ? 183 PHE A CZ    1 
ATOM   1009 N N     . THR A 1 138 ? 1.977   1.170   13.474  1.00 49.51  ? 184 THR A N     1 
ATOM   1010 C CA    . THR A 1 138 ? 1.871   -0.283  13.380  1.00 49.88  ? 184 THR A CA    1 
ATOM   1011 C C     . THR A 1 138 ? 0.421   -0.718  13.527  1.00 45.72  ? 184 THR A C     1 
ATOM   1012 O O     . THR A 1 138 ? -0.299  -0.203  14.390  1.00 49.65  ? 184 THR A O     1 
ATOM   1013 C CB    . THR A 1 138 ? 2.698   -0.994  14.476  1.00 52.34  ? 184 THR A CB    1 
ATOM   1014 O OG1   . THR A 1 138 ? 4.081   -0.645  14.349  1.00 50.72  ? 184 THR A OG1   1 
ATOM   1015 C CG2   . THR A 1 138 ? 2.546   -2.507  14.357  1.00 48.32  ? 184 THR A CG2   1 
ATOM   1016 N N     . VAL A 1 139 ? 0.001   -1.666  12.694  1.00 44.77  ? 185 VAL A N     1 
ATOM   1017 C CA    . VAL A 1 139 ? -1.361  -2.194  12.749  1.00 41.14  ? 185 VAL A CA    1 
ATOM   1018 C C     . VAL A 1 139 ? -1.407  -3.728  12.741  1.00 45.16  ? 185 VAL A C     1 
ATOM   1019 O O     . VAL A 1 139 ? -0.870  -4.372  11.828  1.00 41.13  ? 185 VAL A O     1 
ATOM   1020 C CB    . VAL A 1 139 ? -2.203  -1.673  11.576  1.00 46.01  ? 185 VAL A CB    1 
ATOM   1021 C CG1   . VAL A 1 139 ? -3.602  -2.255  11.639  1.00 45.88  ? 185 VAL A CG1   1 
ATOM   1022 C CG2   . VAL A 1 139 ? -2.245  -0.150  11.583  1.00 41.90  ? 185 VAL A CG2   1 
ATOM   1023 N N     . PRO A 1 140 ? -2.051  -4.325  13.761  1.00 42.86  ? 186 PRO A N     1 
ATOM   1024 C CA    . PRO A 1 140 ? -2.184  -5.782  13.812  1.00 40.55  ? 186 PRO A CA    1 
ATOM   1025 C C     . PRO A 1 140 ? -3.261  -6.253  12.834  1.00 45.67  ? 186 PRO A C     1 
ATOM   1026 O O     . PRO A 1 140 ? -4.353  -5.677  12.785  1.00 44.31  ? 186 PRO A O     1 
ATOM   1027 C CB    . PRO A 1 140 ? -2.631  -6.048  15.262  1.00 42.88  ? 186 PRO A CB    1 
ATOM   1028 C CG    . PRO A 1 140 ? -2.494  -4.736  15.986  1.00 42.09  ? 186 PRO A CG    1 
ATOM   1029 C CD    . PRO A 1 140 ? -2.655  -3.687  14.940  1.00 44.75  ? 186 PRO A CD    1 
ATOM   1030 N N     . VAL A 1 141 ? -2.964  -7.290  12.063  1.00 40.70  ? 187 VAL A N     1 
ATOM   1031 C CA    . VAL A 1 141 ? -3.904  -7.748  11.052  1.00 43.70  ? 187 VAL A CA    1 
ATOM   1032 C C     . VAL A 1 141 ? -4.140  -9.236  11.197  1.00 41.03  ? 187 VAL A C     1 
ATOM   1033 O O     . VAL A 1 141 ? -3.220  -10.037 11.069  1.00 46.99  ? 187 VAL A O     1 
ATOM   1034 C CB    . VAL A 1 141 ? -3.403  -7.436  9.621   1.00 42.90  ? 187 VAL A CB    1 
ATOM   1035 C CG1   . VAL A 1 141 ? -4.198  -8.210  8.597   1.00 37.73  ? 187 VAL A CG1   1 
ATOM   1036 C CG2   . VAL A 1 141 ? -3.465  -5.939  9.341   1.00 39.41  ? 187 VAL A CG2   1 
ATOM   1037 N N     . THR A 1 142 ? -5.386  -9.600  11.453  1.00 38.44  ? 188 THR A N     1 
ATOM   1038 C CA    . THR A 1 142 ? -5.742  -10.982 11.704  1.00 39.76  ? 188 THR A CA    1 
ATOM   1039 C C     . THR A 1 142 ? -5.547  -11.852 10.454  1.00 38.65  ? 188 THR A C     1 
ATOM   1040 O O     . THR A 1 142 ? -5.278  -11.347 9.368   1.00 34.47  ? 188 THR A O     1 
ATOM   1041 C CB    . THR A 1 142 ? -7.191  -11.055 12.199  1.00 37.25  ? 188 THR A CB    1 
ATOM   1042 O OG1   . THR A 1 142 ? -8.057  -10.526 11.186  1.00 38.16  ? 188 THR A OG1   1 
ATOM   1043 C CG2   . THR A 1 142 ? -7.340  -10.208 13.445  1.00 31.08  ? 188 THR A CG2   1 
ATOM   1044 N N     . THR A 1 143 ? -5.675  -13.165 10.614  1.00 34.85  ? 189 THR A N     1 
ATOM   1045 C CA    . THR A 1 143 ? -5.613  -14.064 9.473   1.00 41.45  ? 189 THR A CA    1 
ATOM   1046 C C     . THR A 1 143 ? -6.752  -13.760 8.507   1.00 42.00  ? 189 THR A C     1 
ATOM   1047 O O     . THR A 1 143 ? -6.560  -13.773 7.279   1.00 38.81  ? 189 THR A O     1 
ATOM   1048 C CB    . THR A 1 143 ? -5.679  -15.561 9.887   1.00 36.19  ? 189 THR A CB    1 
ATOM   1049 O OG1   . THR A 1 143 ? -4.515  -15.909 10.648  1.00 43.14  ? 189 THR A OG1   1 
ATOM   1050 C CG2   . THR A 1 143 ? -5.726  -16.444 8.652   1.00 34.29  ? 189 THR A CG2   1 
ATOM   1051 N N     . ALA A 1 144 ? -7.936  -13.499 9.064   1.00 32.75  ? 190 ALA A N     1 
ATOM   1052 C CA    . ALA A 1 144 ? -9.109  -13.185 8.253   1.00 32.20  ? 190 ALA A CA    1 
ATOM   1053 C C     . ALA A 1 144 ? -8.936  -11.879 7.466   1.00 32.79  ? 190 ALA A C     1 
ATOM   1054 O O     . ALA A 1 144 ? -9.212  -11.833 6.265   1.00 35.45  ? 190 ALA A O     1 
ATOM   1055 C CB    . ALA A 1 144 ? -10.360 -13.130 9.119   1.00 31.63  ? 190 ALA A CB    1 
ATOM   1056 N N     . GLU A 1 145 ? -8.478  -10.828 8.143   1.00 30.76  ? 191 GLU A N     1 
ATOM   1057 C CA    . GLU A 1 145 ? -8.238  -9.529  7.508   1.00 28.90  ? 191 GLU A CA    1 
ATOM   1058 C C     . GLU A 1 145 ? -7.189  -9.596  6.400   1.00 30.83  ? 191 GLU A C     1 
ATOM   1059 O O     . GLU A 1 145 ? -7.352  -9.003  5.339   1.00 30.69  ? 191 GLU A O     1 
ATOM   1060 C CB    . GLU A 1 145 ? -7.850  -8.488  8.566   1.00 35.85  ? 191 GLU A CB    1 
ATOM   1061 C CG    . GLU A 1 145 ? -8.984  -8.227  9.560   1.00 35.49  ? 191 GLU A CG    1 
ATOM   1062 C CD    . GLU A 1 145 ? -8.614  -7.293  10.698  1.00 45.76  ? 191 GLU A CD    1 
ATOM   1063 O OE1   . GLU A 1 145 ? -9.519  -6.576  11.184  1.00 46.38  ? 191 GLU A OE1   1 
ATOM   1064 O OE2   . GLU A 1 145 ? -7.437  -7.290  11.128  1.00 47.11  ? 191 GLU A OE2   1 
ATOM   1065 N N     . PHE A 1 146 ? -6.122  -10.343 6.638   1.00 32.98  ? 192 PHE A N     1 
ATOM   1066 C CA    . PHE A 1 146 ? -5.070  -10.496 5.646   1.00 33.50  ? 192 PHE A CA    1 
ATOM   1067 C C     . PHE A 1 146 ? -5.536  -11.399 4.496   1.00 34.21  ? 192 PHE A C     1 
ATOM   1068 O O     . PHE A 1 146 ? -5.070  -11.275 3.354   1.00 30.72  ? 192 PHE A O     1 
ATOM   1069 C CB    . PHE A 1 146 ? -3.802  -11.035 6.310   1.00 35.98  ? 192 PHE A CB    1 
ATOM   1070 C CG    . PHE A 1 146 ? -2.600  -11.018 5.423   1.00 35.07  ? 192 PHE A CG    1 
ATOM   1071 C CD1   . PHE A 1 146 ? -1.868  -9.859  5.260   1.00 34.83  ? 192 PHE A CD1   1 
ATOM   1072 C CD2   . PHE A 1 146 ? -2.201  -12.162 4.752   1.00 36.18  ? 192 PHE A CD2   1 
ATOM   1073 C CE1   . PHE A 1 146 ? -0.752  -9.835  4.437   1.00 40.01  ? 192 PHE A CE1   1 
ATOM   1074 C CE2   . PHE A 1 146 ? -1.083  -12.150 3.925   1.00 40.33  ? 192 PHE A CE2   1 
ATOM   1075 C CZ    . PHE A 1 146 ? -0.356  -10.989 3.770   1.00 35.28  ? 192 PHE A CZ    1 
ATOM   1076 N N     . ALA A 1 147 ? -6.464  -12.304 4.798   1.00 31.01  ? 193 ALA A N     1 
ATOM   1077 C CA    . ALA A 1 147 ? -7.130  -13.072 3.755   1.00 26.84  ? 193 ALA A CA    1 
ATOM   1078 C C     . ALA A 1 147 ? -7.929  -12.131 2.863   1.00 29.33  ? 193 ALA A C     1 
ATOM   1079 O O     . ALA A 1 147 ? -7.950  -12.290 1.645   1.00 33.00  ? 193 ALA A O     1 
ATOM   1080 C CB    . ALA A 1 147 ? -8.046  -14.133 4.365   1.00 37.15  ? 193 ALA A CB    1 
ATOM   1081 N N     . VAL A 1 148 ? -8.599  -11.150 3.461   1.00 30.23  ? 194 VAL A N     1 
ATOM   1082 C CA    . VAL A 1 148 ? -9.342  -10.192 2.641   1.00 33.33  ? 194 VAL A CA    1 
ATOM   1083 C C     . VAL A 1 148 ? -8.367  -9.451  1.726   1.00 28.38  ? 194 VAL A C     1 
ATOM   1084 O O     . VAL A 1 148 ? -8.589  -9.361  0.525   1.00 29.78  ? 194 VAL A O     1 
ATOM   1085 C CB    . VAL A 1 148 ? -10.203 -9.190  3.471   1.00 31.74  ? 194 VAL A CB    1 
ATOM   1086 C CG1   . VAL A 1 148 ? -10.742 -8.107  2.567   1.00 29.45  ? 194 VAL A CG1   1 
ATOM   1087 C CG2   . VAL A 1 148 ? -11.361 -9.908  4.181   1.00 25.64  ? 194 VAL A CG2   1 
ATOM   1088 N N     . MET A 1 149 ? -7.266  -8.958  2.283   1.00 29.32  ? 195 MET A N     1 
ATOM   1089 C CA    . MET A 1 149 ? -6.269  -8.247  1.480   1.00 30.86  ? 195 MET A CA    1 
ATOM   1090 C C     . MET A 1 149 ? -5.707  -9.116  0.361   1.00 36.88  ? 195 MET A C     1 
ATOM   1091 O O     . MET A 1 149 ? -5.687  -8.698  -0.802  1.00 40.52  ? 195 MET A O     1 
ATOM   1092 C CB    . MET A 1 149 ? -5.119  -7.767  2.345   1.00 24.93  ? 195 MET A CB    1 
ATOM   1093 C CG    . MET A 1 149 ? -5.528  -6.832  3.454   1.00 34.56  ? 195 MET A CG    1 
ATOM   1094 S SD    . MET A 1 149 ? -4.070  -6.243  4.324   1.00 43.35  ? 195 MET A SD    1 
ATOM   1095 C CE    . MET A 1 149 ? -4.844  -5.360  5.670   1.00 48.40  ? 195 MET A CE    1 
ATOM   1096 N N     . ARG A 1 150 ? -5.230  -10.314 0.693   1.00 29.77  ? 196 ARG A N     1 
ATOM   1097 C CA    . ARG A 1 150 ? -4.691  -11.181 -0.351  1.00 34.08  ? 196 ARG A CA    1 
ATOM   1098 C C     . ARG A 1 150 ? -5.709  -11.381 -1.483  1.00 32.13  ? 196 ARG A C     1 
ATOM   1099 O O     . ARG A 1 150 ? -5.350  -11.336 -2.661  1.00 34.31  ? 196 ARG A O     1 
ATOM   1100 C CB    . ARG A 1 150 ? -4.231  -12.533 0.204   1.00 36.58  ? 196 ARG A CB    1 
ATOM   1101 C CG    . ARG A 1 150 ? -3.926  -13.540 -0.909  1.00 49.81  ? 196 ARG A CG    1 
ATOM   1102 C CD    . ARG A 1 150 ? -3.769  -14.972 -0.407  1.00 48.92  ? 196 ARG A CD    1 
ATOM   1103 N NE    . ARG A 1 150 ? -2.738  -15.070 0.619   1.00 59.76  ? 196 ARG A NE    1 
ATOM   1104 C CZ    . ARG A 1 150 ? -2.991  -15.319 1.902   1.00 65.20  ? 196 ARG A CZ    1 
ATOM   1105 N NH1   . ARG A 1 150 ? -4.248  -15.515 2.309   1.00 54.80  ? 196 ARG A NH1   1 
ATOM   1106 N NH2   . ARG A 1 150 ? -1.987  -15.390 2.775   1.00 62.41  ? 196 ARG A NH2   1 
ATOM   1107 N N     . THR A 1 151 ? -6.976  -11.595 -1.133  1.00 33.05  ? 197 THR A N     1 
ATOM   1108 C CA    . THR A 1 151 ? -8.012  -11.846 -2.148  1.00 35.73  ? 197 THR A CA    1 
ATOM   1109 C C     . THR A 1 151 ? -8.341  -10.578 -2.934  1.00 36.55  ? 197 THR A C     1 
ATOM   1110 O O     . THR A 1 151 ? -8.439  -10.597 -4.170  1.00 31.95  ? 197 THR A O     1 
ATOM   1111 C CB    . THR A 1 151 ? -9.309  -12.389 -1.535  1.00 34.33  ? 197 THR A CB    1 
ATOM   1112 O OG1   . THR A 1 151 ? -9.055  -13.663 -0.925  1.00 48.06  ? 197 THR A OG1   1 
ATOM   1113 C CG2   . THR A 1 151 ? -10.376 -12.550 -2.609  1.00 32.94  ? 197 THR A CG2   1 
ATOM   1114 N N     . ALA A 1 152 ? -8.506  -9.481  -2.208  1.00 32.27  ? 198 ALA A N     1 
ATOM   1115 C CA    . ALA A 1 152 ? -8.758  -8.201  -2.835  1.00 30.82  ? 198 ALA A CA    1 
ATOM   1116 C C     . ALA A 1 152 ? -7.549  -7.749  -3.651  1.00 31.21  ? 198 ALA A C     1 
ATOM   1117 O O     . ALA A 1 152 ? -7.698  -7.267  -4.771  1.00 29.68  ? 198 ALA A O     1 
ATOM   1118 C CB    . ALA A 1 152 ? -9.132  -7.174  -1.794  1.00 30.80  ? 198 ALA A CB    1 
ATOM   1119 N N     . PHE A 1 153 ? -6.347  -7.909  -3.113  1.00 28.03  ? 199 PHE A N     1 
ATOM   1120 C CA    . PHE A 1 153 ? -5.170  -7.502  -3.872  1.00 29.63  ? 199 PHE A CA    1 
ATOM   1121 C C     . PHE A 1 153 ? -5.025  -8.374  -5.118  1.00 35.29  ? 199 PHE A C     1 
ATOM   1122 O O     . PHE A 1 153 ? -4.721  -7.858  -6.194  1.00 31.90  ? 199 PHE A O     1 
ATOM   1123 C CB    . PHE A 1 153 ? -3.890  -7.557  -3.036  1.00 32.93  ? 199 PHE A CB    1 
ATOM   1124 C CG    . PHE A 1 153 ? -3.815  -6.519  -1.951  1.00 32.31  ? 199 PHE A CG    1 
ATOM   1125 C CD1   . PHE A 1 153 ? -4.943  -5.819  -1.553  1.00 34.65  ? 199 PHE A CD1   1 
ATOM   1126 C CD2   . PHE A 1 153 ? -2.603  -6.239  -1.329  1.00 31.83  ? 199 PHE A CD2   1 
ATOM   1127 C CE1   . PHE A 1 153 ? -4.872  -4.867  -0.542  1.00 32.62  ? 199 PHE A CE1   1 
ATOM   1128 C CE2   . PHE A 1 153 ? -2.524  -5.292  -0.319  1.00 33.19  ? 199 PHE A CE2   1 
ATOM   1129 C CZ    . PHE A 1 153 ? -3.656  -4.603  0.077   1.00 33.49  ? 199 PHE A CZ    1 
ATOM   1130 N N     . SER A 1 154 ? -5.250  -9.687  -4.981  1.00 30.80  ? 200 SER A N     1 
ATOM   1131 C CA    . SER A 1 154 ? -5.159  -10.587 -6.137  1.00 35.08  ? 200 SER A CA    1 
ATOM   1132 C C     . SER A 1 154 ? -6.153  -10.193 -7.202  1.00 30.55  ? 200 SER A C     1 
ATOM   1133 O O     . SER A 1 154 ? -5.848  -10.261 -8.383  1.00 27.68  ? 200 SER A O     1 
ATOM   1134 C CB    . SER A 1 154 ? -5.416  -12.049 -5.765  1.00 26.66  ? 200 SER A CB    1 
ATOM   1135 O OG    . SER A 1 154 ? -4.435  -12.537 -4.880  1.00 40.59  ? 200 SER A OG    1 
ATOM   1136 N N     . PHE A 1 155 ? -7.353  -9.817  -6.781  1.00 31.16  ? 201 PHE A N     1 
ATOM   1137 C CA    . PHE A 1 155 ? -8.366  -9.386  -7.729  1.00 31.05  ? 201 PHE A CA    1 
ATOM   1138 C C     . PHE A 1 155 ? -7.883  -8.153  -8.466  1.00 35.03  ? 201 PHE A C     1 
ATOM   1139 O O     . PHE A 1 155 ? -8.042  -8.049  -9.685  1.00 33.29  ? 201 PHE A O     1 
ATOM   1140 C CB    . PHE A 1 155 ? -9.679  -9.086  -7.017  1.00 36.45  ? 201 PHE A CB    1 
ATOM   1141 C CG    . PHE A 1 155 ? -10.670 -8.365  -7.873  1.00 35.08  ? 201 PHE A CG    1 
ATOM   1142 C CD1   . PHE A 1 155 ? -11.516 -9.063  -8.717  1.00 39.98  ? 201 PHE A CD1   1 
ATOM   1143 C CD2   . PHE A 1 155 ? -10.741 -6.975  -7.852  1.00 40.30  ? 201 PHE A CD2   1 
ATOM   1144 C CE1   . PHE A 1 155 ? -12.430 -8.390  -9.522  1.00 40.91  ? 201 PHE A CE1   1 
ATOM   1145 C CE2   . PHE A 1 155 ? -11.652 -6.295  -8.652  1.00 38.12  ? 201 PHE A CE2   1 
ATOM   1146 C CZ    . PHE A 1 155 ? -12.500 -7.005  -9.483  1.00 38.74  ? 201 PHE A CZ    1 
ATOM   1147 N N     . ALA A 1 156 ? -7.256  -7.244  -7.716  1.00 32.13  ? 202 ALA A N     1 
ATOM   1148 C CA    . ALA A 1 156 ? -6.848  -5.921  -8.213  1.00 34.74  ? 202 ALA A CA    1 
ATOM   1149 C C     . ALA A 1 156 ? -5.573  -5.932  -9.056  1.00 38.97  ? 202 ALA A C     1 
ATOM   1150 O O     . ALA A 1 156 ? -5.344  -5.015  -9.864  1.00 36.47  ? 202 ALA A O     1 
ATOM   1151 C CB    . ALA A 1 156 ? -6.671  -4.962  -7.048  1.00 29.35  ? 202 ALA A CB    1 
ATOM   1152 N N     . LEU A 1 157 ? -4.733  -6.945  -8.853  1.00 32.66  ? 203 LEU A N     1 
ATOM   1153 C CA    . LEU A 1 157 ? -3.419  -6.993  -9.503  1.00 30.71  ? 203 LEU A CA    1 
ATOM   1154 C C     . LEU A 1 157 ? -3.477  -6.860  -11.034 1.00 36.91  ? 203 LEU A C     1 
ATOM   1155 O O     . LEU A 1 157 ? -2.696  -6.111  -11.634 1.00 35.78  ? 203 LEU A O     1 
ATOM   1156 C CB    . LEU A 1 157 ? -2.692  -8.282  -9.124  1.00 29.17  ? 203 LEU A CB    1 
ATOM   1157 C CG    . LEU A 1 157 ? -1.262  -8.333  -9.636  1.00 34.73  ? 203 LEU A CG    1 
ATOM   1158 C CD1   . LEU A 1 157 ? -0.590  -7.017  -9.266  1.00 32.35  ? 203 LEU A CD1   1 
ATOM   1159 C CD2   . LEU A 1 157 ? -0.502  -9.529  -9.047  1.00 30.81  ? 203 LEU A CD2   1 
ATOM   1160 N N     . PRO A 1 158 ? -4.382  -7.611  -11.680 1.00 38.51  ? 204 PRO A N     1 
ATOM   1161 C CA    . PRO A 1 158 ? -4.472  -7.498  -13.141 1.00 35.65  ? 204 PRO A CA    1 
ATOM   1162 C C     . PRO A 1 158 ? -4.939  -6.107  -13.571 1.00 37.94  ? 204 PRO A C     1 
ATOM   1163 O O     . PRO A 1 158 ? -4.599  -5.638  -14.655 1.00 36.55  ? 204 PRO A O     1 
ATOM   1164 C CB    . PRO A 1 158 ? -5.527  -8.543  -13.505 1.00 38.57  ? 204 PRO A CB    1 
ATOM   1165 C CG    . PRO A 1 158 ? -5.532  -9.517  -12.337 1.00 41.71  ? 204 PRO A CG    1 
ATOM   1166 C CD    . PRO A 1 158 ? -5.258  -8.672  -11.140 1.00 36.00  ? 204 PRO A CD    1 
ATOM   1167 N N     . HIS A 1 159 ? -5.714  -5.449  -12.722 1.00 35.98  ? 205 HIS A N     1 
ATOM   1168 C CA    . HIS A 1 159 ? -6.219  -4.117  -13.048 1.00 37.06  ? 205 HIS A CA    1 
ATOM   1169 C C     . HIS A 1 159 ? -5.155  -3.047  -12.924 1.00 39.57  ? 205 HIS A C     1 
ATOM   1170 O O     . HIS A 1 159 ? -5.045  -2.184  -13.785 1.00 36.44  ? 205 HIS A O     1 
ATOM   1171 C CB    . HIS A 1 159 ? -7.424  -3.766  -12.180 1.00 38.11  ? 205 HIS A CB    1 
ATOM   1172 C CG    . HIS A 1 159 ? -8.628  -4.600  -12.475 1.00 42.51  ? 205 HIS A CG    1 
ATOM   1173 N ND1   . HIS A 1 159 ? -8.759  -5.896  -12.042 1.00 45.75  ? 205 HIS A ND1   1 
ATOM   1174 C CD2   . HIS A 1 159 ? -9.746  -4.331  -13.197 1.00 53.98  ? 205 HIS A CD2   1 
ATOM   1175 C CE1   . HIS A 1 159 ? -9.913  -6.392  -12.461 1.00 40.79  ? 205 HIS A CE1   1 
ATOM   1176 N NE2   . HIS A 1 159 ? -10.525 -5.456  -13.164 1.00 56.27  ? 205 HIS A NE2   1 
ATOM   1177 N N     . ILE A 1 160 ? -4.362  -3.092  -11.859 1.00 36.42  ? 206 ILE A N     1 
ATOM   1178 C CA    . ILE A 1 160 ? -3.299  -2.107  -11.741 1.00 36.87  ? 206 ILE A CA    1 
ATOM   1179 C C     . ILE A 1 160 ? -2.216  -2.322  -12.794 1.00 38.77  ? 206 ILE A C     1 
ATOM   1180 O O     . ILE A 1 160 ? -1.462  -1.405  -13.107 1.00 41.47  ? 206 ILE A O     1 
ATOM   1181 C CB    . ILE A 1 160 ? -2.699  -2.016  -10.320 1.00 33.72  ? 206 ILE A CB    1 
ATOM   1182 C CG1   . ILE A 1 160 ? -1.956  -3.292  -9.945  1.00 35.08  ? 206 ILE A CG1   1 
ATOM   1183 C CG2   . ILE A 1 160 ? -3.777  -1.694  -9.315  1.00 32.16  ? 206 ILE A CG2   1 
ATOM   1184 C CD1   . ILE A 1 160 ? -1.083  -3.125  -8.719  1.00 32.00  ? 206 ILE A CD1   1 
ATOM   1185 N N     . MET A 1 161 ? -2.151  -3.527  -13.350 1.00 40.22  ? 207 MET A N     1 
ATOM   1186 C CA    . MET A 1 161 ? -1.236  -3.791  -14.455 1.00 41.69  ? 207 MET A CA    1 
ATOM   1187 C C     . MET A 1 161 ? -1.856  -3.383  -15.778 1.00 39.23  ? 207 MET A C     1 
ATOM   1188 O O     . MET A 1 161 ? -1.180  -3.374  -16.802 1.00 40.73  ? 207 MET A O     1 
ATOM   1189 C CB    . MET A 1 161 ? -0.886  -5.271  -14.530 1.00 37.44  ? 207 MET A CB    1 
ATOM   1190 C CG    . MET A 1 161 ? -0.156  -5.820  -13.319 1.00 41.85  ? 207 MET A CG    1 
ATOM   1191 S SD    . MET A 1 161 ? -0.251  -7.625  -13.342 1.00 35.55  ? 207 MET A SD    1 
ATOM   1192 C CE    . MET A 1 161 ? 0.593   -8.004  -14.874 1.00 32.87  ? 207 MET A CE    1 
ATOM   1193 N N     . GLY A 1 162 ? -3.152  -3.086  -15.760 1.00 42.78  ? 208 GLY A N     1 
ATOM   1194 C CA    . GLY A 1 162 ? -3.877  -2.733  -16.967 1.00 43.00  ? 208 GLY A CA    1 
ATOM   1195 C C     . GLY A 1 162 ? -4.270  -3.911  -17.849 1.00 47.15  ? 208 GLY A C     1 
ATOM   1196 O O     . GLY A 1 162 ? -4.714  -3.706  -18.972 1.00 44.28  ? 208 GLY A O     1 
ATOM   1197 N N     . TRP A 1 163 ? -4.118  -5.139  -17.353 1.00 41.68  ? 209 TRP A N     1 
ATOM   1198 C CA    . TRP A 1 163 ? -4.495  -6.327  -18.132 1.00 37.73  ? 209 TRP A CA    1 
ATOM   1199 C C     . TRP A 1 163 ? -6.011  -6.514  -18.267 1.00 42.98  ? 209 TRP A C     1 
ATOM   1200 O O     . TRP A 1 163 ? -6.471  -7.375  -19.021 1.00 40.94  ? 209 TRP A O     1 
ATOM   1201 C CB    . TRP A 1 163 ? -3.861  -7.605  -17.564 1.00 34.56  ? 209 TRP A CB    1 
ATOM   1202 C CG    . TRP A 1 163 ? -2.425  -7.796  -17.954 1.00 35.43  ? 209 TRP A CG    1 
ATOM   1203 C CD1   . TRP A 1 163 ? -1.497  -6.819  -18.159 1.00 32.83  ? 209 TRP A CD1   1 
ATOM   1204 C CD2   . TRP A 1 163 ? -1.757  -9.045  -18.202 1.00 38.11  ? 209 TRP A CD2   1 
ATOM   1205 N NE1   . TRP A 1 163 ? -0.290  -7.377  -18.506 1.00 34.39  ? 209 TRP A NE1   1 
ATOM   1206 C CE2   . TRP A 1 163 ? -0.422  -8.744  -18.547 1.00 32.40  ? 209 TRP A CE2   1 
ATOM   1207 C CE3   . TRP A 1 163 ? -2.156  -10.388 -18.166 1.00 33.14  ? 209 TRP A CE3   1 
ATOM   1208 C CZ2   . TRP A 1 163 ? 0.515   -9.731  -18.856 1.00 32.08  ? 209 TRP A CZ2   1 
ATOM   1209 C CZ3   . TRP A 1 163 ? -1.224  -11.371 -18.476 1.00 31.00  ? 209 TRP A CZ3   1 
ATOM   1210 C CH2   . TRP A 1 163 ? 0.097   -11.035 -18.816 1.00 34.92  ? 209 TRP A CH2   1 
ATOM   1211 N N     . ASP A 1 164 ? -6.788  -5.712  -17.545 1.00 44.66  ? 210 ASP A N     1 
ATOM   1212 C CA    . ASP A 1 164 ? -8.240  -5.765  -17.675 1.00 45.15  ? 210 ASP A CA    1 
ATOM   1213 C C     . ASP A 1 164 ? -8.704  -5.056  -18.951 1.00 56.20  ? 210 ASP A C     1 
ATOM   1214 O O     . ASP A 1 164 ? -9.905  -5.000  -19.235 1.00 61.90  ? 210 ASP A O     1 
ATOM   1215 C CB    . ASP A 1 164 ? -8.905  -5.123  -16.470 1.00 43.32  ? 210 ASP A CB    1 
ATOM   1216 C CG    . ASP A 1 164 ? -8.608  -3.651  -16.373 1.00 55.30  ? 210 ASP A CG    1 
ATOM   1217 O OD1   . ASP A 1 164 ? -7.532  -3.231  -16.860 1.00 51.77  ? 210 ASP A OD1   1 
ATOM   1218 O OD2   . ASP A 1 164 ? -9.450  -2.911  -15.820 1.00 64.71  ? 210 ASP A OD2   1 
ATOM   1219 N N     . ARG A 1 165 ? -7.747  -4.502  -19.699 1.00 52.29  ? 211 ARG A N     1 
ATOM   1220 C CA    . ARG A 1 165 ? -8.010  -3.890  -21.000 1.00 55.52  ? 211 ARG A CA    1 
ATOM   1221 C C     . ARG A 1 165 ? -7.957  -4.941  -22.093 1.00 59.24  ? 211 ARG A C     1 
ATOM   1222 O O     . ARG A 1 165 ? -8.397  -4.701  -23.212 1.00 63.11  ? 211 ARG A O     1 
ATOM   1223 C CB    . ARG A 1 165 ? -6.984  -2.800  -21.319 1.00 56.10  ? 211 ARG A CB    1 
ATOM   1224 C CG    . ARG A 1 165 ? -7.162  -1.513  -20.544 1.00 58.48  ? 211 ARG A CG    1 
ATOM   1225 C CD    . ARG A 1 165 ? -8.517  -0.881  -20.818 1.00 67.86  ? 211 ARG A CD    1 
ATOM   1226 N NE    . ARG A 1 165 ? -8.488  0.565   -20.603 1.00 82.80  ? 211 ARG A NE    1 
ATOM   1227 C CZ    . ARG A 1 165 ? -8.209  1.457   -21.552 1.00 81.26  ? 211 ARG A CZ    1 
ATOM   1228 N NH1   . ARG A 1 165 ? -7.943  1.053   -22.791 1.00 81.32  ? 211 ARG A NH1   1 
ATOM   1229 N NH2   . ARG A 1 165 ? -8.202  2.752   -21.268 1.00 75.10  ? 211 ARG A NH2   1 
ATOM   1230 N N     . PHE A 1 166 ? -7.389  -6.097  -21.773 1.00 60.00  ? 212 PHE A N     1 
ATOM   1231 C CA    . PHE A 1 166 ? -7.362  -7.205  -22.714 1.00 54.69  ? 212 PHE A CA    1 
ATOM   1232 C C     . PHE A 1 166 ? -8.633  -8.038  -22.515 1.00 63.85  ? 212 PHE A C     1 
ATOM   1233 O O     . PHE A 1 166 ? -8.590  -9.127  -21.940 1.00 65.07  ? 212 PHE A O     1 
ATOM   1234 C CB    . PHE A 1 166 ? -6.126  -8.086  -22.494 1.00 48.80  ? 212 PHE A CB    1 
ATOM   1235 C CG    . PHE A 1 166 ? -4.801  -7.380  -22.696 1.00 52.81  ? 212 PHE A CG    1 
ATOM   1236 C CD1   . PHE A 1 166 ? -3.980  -7.094  -21.612 1.00 45.26  ? 212 PHE A CD1   1 
ATOM   1237 C CD2   . PHE A 1 166 ? -4.352  -7.047  -23.966 1.00 49.08  ? 212 PHE A CD2   1 
ATOM   1238 C CE1   . PHE A 1 166 ? -2.751  -6.460  -21.784 1.00 42.14  ? 212 PHE A CE1   1 
ATOM   1239 C CE2   . PHE A 1 166 ? -3.113  -6.416  -24.145 1.00 51.25  ? 212 PHE A CE2   1 
ATOM   1240 C CZ    . PHE A 1 166 ? -2.319  -6.123  -23.051 1.00 45.07  ? 212 PHE A CZ    1 
ATOM   1241 N N     . THR A 1 167 ? -9.771  -7.525  -22.970 1.00 66.44  ? 213 THR A N     1 
ATOM   1242 C CA    . THR A 1 167 ? -11.032 -8.247  -22.795 1.00 71.22  ? 213 THR A CA    1 
ATOM   1243 C C     . THR A 1 167 ? -11.776 -8.425  -24.119 1.00 76.22  ? 213 THR A C     1 
ATOM   1244 O O     . THR A 1 167 ? -11.872 -7.487  -24.911 1.00 81.75  ? 213 THR A O     1 
ATOM   1245 C CB    . THR A 1 167 ? -11.958 -7.548  -21.764 1.00 71.91  ? 213 THR A CB    1 
ATOM   1246 O OG1   . THR A 1 167 ? -11.279 -7.429  -20.504 1.00 71.23  ? 213 THR A OG1   1 
ATOM   1247 C CG2   . THR A 1 167 ? -13.240 -8.353  -21.565 1.00 73.36  ? 213 THR A CG2   1 
ATOM   1248 N N     . ASN A 1 168 ? -12.290 -9.634  -24.354 1.00 76.92  ? 214 ASN A N     1 
ATOM   1249 C CA    . ASN A 1 168 ? -13.090 -9.924  -25.548 1.00 77.86  ? 214 ASN A CA    1 
ATOM   1250 C C     . ASN A 1 168 ? -14.443 -9.200  -25.526 1.00 89.89  ? 214 ASN A C     1 
ATOM   1251 O O     . ASN A 1 168 ? -15.354 -9.589  -24.789 1.00 88.86  ? 214 ASN A O     1 
ATOM   1252 C CB    . ASN A 1 168 ? -13.314 -11.435 -25.705 1.00 70.45  ? 214 ASN A CB    1 
ATOM   1253 C CG    . ASN A 1 168 ? -12.055 -12.182 -26.128 1.00 69.72  ? 214 ASN A CG    1 
ATOM   1254 O OD1   . ASN A 1 168 ? -11.354 -11.773 -27.061 1.00 70.32  ? 214 ASN A OD1   1 
ATOM   1255 N ND2   . ASN A 1 168 ? -11.766 -13.291 -25.445 1.00 57.26  ? 214 ASN A ND2   1 
ATOM   1256 N N     . ARG A 1 169 ? -14.563 -8.149  -26.336 1.00 94.58  ? 215 ARG A N     1 
ATOM   1257 C CA    . ARG A 1 169 ? -15.787 -7.346  -26.414 1.00 100.30 ? 215 ARG A CA    1 
ATOM   1258 C C     . ARG A 1 169 ? -16.132 -6.651  -25.090 1.00 105.05 ? 215 ARG A C     1 
ATOM   1259 O O     . ARG A 1 169 ? -16.248 -7.290  -24.040 1.00 104.62 ? 215 ARG A O     1 
ATOM   1260 C CB    . ARG A 1 169 ? -16.969 -8.203  -26.888 1.00 102.58 ? 215 ARG A CB    1 
ATOM   1261 C CG    . ARG A 1 169 ? -18.261 -7.421  -27.087 1.00 101.45 ? 215 ARG A CG    1 
ATOM   1262 C CD    . ARG A 1 169 ? -18.112 -6.380  -28.188 1.00 104.00 ? 215 ARG A CD    1 
ATOM   1263 N NE    . ARG A 1 169 ? -17.830 -6.982  -29.492 1.00 110.53 ? 215 ARG A NE    1 
ATOM   1264 C CZ    . ARG A 1 169 ? -16.628 -7.015  -30.065 1.00 110.60 ? 215 ARG A CZ    1 
ATOM   1265 N NH1   . ARG A 1 169 ? -15.581 -6.475  -29.455 1.00 111.32 ? 215 ARG A NH1   1 
ATOM   1266 N NH2   . ARG A 1 169 ? -16.471 -7.583  -31.254 1.00 103.26 ? 215 ARG A NH2   1 
ATOM   1267 P P     . DT  B 2 1   ? 0.453   17.393  -0.494  0.80 108.73 ? 1   DT  B P     1 
ATOM   1268 O OP1   . DT  B 2 1   ? 1.783   17.847  -0.975  0.80 92.55  ? 1   DT  B OP1   1 
ATOM   1269 O OP2   . DT  B 2 1   ? -0.764  17.636  -1.309  0.80 84.67  ? 1   DT  B OP2   1 
ATOM   1270 O "O5'" . DT  B 2 1   ? 0.517   15.824  -0.205  0.80 90.76  ? 1   DT  B "O5'" 1 
ATOM   1271 C "C5'" . DT  B 2 1   ? 0.538   14.945  -1.308  0.80 80.95  ? 1   DT  B "C5'" 1 
ATOM   1272 C "C4'" . DT  B 2 1   ? 0.896   13.546  -0.867  0.80 78.21  ? 1   DT  B "C4'" 1 
ATOM   1273 O "O4'" . DT  B 2 1   ? -0.095  12.625  -1.377  0.80 78.78  ? 1   DT  B "O4'" 1 
ATOM   1274 C "C3'" . DT  B 2 1   ? 2.218   12.994  -1.383  0.80 69.74  ? 1   DT  B "C3'" 1 
ATOM   1275 O "O3'" . DT  B 2 1   ? 2.596   11.953  -0.509  0.80 65.36  ? 1   DT  B "O3'" 1 
ATOM   1276 C "C2'" . DT  B 2 1   ? 1.833   12.477  -2.760  0.80 61.65  ? 1   DT  B "C2'" 1 
ATOM   1277 C "C1'" . DT  B 2 1   ? 0.458   11.888  -2.458  0.80 70.45  ? 1   DT  B "C1'" 1 
ATOM   1278 N N1    . DT  B 2 1   ? -0.488  11.962  -3.606  0.80 73.01  ? 1   DT  B N1    1 
ATOM   1279 C C2    . DT  B 2 1   ? -1.317  10.886  -3.873  0.80 76.45  ? 1   DT  B C2    1 
ATOM   1280 O O2    . DT  B 2 1   ? -1.323  9.866   -3.207  0.80 76.70  ? 1   DT  B O2    1 
ATOM   1281 N N3    . DT  B 2 1   ? -2.149  11.043  -4.955  0.80 81.86  ? 1   DT  B N3    1 
ATOM   1282 C C4    . DT  B 2 1   ? -2.232  12.153  -5.778  0.80 84.20  ? 1   DT  B C4    1 
ATOM   1283 O O4    . DT  B 2 1   ? -3.017  12.199  -6.726  0.80 84.68  ? 1   DT  B O4    1 
ATOM   1284 C C5    . DT  B 2 1   ? -1.335  13.242  -5.441  0.80 78.77  ? 1   DT  B C5    1 
ATOM   1285 C C7    . DT  B 2 1   ? -1.329  14.499  -6.261  0.80 76.27  ? 1   DT  B C7    1 
ATOM   1286 C C6    . DT  B 2 1   ? -0.513  13.100  -4.388  0.80 74.94  ? 1   DT  B C6    1 
ATOM   1287 P P     . DT  B 2 2   ? 4.065   11.290  -0.606  0.80 61.22  ? 2   DT  B P     1 
ATOM   1288 O OP1   . DT  B 2 2   ? 4.446   10.817  0.752   0.80 54.55  ? 2   DT  B OP1   1 
ATOM   1289 O OP2   . DT  B 2 2   ? 4.961   12.247  -1.290  0.80 59.57  ? 2   DT  B OP2   1 
ATOM   1290 O "O5'" . DT  B 2 2   ? 3.861   10.051  -1.620  0.80 56.38  ? 2   DT  B "O5'" 1 
ATOM   1291 C "C5'" . DT  B 2 2   ? 2.893   9.031   -1.326  0.80 53.88  ? 2   DT  B "C5'" 1 
ATOM   1292 C "C4'" . DT  B 2 2   ? 2.778   8.020   -2.443  0.80 46.99  ? 2   DT  B "C4'" 1 
ATOM   1293 O "O4'" . DT  B 2 2   ? 1.961   8.531   -3.506  0.80 48.12  ? 2   DT  B "O4'" 1 
ATOM   1294 C "C3'" . DT  B 2 2   ? 4.111   7.645   -3.059  0.80 43.20  ? 2   DT  B "C3'" 1 
ATOM   1295 O "O3'" . DT  B 2 2   ? 4.375   6.328   -2.697  0.80 41.20  ? 2   DT  B "O3'" 1 
ATOM   1296 C "C2'" . DT  B 2 2   ? 3.937   7.785   -4.569  0.80 46.00  ? 2   DT  B "C2'" 1 
ATOM   1297 C "C1'" . DT  B 2 2   ? 2.473   8.143   -4.762  0.80 52.15  ? 2   DT  B "C1'" 1 
ATOM   1298 N N1    . DT  B 2 2   ? 2.268   9.334   -5.631  0.80 63.82  ? 2   DT  B N1    1 
ATOM   1299 C C2    . DT  B 2 2   ? 1.371   9.316   -6.692  0.80 70.05  ? 2   DT  B C2    1 
ATOM   1300 O O2    . DT  B 2 2   ? 0.707   8.338   -6.996  0.80 69.46  ? 2   DT  B O2    1 
ATOM   1301 N N3    . DT  B 2 2   ? 1.283   10.500  -7.390  0.80 75.00  ? 2   DT  B N3    1 
ATOM   1302 C C4    . DT  B 2 2   ? 1.988   11.667  -7.121  0.80 75.16  ? 2   DT  B C4    1 
ATOM   1303 O O4    . DT  B 2 2   ? 1.851   12.688  -7.794  0.80 75.92  ? 2   DT  B O4    1 
ATOM   1304 C C5    . DT  B 2 2   ? 2.901   11.604  -5.996  0.80 70.68  ? 2   DT  B C5    1 
ATOM   1305 C C7    . DT  B 2 2   ? 3.724   12.797  -5.608  0.80 72.37  ? 2   DT  B C7    1 
ATOM   1306 C C6    . DT  B 2 2   ? 2.995   10.460  -5.311  0.80 65.59  ? 2   DT  B C6    1 
ATOM   1307 P P     . DT  B 2 3   ? 5.704   5.974   -1.873  0.80 35.34  ? 3   DT  B P     1 
ATOM   1308 O OP1   . DT  B 2 3   ? 5.685   4.515   -1.568  0.80 35.33  ? 3   DT  B OP1   1 
ATOM   1309 O OP2   . DT  B 2 3   ? 5.826   6.946   -0.766  0.80 37.13  ? 3   DT  B OP2   1 
ATOM   1310 O "O5'" . DT  B 2 3   ? 6.866   6.257   -2.913  0.80 38.32  ? 3   DT  B "O5'" 1 
ATOM   1311 C "C5'" . DT  B 2 3   ? 6.849   5.659   -4.199  0.80 39.60  ? 3   DT  B "C5'" 1 
ATOM   1312 C "C4'" . DT  B 2 3   ? 8.236   5.770   -4.795  0.80 37.17  ? 3   DT  B "C4'" 1 
ATOM   1313 O "O4'" . DT  B 2 3   ? 9.141   4.895   -4.102  0.80 36.05  ? 3   DT  B "O4'" 1 
ATOM   1314 C "C3'" . DT  B 2 3   ? 8.379   5.410   -6.260  0.80 35.79  ? 3   DT  B "C3'" 1 
ATOM   1315 O "O3'" . DT  B 2 3   ? 8.079   6.575   -6.984  0.80 39.59  ? 3   DT  B "O3'" 1 
ATOM   1316 C "C2'" . DT  B 2 3   ? 9.860   5.082   -6.355  0.80 34.19  ? 3   DT  B "C2'" 1 
ATOM   1317 C "C1'" . DT  B 2 3   ? 10.273  4.725   -4.931  0.80 42.70  ? 3   DT  B "C1'" 1 
ATOM   1318 N N1    . DT  B 2 3   ? 10.732  3.324   -4.842  0.80 42.54  ? 3   DT  B N1    1 
ATOM   1319 C C2    . DT  B 2 3   ? 11.963  3.010   -4.277  0.80 42.99  ? 3   DT  B C2    1 
ATOM   1320 O O2    . DT  B 2 3   ? 12.730  3.833   -3.813  0.80 44.37  ? 3   DT  B O2    1 
ATOM   1321 N N3    . DT  B 2 3   ? 12.274  1.672   -4.261  0.80 46.38  ? 3   DT  B N3    1 
ATOM   1322 C C4    . DT  B 2 3   ? 11.485  0.643   -4.754  0.80 50.25  ? 3   DT  B C4    1 
ATOM   1323 O O4    . DT  B 2 3   ? 11.841  -0.536  -4.701  0.80 53.91  ? 3   DT  B O4    1 
ATOM   1324 C C5    . DT  B 2 3   ? 10.217  1.051   -5.338  0.80 49.52  ? 3   DT  B C5    1 
ATOM   1325 C C7    . DT  B 2 3   ? 9.285   0.017   -5.903  0.80 48.94  ? 3   DT  B C7    1 
ATOM   1326 C C6    . DT  B 2 3   ? 9.897   2.357   -5.359  0.80 44.04  ? 3   DT  B C6    1 
ATOM   1327 P P     . DT  B 2 4   ? 7.730   6.486   -8.545  0.80 40.91  ? 4   DT  B P     1 
ATOM   1328 O OP1   . DT  B 2 4   ? 7.124   7.771   -8.955  0.80 46.49  ? 4   DT  B OP1   1 
ATOM   1329 O OP2   . DT  B 2 4   ? 6.984   5.246   -8.774  0.80 40.17  ? 4   DT  B OP2   1 
ATOM   1330 O "O5'" . DT  B 2 4   ? 9.152   6.323   -9.243  0.80 37.59  ? 4   DT  B "O5'" 1 
ATOM   1331 C "C5'" . DT  B 2 4   ? 10.027  7.436   -9.282  0.80 40.78  ? 4   DT  B "C5'" 1 
ATOM   1332 C "C4'" . DT  B 2 4   ? 11.119  7.224   -10.298 0.80 44.36  ? 4   DT  B "C4'" 1 
ATOM   1333 O "O4'" . DT  B 2 4   ? 11.946  6.114   -9.890  0.80 47.92  ? 4   DT  B "O4'" 1 
ATOM   1334 C "C3'" . DT  B 2 4   ? 10.651  6.879   -11.704 0.80 46.52  ? 4   DT  B "C3'" 1 
ATOM   1335 O "O3'" . DT  B 2 4   ? 11.452  7.633   -12.594 0.80 55.14  ? 4   DT  B "O3'" 1 
ATOM   1336 C "C2'" . DT  B 2 4   ? 10.897  5.378   -11.820 0.80 44.71  ? 4   DT  B "C2'" 1 
ATOM   1337 C "C1'" . DT  B 2 4   ? 12.130  5.196   -10.949 0.80 49.47  ? 4   DT  B "C1'" 1 
ATOM   1338 N N1    . DT  B 2 4   ? 12.203  3.863   -10.299 0.80 55.03  ? 4   DT  B N1    1 
ATOM   1339 C C2    . DT  B 2 4   ? 13.392  3.150   -10.141 0.80 56.81  ? 4   DT  B C2    1 
ATOM   1340 O O2    . DT  B 2 4   ? 14.484  3.533   -10.532 0.80 59.26  ? 4   DT  B O2    1 
ATOM   1341 N N3    . DT  B 2 4   ? 13.258  1.939   -9.498  0.80 53.96  ? 4   DT  B N3    1 
ATOM   1342 C C4    . DT  B 2 4   ? 12.078  1.397   -9.013  0.80 54.70  ? 4   DT  B C4    1 
ATOM   1343 O O4    . DT  B 2 4   ? 12.053  0.305   -8.452  0.80 54.10  ? 4   DT  B O4    1 
ATOM   1344 C C5    . DT  B 2 4   ? 10.885  2.201   -9.210  0.80 53.00  ? 4   DT  B C5    1 
ATOM   1345 C C7    . DT  B 2 4   ? 9.538   1.734   -8.736  0.80 55.63  ? 4   DT  B C7    1 
ATOM   1346 C C6    . DT  B 2 4   ? 11.001  3.377   -9.831  0.80 50.37  ? 4   DT  B C6    1 
ATOM   1347 P P     . DT  B 2 5   ? 11.040  7.772   -14.143 0.80 57.91  ? 5   DT  B P     1 
ATOM   1348 O OP1   . DT  B 2 5   ? 11.431  9.131   -14.605 0.80 59.21  ? 5   DT  B OP1   1 
ATOM   1349 O OP2   . DT  B 2 5   ? 9.649   7.295   -14.292 0.80 48.82  ? 5   DT  B OP2   1 
ATOM   1350 O "O5'" . DT  B 2 5   ? 11.975  6.706   -14.876 0.80 63.06  ? 5   DT  B "O5'" 1 
ATOM   1351 C "C5'" . DT  B 2 5   ? 13.374  6.790   -14.682 0.80 59.26  ? 5   DT  B "C5'" 1 
ATOM   1352 C "C4'" . DT  B 2 5   ? 14.005  5.558   -15.286 0.80 61.65  ? 5   DT  B "C4'" 1 
ATOM   1353 O "O4'" . DT  B 2 5   ? 14.036  4.505   -14.305 0.80 60.09  ? 5   DT  B "O4'" 1 
ATOM   1354 C "C3'" . DT  B 2 5   ? 13.239  5.010   -16.489 0.80 59.83  ? 5   DT  B "C3'" 1 
ATOM   1355 O "O3'" . DT  B 2 5   ? 13.997  5.309   -17.644 0.80 67.69  ? 5   DT  B "O3'" 1 
ATOM   1356 C "C2'" . DT  B 2 5   ? 13.116  3.508   -16.252 0.80 59.11  ? 5   DT  B "C2'" 1 
ATOM   1357 C "C1'" . DT  B 2 5   ? 13.926  3.269   -14.979 0.80 59.19  ? 5   DT  B "C1'" 1 
ATOM   1358 N N1    . DT  B 2 5   ? 13.269  2.335   -14.034 0.80 57.02  ? 5   DT  B N1    1 
ATOM   1359 C C2    . DT  B 2 5   ? 14.045  1.395   -13.378 0.80 56.14  ? 5   DT  B C2    1 
ATOM   1360 O O2    . DT  B 2 5   ? 15.249  1.296   -13.550 0.80 56.16  ? 5   DT  B O2    1 
ATOM   1361 N N3    . DT  B 2 5   ? 13.351  0.574   -12.517 0.80 53.89  ? 5   DT  B N3    1 
ATOM   1362 C C4    . DT  B 2 5   ? 11.986  0.620   -12.261 0.80 57.35  ? 5   DT  B C4    1 
ATOM   1363 O O4    . DT  B 2 5   ? 11.444  -0.159  -11.471 0.80 61.62  ? 5   DT  B O4    1 
ATOM   1364 C C5    . DT  B 2 5   ? 11.239  1.636   -12.985 0.80 53.99  ? 5   DT  B C5    1 
ATOM   1365 C C7    . DT  B 2 5   ? 9.756   1.768   -12.785 0.80 50.95  ? 5   DT  B C7    1 
ATOM   1366 C C6    . DT  B 2 5   ? 11.902  2.442   -13.832 0.80 56.11  ? 5   DT  B C6    1 
ATOM   1367 P P     . DT  B 2 6   ? 13.337  5.198   -19.107 0.80 77.39  ? 6   DT  B P     1 
ATOM   1368 O OP1   . DT  B 2 6   ? 13.891  6.292   -19.942 0.80 72.79  ? 6   DT  B OP1   1 
ATOM   1369 O OP2   . DT  B 2 6   ? 11.870  5.076   -18.939 0.80 54.28  ? 6   DT  B OP2   1 
ATOM   1370 O "O5'" . DT  B 2 6   ? 13.908  3.811   -19.666 0.80 61.97  ? 6   DT  B "O5'" 1 
ATOM   1371 C "C5'" . DT  B 2 6   ? 15.304  3.564   -19.467 0.80 61.29  ? 6   DT  B "C5'" 1 
ATOM   1372 C "C4'" . DT  B 2 6   ? 15.685  2.169   -19.919 0.80 62.27  ? 6   DT  B "C4'" 1 
ATOM   1373 O "O4'" . DT  B 2 6   ? 15.656  1.244   -18.810 0.80 62.31  ? 6   DT  B "O4'" 1 
ATOM   1374 C "C3'" . DT  B 2 6   ? 14.750  1.575   -20.960 0.80 58.83  ? 6   DT  B "C3'" 1 
ATOM   1375 O "O3'" . DT  B 2 6   ? 15.556  0.823   -21.808 0.80 59.88  ? 6   DT  B "O3'" 1 
ATOM   1376 C "C2'" . DT  B 2 6   ? 13.815  0.670   -20.174 0.80 55.00  ? 6   DT  B "C2'" 1 
ATOM   1377 C "C1'" . DT  B 2 6   ? 14.803  0.165   -19.139 0.80 56.10  ? 6   DT  B "C1'" 1 
ATOM   1378 N N1    . DT  B 2 6   ? 14.140  -0.248  -17.888 0.80 53.13  ? 6   DT  B N1    1 
ATOM   1379 C C2    . DT  B 2 6   ? 14.900  -0.832  -16.888 0.80 54.98  ? 6   DT  B C2    1 
ATOM   1380 O O2    . DT  B 2 6   ? 16.102  -1.035  -16.985 0.80 56.86  ? 6   DT  B O2    1 
ATOM   1381 N N3    . DT  B 2 6   ? 14.194  -1.176  -15.761 0.80 53.47  ? 6   DT  B N3    1 
ATOM   1382 C C4    . DT  B 2 6   ? 12.838  -0.990  -15.559 0.80 51.71  ? 6   DT  B C4    1 
ATOM   1383 O O4    . DT  B 2 6   ? 12.286  -1.336  -14.516 0.80 56.90  ? 6   DT  B O4    1 
ATOM   1384 C C5    . DT  B 2 6   ? 12.111  -0.371  -16.648 0.80 51.16  ? 6   DT  B C5    1 
ATOM   1385 C C7    . DT  B 2 6   ? 10.634  -0.129  -16.519 0.80 50.41  ? 6   DT  B C7    1 
ATOM   1386 C C6    . DT  B 2 6   ? 12.784  -0.028  -17.757 0.80 49.61  ? 6   DT  B C6    1 
ATOM   1387 P P     . DT  B 2 7   ? 15.796  1.301   -23.322 0.80 63.41  ? 7   DT  B P     1 
ATOM   1388 O OP1   . DT  B 2 7   ? 17.021  0.636   -23.830 0.80 59.13  ? 7   DT  B OP1   1 
ATOM   1389 O OP2   . DT  B 2 7   ? 15.682  2.773   -23.364 0.80 63.38  ? 7   DT  B OP2   1 
ATOM   1390 O "O5'" . DT  B 2 7   ? 14.549  0.699   -24.099 0.80 53.99  ? 7   DT  B "O5'" 1 
ATOM   1391 C "C5'" . DT  B 2 7   ? 14.801  -0.375  -24.976 0.80 64.55  ? 7   DT  B "C5'" 1 
ATOM   1392 C "C4'" . DT  B 2 7   ? 13.532  -0.748  -25.702 0.80 65.73  ? 7   DT  B "C4'" 1 
ATOM   1393 O "O4'" . DT  B 2 7   ? 12.694  -1.566  -24.868 0.80 57.23  ? 7   DT  B "O4'" 1 
ATOM   1394 C "C3'" . DT  B 2 7   ? 12.665  0.441   -26.086 0.80 65.67  ? 7   DT  B "C3'" 1 
ATOM   1395 O "O3'" . DT  B 2 7   ? 13.161  0.878   -27.349 0.80 72.26  ? 7   DT  B "O3'" 1 
ATOM   1396 C "C2'" . DT  B 2 7   ? 11.249  -0.147  -26.102 0.80 61.22  ? 7   DT  B "C2'" 1 
ATOM   1397 C "C1'" . DT  B 2 7   ? 11.412  -1.526  -25.459 0.80 59.15  ? 7   DT  B "C1'" 1 
ATOM   1398 N N1    . DT  B 2 7   ? 10.428  -1.831  -24.399 0.80 53.59  ? 7   DT  B N1    1 
ATOM   1399 C C2    . DT  B 2 7   ? 10.328  -1.020  -23.278 0.80 55.46  ? 7   DT  B C2    1 
ATOM   1400 O O2    . DT  B 2 7   ? 11.007  -0.019  -23.080 0.80 58.83  ? 7   DT  B O2    1 
ATOM   1401 N N3    . DT  B 2 7   ? 9.383   -1.426  -22.372 0.80 53.63  ? 7   DT  B N3    1 
ATOM   1402 C C4    . DT  B 2 7   ? 8.562   -2.535  -22.487 0.80 57.90  ? 7   DT  B C4    1 
ATOM   1403 O O4    . DT  B 2 7   ? 7.740   -2.816  -21.617 0.80 48.99  ? 7   DT  B O4    1 
ATOM   1404 C C5    . DT  B 2 7   ? 8.729   -3.331  -23.689 0.80 54.12  ? 7   DT  B C5    1 
ATOM   1405 C C7    . DT  B 2 7   ? 7.891   -4.553  -23.924 0.80 50.10  ? 7   DT  B C7    1 
ATOM   1406 C C6    . DT  B 2 7   ? 9.646   -2.948  -24.579 0.80 51.75  ? 7   DT  B C6    1 
ATOM   1407 P P     . DT  B 2 8   ? 12.285  1.855   -28.283 0.80 84.53  ? 8   DT  B P     1 
ATOM   1408 O OP1   . DT  B 2 8   ? 12.889  1.859   -29.641 0.80 78.90  ? 8   DT  B OP1   1 
ATOM   1409 O OP2   . DT  B 2 8   ? 12.068  3.129   -27.554 0.80 69.44  ? 8   DT  B OP2   1 
ATOM   1410 O "O5'" . DT  B 2 8   ? 10.883  1.121   -28.375 0.80 72.44  ? 8   DT  B "O5'" 1 
ATOM   1411 C "C5'" . DT  B 2 8   ? 9.879   1.692   -29.144 0.80 74.73  ? 8   DT  B "C5'" 1 
ATOM   1412 C "C4'" . DT  B 2 8   ? 9.271   0.575   -29.947 0.80 74.18  ? 8   DT  B "C4'" 1 
ATOM   1413 O "O4'" . DT  B 2 8   ? 9.116   -0.584  -29.105 0.80 68.95  ? 8   DT  B "O4'" 1 
ATOM   1414 C "C3'" . DT  B 2 8   ? 7.920   0.942   -30.510 0.80 79.87  ? 8   DT  B "C3'" 1 
ATOM   1415 O "O3'" . DT  B 2 8   ? 8.215   1.285   -31.851 0.80 92.15  ? 8   DT  B "O3'" 1 
ATOM   1416 C "C2'" . DT  B 2 8   ? 7.094   -0.331  -30.355 0.80 77.34  ? 8   DT  B "C2'" 1 
ATOM   1417 C "C1'" . DT  B 2 8   ? 7.830   -1.136  -29.280 0.80 73.15  ? 8   DT  B "C1'" 1 
ATOM   1418 N N1    . DT  B 2 8   ? 7.175   -1.210  -27.920 0.80 69.27  ? 8   DT  B N1    1 
ATOM   1419 C C2    . DT  B 2 8   ? 6.281   -2.240  -27.657 0.80 71.25  ? 8   DT  B C2    1 
ATOM   1420 O O2    . DT  B 2 8   ? 5.974   -3.097  -28.474 0.80 69.85  ? 8   DT  B O2    1 
ATOM   1421 N N3    . DT  B 2 8   ? 5.741   -2.232  -26.392 0.80 71.19  ? 8   DT  B N3    1 
ATOM   1422 C C4    . DT  B 2 8   ? 6.008   -1.320  -25.383 0.80 67.73  ? 8   DT  B C4    1 
ATOM   1423 O O4    . DT  B 2 8   ? 5.468   -1.404  -24.279 0.80 62.23  ? 8   DT  B O4    1 
ATOM   1424 C C5    . DT  B 2 8   ? 6.957   -0.274  -25.723 0.80 66.53  ? 8   DT  B C5    1 
ATOM   1425 C C7    . DT  B 2 8   ? 7.311   0.786   -24.720 0.80 60.92  ? 8   DT  B C7    1 
ATOM   1426 C C6    . DT  B 2 8   ? 7.495   -0.266  -26.956 0.80 65.14  ? 8   DT  B C6    1 
ATOM   1427 P P     . DT  B 2 9   ? 7.300   2.344   -32.645 0.80 101.76 ? 9   DT  B P     1 
ATOM   1428 O OP1   . DT  B 2 9   ? 7.792   2.411   -34.039 0.80 99.20  ? 9   DT  B OP1   1 
ATOM   1429 O OP2   . DT  B 2 9   ? 7.231   3.591   -31.845 0.80 87.75  ? 9   DT  B OP2   1 
ATOM   1430 O "O5'" . DT  B 2 9   ? 5.877   1.626   -32.715 0.80 93.97  ? 9   DT  B "O5'" 1 
ATOM   1431 C "C5'" . DT  B 2 9   ? 5.790   0.509   -33.596 0.80 91.86  ? 9   DT  B "C5'" 1 
ATOM   1432 C "C4'" . DT  B 2 9   ? 4.409   -0.106  -33.574 0.80 92.32  ? 9   DT  B "C4'" 1 
ATOM   1433 O "O4'" . DT  B 2 9   ? 4.343   -1.061  -32.484 0.80 93.32  ? 9   DT  B "O4'" 1 
ATOM   1434 C "C3'" . DT  B 2 9   ? 3.286   0.897   -33.343 0.80 94.65  ? 9   DT  B "C3'" 1 
ATOM   1435 O "O3'" . DT  B 2 9   ? 2.813   1.418   -34.585 0.80 92.65  ? 9   DT  B "O3'" 1 
ATOM   1436 C "C2'" . DT  B 2 9   ? 2.250   0.032   -32.627 0.80 92.48  ? 9   DT  B "C2'" 1 
ATOM   1437 C "C1'" . DT  B 2 9   ? 3.132   -0.884  -31.770 0.80 92.43  ? 9   DT  B "C1'" 1 
ATOM   1438 N N1    . DT  B 2 9   ? 3.435   -0.346  -30.393 0.80 85.49  ? 9   DT  B N1    1 
ATOM   1439 C C2    . DT  B 2 9   ? 3.585   -1.223  -29.331 0.80 80.37  ? 9   DT  B C2    1 
ATOM   1440 O O2    . DT  B 2 9   ? 3.494   -2.434  -29.441 0.80 79.92  ? 9   DT  B O2    1 
ATOM   1441 N N3    . DT  B 2 9   ? 3.854   -0.627  -28.118 0.80 77.68  ? 9   DT  B N3    1 
ATOM   1442 C C4    . DT  B 2 9   ? 3.983   0.729   -27.867 0.80 78.00  ? 9   DT  B C4    1 
ATOM   1443 O O4    . DT  B 2 9   ? 4.224   1.172   -26.745 0.80 78.31  ? 9   DT  B O4    1 
ATOM   1444 C C5    . DT  B 2 9   ? 3.810   1.589   -29.017 0.80 84.83  ? 9   DT  B C5    1 
ATOM   1445 C C7    . DT  B 2 9   ? 3.931   3.077   -28.870 0.80 80.85  ? 9   DT  B C7    1 
ATOM   1446 C C6    . DT  B 2 9   ? 3.547   1.021   -30.206 0.80 87.11  ? 9   DT  B C6    1 
HETATM 1447 O O     . HOH C 3 .   ? -5.603  -3.104  18.681  1.00 43.10  ? 1   HOH A O     1 
HETATM 1448 O O     . HOH C 3 .   ? -5.591  -6.542  18.020  1.00 46.65  ? 2   HOH A O     1 
HETATM 1449 O O     . HOH C 3 .   ? -5.303  4.239   0.587   1.00 44.74  ? 3   HOH A O     1 
HETATM 1450 O O     . HOH C 3 .   ? 3.155   -1.185  -10.187 1.00 44.81  ? 4   HOH A O     1 
HETATM 1451 O O     . HOH C 3 .   ? 3.457   9.988   3.285   1.00 52.07  ? 5   HOH A O     1 
HETATM 1452 O O     . HOH C 3 .   ? 5.622   2.004   -6.247  1.00 44.30  ? 7   HOH A O     1 
HETATM 1453 O O     . HOH C 3 .   ? 6.041   -3.861  -10.371 1.00 28.48  ? 8   HOH A O     1 
HETATM 1454 O O     . HOH C 3 .   ? 12.187  -2.536  -1.303  1.00 38.43  ? 9   HOH A O     1 
HETATM 1455 O O     . HOH C 3 .   ? 0.799   -15.092 10.733  1.00 49.11  ? 10  HOH A O     1 
HETATM 1456 O O     . HOH C 3 .   ? 12.341  4.137   7.025   1.00 41.72  ? 11  HOH A O     1 
HETATM 1457 O O     . HOH C 3 .   ? 17.243  7.972   -6.325  1.00 49.76  ? 12  HOH A O     1 
HETATM 1458 O O     . HOH C 3 .   ? -8.994  -12.792 -5.863  1.00 38.86  ? 13  HOH A O     1 
HETATM 1459 O O     . HOH C 3 .   ? -8.920  -10.087 -11.125 1.00 40.14  ? 14  HOH A O     1 
HETATM 1460 O O     . HOH C 3 .   ? -8.614  -14.371 11.938  1.00 40.49  ? 15  HOH A O     1 
HETATM 1461 O O     . HOH C 3 .   ? -10.816 -10.806 12.068  1.00 36.11  ? 16  HOH A O     1 
HETATM 1462 O O     . HOH C 3 .   ? 5.872   -5.190  10.928  1.00 48.06  ? 17  HOH A O     1 
HETATM 1463 O O     . HOH C 3 .   ? 1.624   -4.220  -16.977 1.00 45.10  ? 18  HOH A O     1 
HETATM 1464 O O     . HOH C 3 .   ? -4.372  -14.902 5.774   1.00 42.05  ? 19  HOH A O     1 
HETATM 1465 O O     . HOH C 3 .   ? 12.776  -5.226  -0.280  1.00 52.16  ? 20  HOH A O     1 
HETATM 1466 O O     . HOH C 3 .   ? -2.291  -16.040 6.594   1.00 43.66  ? 21  HOH A O     1 
HETATM 1467 O O     . HOH C 3 .   ? -5.884  -7.453  15.496  1.00 51.71  ? 22  HOH A O     1 
HETATM 1468 O O     . HOH C 3 .   ? -1.511  -9.654  14.959  1.00 49.87  ? 23  HOH A O     1 
HETATM 1469 O O     . HOH C 3 .   ? -2.387  -0.210  15.908  1.00 52.74  ? 24  HOH A O     1 
HETATM 1470 O O     . HOH C 3 .   ? 8.538   -1.129  8.890   1.00 46.75  ? 25  HOH A O     1 
HETATM 1471 O O     . HOH C 3 .   ? 9.961   -14.864 4.795   1.00 50.01  ? 26  HOH A O     1 
HETATM 1472 O O     . HOH C 3 .   ? 13.175  11.801  -0.415  1.00 53.51  ? 27  HOH A O     1 
HETATM 1473 O O     . HOH C 3 .   ? 1.746   6.154   -7.520  1.00 51.21  ? 28  HOH A O     1 
HETATM 1474 O O     . HOH C 3 .   ? -6.188  -14.504 13.747  1.00 51.08  ? 29  HOH A O     1 
HETATM 1475 O O     . HOH C 3 .   ? -10.450 -7.497  13.713  1.00 52.46  ? 30  HOH A O     1 
HETATM 1476 O O     . HOH C 3 .   ? -11.703 -12.679 -6.272  1.00 43.97  ? 31  HOH A O     1 
HETATM 1477 O O     . HOH C 3 .   ? -11.422 -2.496  12.084  1.00 47.35  ? 32  HOH A O     1 
HETATM 1478 O O     . HOH C 3 .   ? 1.478   2.375   16.100  1.00 49.79  ? 33  HOH A O     1 
HETATM 1479 O O     . HOH C 3 .   ? -11.181 -11.017 -11.933 1.00 39.43  ? 34  HOH A O     1 
HETATM 1480 O O     . HOH C 3 .   ? -1.039  5.495   -9.266  1.00 57.21  ? 35  HOH A O     1 
HETATM 1481 O O     . HOH C 3 .   ? -8.695  -15.793 -5.076  1.00 44.92  ? 36  HOH A O     1 
HETATM 1482 O O     . HOH D 3 .   ? 6.541   11.797  2.497   1.00 47.62  ? 10  HOH B O     1 
# 
loop_
_pdbx_poly_seq_scheme.asym_id 
_pdbx_poly_seq_scheme.entity_id 
_pdbx_poly_seq_scheme.seq_id 
_pdbx_poly_seq_scheme.mon_id 
_pdbx_poly_seq_scheme.ndb_seq_num 
_pdbx_poly_seq_scheme.pdb_seq_num 
_pdbx_poly_seq_scheme.auth_seq_num 
_pdbx_poly_seq_scheme.pdb_mon_id 
_pdbx_poly_seq_scheme.auth_mon_id 
_pdbx_poly_seq_scheme.pdb_strand_id 
_pdbx_poly_seq_scheme.pdb_ins_code 
_pdbx_poly_seq_scheme.hetero 
A 1 1   MET 1   47  ?   ?   ?   A . n 
A 1 2   ALA 2   48  ?   ?   ?   A . n 
A 1 3   ASP 3   49  ?   ?   ?   A . n 
A 1 4   ALA 4   50  ?   ?   ?   A . n 
A 1 5   GLY 5   51  ?   ?   ?   A . n 
A 1 6   LYS 6   52  ?   ?   ?   A . n 
A 1 7   ARG 7   53  ?   ?   ?   A . n 
A 1 8   GLU 8   54  ?   ?   ?   A . n 
A 1 9   GLY 9   55  55  GLY GLY A . n 
A 1 10  ARG 10  56  56  ARG ARG A . n 
A 1 11  VAL 11  57  57  VAL VAL A . n 
A 1 12  PHE 12  58  58  PHE PHE A . n 
A 1 13  ALA 13  59  59  ALA ALA A . n 
A 1 14  PRO 14  60  60  PRO PRO A . n 
A 1 15  TYR 15  61  61  TYR TYR A . n 
A 1 16  SER 16  62  62  SER SER A . n 
A 1 17  VAL 17  63  63  VAL VAL A . n 
A 1 18  PHE 18  64  64  PHE PHE A . n 
A 1 19  LYS 19  65  65  LYS LYS A . n 
A 1 20  GLY 20  66  66  GLY GLY A . n 
A 1 21  LYS 21  67  67  LYS LYS A . n 
A 1 22  ALA 22  68  68  ALA ALA A . n 
A 1 23  ALA 23  69  69  ALA ALA A . n 
A 1 24  LEU 24  70  70  LEU LEU A . n 
A 1 25  SER 25  71  71  SER SER A . n 
A 1 26  ALA 26  72  72  ALA ALA A . n 
A 1 27  GLU 27  73  73  GLU GLU A . n 
A 1 28  PRO 28  74  74  PRO PRO A . n 
A 1 29  ARG 29  75  75  ARG ARG A . n 
A 1 30  LEU 30  76  76  LEU LEU A . n 
A 1 31  PRO 31  77  77  PRO PRO A . n 
A 1 32  THR 32  78  78  THR THR A . n 
A 1 33  PHE 33  79  79  PHE PHE A . n 
A 1 34  ASN 34  80  80  ASN ASN A . n 
A 1 35  ARG 35  81  81  ARG ARG A . n 
A 1 36  LEU 36  82  82  LEU LEU A . n 
A 1 37  ASP 37  83  83  ASP ASP A . n 
A 1 38  SER 38  84  84  SER SER A . n 
A 1 39  GLY 39  85  85  GLY GLY A . n 
A 1 40  GLY 40  86  86  GLY GLY A . n 
A 1 41  VAL 41  87  87  VAL VAL A . n 
A 1 42  LYS 42  88  88  LYS LYS A . n 
A 1 43  LEU 43  89  89  LEU LEU A . n 
A 1 44  ASN 44  90  90  ASN ASN A . n 
A 1 45  ARG 45  91  91  ARG ARG A . n 
A 1 46  ARG 46  92  92  ARG ARG A . n 
A 1 47  GLY 47  93  93  GLY GLY A . n 
A 1 48  VAL 48  94  94  VAL VAL A . n 
A 1 49  ILE 49  95  95  ILE ILE A . n 
A 1 50  MET 50  96  96  MET MET A . n 
A 1 51  LEU 51  97  97  LEU LEU A . n 
A 1 52  THR 52  98  98  THR THR A . n 
A 1 53  PHE 53  99  99  PHE PHE A . n 
A 1 54  TRP 54  100 100 TRP TRP A . n 
A 1 55  PRO 55  101 101 PRO PRO A . n 
A 1 56  SER 56  102 102 SER SER A . n 
A 1 57  VAL 57  103 103 VAL VAL A . n 
A 1 58  GLY 58  104 104 GLY GLY A . n 
A 1 59  GLU 59  105 105 GLU GLU A . n 
A 1 60  ARG 60  106 106 ARG ARG A . n 
A 1 61  LYS 61  107 107 LYS LYS A . n 
A 1 62  TYR 62  108 108 TYR TYR A . n 
A 1 63  ASP 63  109 109 ASP ASP A . n 
A 1 64  TRP 64  110 110 TRP TRP A . n 
A 1 65  GLU 65  111 111 GLU GLU A . n 
A 1 66  LYS 66  112 112 LYS LYS A . n 
A 1 67  ARG 67  113 113 ARG ARG A . n 
A 1 68  GLN 68  114 114 GLN GLN A . n 
A 1 69  LEU 69  115 115 LEU LEU A . n 
A 1 70  PHE 70  116 116 PHE PHE A . n 
A 1 71  ALA 71  117 117 ALA ALA A . n 
A 1 72  LEU 72  118 118 LEU LEU A . n 
A 1 73  SER 73  119 119 SER SER A . n 
A 1 74  ALA 74  120 120 ALA ALA A . n 
A 1 75  THR 75  121 121 THR THR A . n 
A 1 76  GLU 76  122 122 GLU GLU A . n 
A 1 77  VAL 77  123 123 VAL VAL A . n 
A 1 78  GLY 78  124 124 GLY GLY A . n 
A 1 79  SER 79  125 125 SER SER A . n 
A 1 80  LEU 80  126 126 LEU LEU A . n 
A 1 81  ILE 81  127 127 ILE ILE A . n 
A 1 82  SER 82  128 128 SER SER A . n 
A 1 83  MET 83  129 129 MET MET A . n 
A 1 84  GLY 84  130 130 GLY GLY A . n 
A 1 85  THR 85  131 131 THR THR A . n 
A 1 86  ARG 86  132 132 ARG ARG A . n 
A 1 87  ASP 87  133 133 ASP ASP A . n 
A 1 88  SER 88  134 134 SER SER A . n 
A 1 89  SER 89  135 135 SER SER A . n 
A 1 90  GLU 90  136 136 GLU GLU A . n 
A 1 91  PHE 91  137 137 PHE PHE A . n 
A 1 92  PHE 92  138 138 PHE PHE A . n 
A 1 93  HIS 93  139 139 HIS HIS A . n 
A 1 94  ASP 94  140 140 ASP ASP A . n 
A 1 95  PRO 95  141 141 PRO PRO A . n 
A 1 96  SER 96  142 142 SER SER A . n 
A 1 97  MET 97  143 143 MET MET A . n 
A 1 98  LEU 98  144 144 LEU LEU A . n 
A 1 99  SER 99  145 145 SER SER A . n 
A 1 100 SER 100 146 146 SER SER A . n 
A 1 101 ASN 101 147 147 ASN ASN A . n 
A 1 102 ALA 102 148 148 ALA ALA A . n 
A 1 103 GLY 103 149 149 GLY GLY A . n 
A 1 104 GLN 104 150 150 GLN GLN A . n 
A 1 105 VAL 105 151 151 VAL VAL A . n 
A 1 106 ARG 106 152 152 ARG ARG A . n 
A 1 107 LYS 107 153 153 LYS LYS A . n 
A 1 108 SER 108 154 154 SER SER A . n 
A 1 109 LEU 109 155 155 LEU LEU A . n 
A 1 110 SER 110 156 156 SER SER A . n 
A 1 111 ILE 111 157 157 ILE ILE A . n 
A 1 112 LYS 112 158 158 LYS LYS A . n 
A 1 113 PRO 113 159 159 PRO PRO A . n 
A 1 114 ASN 114 160 160 ASN ASN A . n 
A 1 115 ALA 115 161 161 ALA ALA A . n 
A 1 116 ASP 116 162 162 ASP ASP A . n 
A 1 117 GLY 117 163 163 GLY GLY A . n 
A 1 118 SER 118 164 164 SER SER A . n 
A 1 119 GLY 119 165 165 GLY GLY A . n 
A 1 120 TYR 120 166 166 TYR TYR A . n 
A 1 121 PHE 121 167 167 PHE PHE A . n 
A 1 122 ILE 122 168 168 ILE ILE A . n 
A 1 123 SER 123 169 169 SER SER A . n 
A 1 124 LEU 124 170 170 LEU LEU A . n 
A 1 125 SER 125 171 171 SER SER A . n 
A 1 126 VAL 126 172 172 VAL VAL A . n 
A 1 127 VAL 127 173 173 VAL VAL A . n 
A 1 128 ASN 128 174 174 ASN ASN A . n 
A 1 129 ASN 129 175 175 ASN ASN A . n 
A 1 130 ASN 130 176 176 ASN ASN A . n 
A 1 131 LEU 131 177 177 LEU LEU A . n 
A 1 132 LYS 132 178 178 LYS LYS A . n 
A 1 133 THR 133 179 179 THR THR A . n 
A 1 134 ASN 134 180 180 ASN ASN A . n 
A 1 135 ASP 135 181 181 ASP ASP A . n 
A 1 136 ARG 136 182 182 ARG ARG A . n 
A 1 137 PHE 137 183 183 PHE PHE A . n 
A 1 138 THR 138 184 184 THR THR A . n 
A 1 139 VAL 139 185 185 VAL VAL A . n 
A 1 140 PRO 140 186 186 PRO PRO A . n 
A 1 141 VAL 141 187 187 VAL VAL A . n 
A 1 142 THR 142 188 188 THR THR A . n 
A 1 143 THR 143 189 189 THR THR A . n 
A 1 144 ALA 144 190 190 ALA ALA A . n 
A 1 145 GLU 145 191 191 GLU GLU A . n 
A 1 146 PHE 146 192 192 PHE PHE A . n 
A 1 147 ALA 147 193 193 ALA ALA A . n 
A 1 148 VAL 148 194 194 VAL VAL A . n 
A 1 149 MET 149 195 195 MET MET A . n 
A 1 150 ARG 150 196 196 ARG ARG A . n 
A 1 151 THR 151 197 197 THR THR A . n 
A 1 152 ALA 152 198 198 ALA ALA A . n 
A 1 153 PHE 153 199 199 PHE PHE A . n 
A 1 154 SER 154 200 200 SER SER A . n 
A 1 155 PHE 155 201 201 PHE PHE A . n 
A 1 156 ALA 156 202 202 ALA ALA A . n 
A 1 157 LEU 157 203 203 LEU LEU A . n 
A 1 158 PRO 158 204 204 PRO PRO A . n 
A 1 159 HIS 159 205 205 HIS HIS A . n 
A 1 160 ILE 160 206 206 ILE ILE A . n 
A 1 161 MET 161 207 207 MET MET A . n 
A 1 162 GLY 162 208 208 GLY GLY A . n 
A 1 163 TRP 163 209 209 TRP TRP A . n 
A 1 164 ASP 164 210 210 ASP ASP A . n 
A 1 165 ARG 165 211 211 ARG ARG A . n 
A 1 166 PHE 166 212 212 PHE PHE A . n 
A 1 167 THR 167 213 213 THR THR A . n 
A 1 168 ASN 168 214 214 ASN ASN A . n 
A 1 169 ARG 169 215 215 ARG ARG A . n 
A 1 170 PRO 170 216 ?   ?   ?   A . n 
A 1 171 LEU 171 217 ?   ?   ?   A . n 
A 1 172 GLU 172 218 ?   ?   ?   A . n 
A 1 173 HIS 173 219 ?   ?   ?   A . n 
A 1 174 HIS 174 220 ?   ?   ?   A . n 
A 1 175 HIS 175 221 ?   ?   ?   A . n 
A 1 176 HIS 176 222 ?   ?   ?   A . n 
A 1 177 HIS 177 223 ?   ?   ?   A . n 
A 1 178 HIS 178 224 ?   ?   ?   A . n 
B 2 1   DT  1   1   1   DT  DT  B . n 
B 2 2   DT  2   2   2   DT  DT  B . n 
B 2 3   DT  3   3   3   DT  DT  B . n 
B 2 4   DT  4   4   4   DT  DT  B . n 
B 2 5   DT  5   5   5   DT  DT  B . n 
B 2 6   DT  6   6   6   DT  DT  B . n 
B 2 7   DT  7   7   7   DT  DT  B . n 
B 2 8   DT  8   8   8   DT  DT  B . n 
B 2 9   DT  9   9   9   DT  DT  B . n 
# 
loop_
_pdbx_nonpoly_scheme.asym_id 
_pdbx_nonpoly_scheme.entity_id 
_pdbx_nonpoly_scheme.mon_id 
_pdbx_nonpoly_scheme.ndb_seq_num 
_pdbx_nonpoly_scheme.pdb_seq_num 
_pdbx_nonpoly_scheme.auth_seq_num 
_pdbx_nonpoly_scheme.pdb_mon_id 
_pdbx_nonpoly_scheme.auth_mon_id 
_pdbx_nonpoly_scheme.pdb_strand_id 
_pdbx_nonpoly_scheme.pdb_ins_code 
C 3 HOH 1  1  1  HOH HOH A . 
C 3 HOH 2  2  2  HOH HOH A . 
C 3 HOH 3  3  3  HOH HOH A . 
C 3 HOH 4  4  4  HOH HOH A . 
C 3 HOH 5  5  5  HOH HOH A . 
C 3 HOH 6  7  7  HOH HOH A . 
C 3 HOH 7  8  8  HOH HOH A . 
C 3 HOH 8  9  9  HOH HOH A . 
C 3 HOH 9  10 10 HOH HOH A . 
C 3 HOH 10 11 11 HOH HOH A . 
C 3 HOH 11 12 12 HOH HOH A . 
C 3 HOH 12 13 13 HOH HOH A . 
C 3 HOH 13 14 14 HOH HOH A . 
C 3 HOH 14 15 15 HOH HOH A . 
C 3 HOH 15 16 16 HOH HOH A . 
C 3 HOH 16 17 17 HOH HOH A . 
C 3 HOH 17 18 18 HOH HOH A . 
C 3 HOH 18 19 19 HOH HOH A . 
C 3 HOH 19 20 20 HOH HOH A . 
C 3 HOH 20 21 21 HOH HOH A . 
C 3 HOH 21 22 22 HOH HOH A . 
C 3 HOH 22 23 23 HOH HOH A . 
C 3 HOH 23 24 24 HOH HOH A . 
C 3 HOH 24 25 25 HOH HOH A . 
C 3 HOH 25 26 26 HOH HOH A . 
C 3 HOH 26 27 27 HOH HOH A . 
C 3 HOH 27 28 28 HOH HOH A . 
C 3 HOH 28 29 29 HOH HOH A . 
C 3 HOH 29 30 30 HOH HOH A . 
C 3 HOH 30 31 31 HOH HOH A . 
C 3 HOH 31 32 32 HOH HOH A . 
C 3 HOH 32 33 33 HOH HOH A . 
C 3 HOH 33 34 34 HOH HOH A . 
C 3 HOH 34 35 35 HOH HOH A . 
C 3 HOH 35 36 36 HOH HOH A . 
D 3 HOH 1  10 6  HOH HOH B . 
# 
loop_
_pdbx_struct_assembly.id 
_pdbx_struct_assembly.details 
_pdbx_struct_assembly.method_details 
_pdbx_struct_assembly.oligomeric_details 
_pdbx_struct_assembly.oligomeric_count 
1 software_defined_assembly            PISA 48-meric  48 
2 author_and_software_defined_assembly PISA octameric 8  
# 
loop_
_pdbx_struct_assembly_gen.assembly_id 
_pdbx_struct_assembly_gen.oper_expression 
_pdbx_struct_assembly_gen.asym_id_list 
1 1,2,3,4,5,6,7,8,9,10,11,12,13,14,15,16,17,18,19,20,21,22,23,24 A,B,C,D 
2 1,3,21,23                                                      A,B,C,D 
# 
loop_
_pdbx_struct_assembly_prop.biol_id 
_pdbx_struct_assembly_prop.type 
_pdbx_struct_assembly_prop.value 
_pdbx_struct_assembly_prop.details 
1 'ABSA (A^2)' 127190 ? 
1 MORE         -889   ? 
1 'SSA (A^2)'  179220 ? 
2 'ABSA (A^2)' 16740  ? 
2 MORE         -142   ? 
2 'SSA (A^2)'  34330  ? 
# 
loop_
_pdbx_struct_oper_list.id 
_pdbx_struct_oper_list.type 
_pdbx_struct_oper_list.name 
_pdbx_struct_oper_list.symmetry_operation 
_pdbx_struct_oper_list.matrix[1][1] 
_pdbx_struct_oper_list.matrix[1][2] 
_pdbx_struct_oper_list.matrix[1][3] 
_pdbx_struct_oper_list.vector[1] 
_pdbx_struct_oper_list.matrix[2][1] 
_pdbx_struct_oper_list.matrix[2][2] 
_pdbx_struct_oper_list.matrix[2][3] 
_pdbx_struct_oper_list.vector[2] 
_pdbx_struct_oper_list.matrix[3][1] 
_pdbx_struct_oper_list.matrix[3][2] 
_pdbx_struct_oper_list.matrix[3][3] 
_pdbx_struct_oper_list.vector[3] 
1  'identity operation'         1_555  x,y,z          1.0000000000  0.0000000000  0.0000000000  0.0000000000   0.0000000000  1.0000000000  0.0000000000  0.0000000000   0.0000000000  0.0000000000  1.0000000000  0.0000000000   
2  'crystal symmetry operation' 2_665  -x+1,-y+1,z    0.3887007028  0.8593831571  -0.3322233479 46.2980229009  0.8593831571  -0.4681795658 -0.2055930043 -67.2236520781 -0.3322233479 -0.2055930043 -0.9205211370 19.6350516158  
3  'crystal symmetry operation' 3_654  -x+1,y,-z-1    -0.4393727198 -0.6782189422 0.5890421712  -18.9599886484 -0.6782189422 -0.1795245258 -0.7125938613 -31.6170436721 0.5890421712  -0.7125938613 -0.3811027544 -18.3582629139 
4  'crystal symmetry operation' 4_564  x,-y+1,-z-1    -0.9493279830 -0.1811642149 -0.2568188233 17.8561507454  -0.1811642149 -0.3522959084 0.9181868656  -64.9407627771 -0.2568188233 0.9181868656  0.3016238914  49.3334145683  
5  'crystal symmetry operation' 5_654  z+1,x,y-1      -0.3928140077 0.9170895023  -0.0681469010 54.1495696828  -0.6452682417 -0.3276668524 -0.6901183450 -38.3394528794 -0.6552297701 -0.2271151219 0.7204808601  1.6404625039   
6  'crystal symmetry operation' 6_665  z+1,-x+1,-y    0.6580841826  -0.7529297810 0.0046854615  -27.0251157876 -0.3031341661 -0.2592422302 0.9170077118  -59.7376435513 -0.6892277461 -0.6048885939 -0.3988419524 0.7188064153   
7  'crystal symmetry operation' 7_564  -z,-x+1,y-1    -0.4895371117 0.1503349061  -0.8589253939 33.8527186896  0.0992343201  0.9882314768  0.1164091836  -3.0759431401  0.8663174741  -0.0282482619 -0.4986943651 8.0175431802   
8  'crystal symmetry operation' 8_555  -z,x,-y        0.2242669368  -0.3144946275 0.9223868334  -15.7829875870 0.8491680877  -0.4013223942 -0.3432985503 -62.6284189565 0.4781400420  0.8602519777  0.1770554574  40.2333911708  
9  'crystal symmetry operation' 9_564  y,z+1,x-1      -0.3928140077 -0.6452682417 -0.6552297701 -2.3936419952  0.9170895023  -0.3276668524 -0.2271151219 -61.8499959171 -0.0681469010 -0.6901183450 0.7204808601  -23.9505562401 
10 'crystal symmetry operation' 10_665 -y+1,z+1,-x    -0.4895371117 0.0992343201  0.8663174741  9.9316635010   0.1503349061  0.9882314768  -0.0282482619 -1.8230197943  -0.8589253939 0.1164091836  -0.4986943651 33.4333313694  
11 'crystal symmetry operation' 11_555 y,-z,-x        0.2242669368  0.8491680877  0.4781400420  37.4844616979  -0.3144946275 -0.4013223942 0.8602519777  -64.7087061682 0.9223868334  -0.3432985503 0.1770554574  -14.0657669724 
12 'crystal symmetry operation' 12_654 -y+1,-z,x-1    0.6580841826  -0.3031341661 -0.6892277461 0.1717017942   -0.7529297810 -0.2592422302 -0.6048885939 -35.3997366477 0.0046854615  0.9170077118  -0.3988419524 55.1931951134  
13 'crystal symmetry operation' 13_554 y,x,-z-1       -0.8628974223 -0.0264442181 0.5046867761  13.5796894489  -0.0264442181 -0.9948994637 -0.0973435176 -80.1514609216 0.5046867761  -0.0973435176 0.8577968860  -7.8887605768  
14 'crystal symmetry operation' 14_664 -y+1,-x+1,-z-1 -0.5258032805 -0.8329389390 -0.1724634282 -14.6835273518 -0.8329389390 0.4630790295  0.3029365219  -16.4063455277 -0.1724634282 0.3029365219  -0.9372757490 38.8639122312  
15 'crystal symmetry operation' 15_565 y,-x+1,z       0.6943503514  0.2303440642  -0.6817765042 21.5111302539  0.6290390930  0.2659102171  0.7304803734  -46.4072411637 0.3495531562  -0.9360733778 0.0397394315  -30.1275626358 
16 'crystal symmetry operation' 16_655 -y+1,x,z       0.6943503514  0.6290390930  0.3495531562  24.7868926470  0.2303440642  0.2659102171  -0.9360733778 -20.8164109143 -0.6817765042 0.7304803734  0.0397394315  49.7626142516  
17 'crystal symmetry operation' 17_565 x,z+1,-y       0.0253360085  -0.8973112725 0.4406705878  -31.3040580606 0.7161470576  0.3238520458  0.6182663216  -43.5991912345 -0.6974894111 0.2999205440  0.6508119457  24.5790920067  
18 'crystal symmetry operation' 18_664 -x+1,z+1,y-1   -0.9076871280 0.3512773509  -0.2295828838 38.8420795664  0.3512773509  0.3367125786  -0.8736297054 -20.0738244769 -0.2295828838 -0.8736297054 -0.4290254506 -15.0963168774 
19 'crystal symmetry operation' 19_655 -x+1,-z,-y     0.8570151109  -0.1701131359 0.4864017071  -11.5040453139 -0.1701131359 -0.9844166701 -0.0445571602 -78.7668712733 0.4864017071  -0.0445571602 -0.8725984408 16.3731055794  
20 'crystal symmetry operation' 20_554 x,-z,y-1       0.0253360085  0.7161470576  -0.6974894111 49.1602088060  -0.8973112725 0.3238520458  0.2999205440  -21.3415715426 0.4406705878  0.6182663216  0.6508119457  24.7543225616  
21 'crystal symmetry operation' 21_655 z+1,y,-x       0.2803136401  0.2171715935  0.9350191240  5.1932027240   -0.8953905357 0.4102377371  0.1731496107  -16.2222037690 -0.3459769527 -0.8857434719 0.3094486228  -23.6208164340 
22 'crystal symmetry operation' 22_664 z+1,-y+1,x-1   -0.0150434652 -0.0530118721 -0.9984805634 21.9312511713  -0.0530118721 -0.9971468197 0.0537397561  -81.8548926617 -0.9984805634 0.0537397561  0.0121902849  25.9800853532  
23 'crystal symmetry operation' 23_554 -z,y,x-1       0.2803136401  -0.8953905357 -0.3459769527 -24.1531913723 0.2171715935  0.4102377371  -0.8857434719 -15.3948399031 0.9350191240  0.1731496107  0.3094486228  5.2625535201   
24 'crystal symmetry operation' 24_565 -z,-y+1,-x     -0.5455838150 0.7312308143  0.4094383922  42.2229224749  0.7312308143  0.1766713455  0.6588541051  -50.3095221935 0.4094383922  0.6588541051  -0.6310875305 42.9883808309    
# 
loop_
_pdbx_audit_revision_history.ordinal 
_pdbx_audit_revision_history.data_content_type 
_pdbx_audit_revision_history.major_revision 
_pdbx_audit_revision_history.minor_revision 
_pdbx_audit_revision_history.revision_date 
1 'Structure model' 1 0 2010-08-11 
2 'Structure model' 1 1 2011-07-13 
3 'Structure model' 1 2 2019-07-17 
4 'Structure model' 1 3 2023-09-06 
# 
_pdbx_audit_revision_details.ordinal             1 
_pdbx_audit_revision_details.revision_ordinal    1 
_pdbx_audit_revision_details.data_content_type   'Structure model' 
_pdbx_audit_revision_details.provider            repository 
_pdbx_audit_revision_details.type                'Initial release' 
_pdbx_audit_revision_details.description         ? 
_pdbx_audit_revision_details.details             ? 
# 
loop_
_pdbx_audit_revision_group.ordinal 
_pdbx_audit_revision_group.revision_ordinal 
_pdbx_audit_revision_group.data_content_type 
_pdbx_audit_revision_group.group 
1 2 'Structure model' 'Version format compliance' 
2 3 'Structure model' 'Data collection'           
3 3 'Structure model' 'Database references'       
4 3 'Structure model' 'Refinement description'    
5 4 'Structure model' 'Data collection'           
6 4 'Structure model' 'Database references'       
7 4 'Structure model' 'Refinement description'    
# 
loop_
_pdbx_audit_revision_category.ordinal 
_pdbx_audit_revision_category.revision_ordinal 
_pdbx_audit_revision_category.data_content_type 
_pdbx_audit_revision_category.category 
1 3 'Structure model' software                      
2 3 'Structure model' struct_ref_seq                
3 4 'Structure model' chem_comp_atom                
4 4 'Structure model' chem_comp_bond                
5 4 'Structure model' database_2                    
6 4 'Structure model' pdbx_initial_refinement_model 
# 
loop_
_pdbx_audit_revision_item.ordinal 
_pdbx_audit_revision_item.revision_ordinal 
_pdbx_audit_revision_item.data_content_type 
_pdbx_audit_revision_item.item 
1 3 'Structure model' '_software.classification'            
2 3 'Structure model' '_software.name'                      
3 3 'Structure model' '_software.version'                   
4 3 'Structure model' '_struct_ref_seq.db_align_beg'        
5 3 'Structure model' '_struct_ref_seq.db_align_end'        
6 4 'Structure model' '_database_2.pdbx_DOI'                
7 4 'Structure model' '_database_2.pdbx_database_accession' 
# 
loop_
_software.name 
_software.classification 
_software.version 
_software.citation_id 
_software.pdbx_ordinal 
PHENIX   refinement        '(phenix.refine)' ? 1 
PHENIX   'model building'  .                 ? 2 
CNS      refinement        .                 ? 3 
CBASS    'data collection' .                 ? 4 
HKL-2000 'data reduction'  .                 ? 5 
HKL-2000 'data scaling'    .                 ? 6 
PHENIX   phasing           .                 ? 7 
CNS      phasing           .                 ? 8 
# 
_pdbx_entry_details.entry_id                 3N1I 
_pdbx_entry_details.nonpolymer_details       ? 
_pdbx_entry_details.sequence_details         
;THE SEQUENCE OF THE CRYSTALLIZED DNA IS A 32-MER OLIGONUCLEOTIDE WITH SEQUENCE TGTCATTTTTGTCATTTTTGTCATTTTTGTCA. ONLY 9 RESIDUES OF  THYMIDINE WERE MODELED IN THE COORDINATES OF THE ASYMMETRIC UNIT. ACCORDING TO THE AUTHORS, THE 32-MER DNA BINDS A TETRAMER THAT INCLUDE FOUR MONOMERS OF FOUR ASYMMETRIC UNITS; THE STWHY2-DNA BINDING IS NOT SEQUENCE SPECIFIC THUS EACH TETRAMERIC PROTEIN BINDS A 32-MER DNA IN DIFFERENT SEQUENCE REGISTERS; AS A RESULT ONLY THREE OF THE FOUR DNA-BINDING SITES OF EACH TETRAMER WOULD BE PHYSICALLY OCCUPIED BY THE DNA.
;
_pdbx_entry_details.compound_details         ? 
_pdbx_entry_details.source_details           ? 
_pdbx_entry_details.has_ligand_of_interest   ? 
# 
loop_
_pdbx_validate_torsion.id 
_pdbx_validate_torsion.PDB_model_num 
_pdbx_validate_torsion.auth_comp_id 
_pdbx_validate_torsion.auth_asym_id 
_pdbx_validate_torsion.auth_seq_id 
_pdbx_validate_torsion.PDB_ins_code 
_pdbx_validate_torsion.label_alt_id 
_pdbx_validate_torsion.phi 
_pdbx_validate_torsion.psi 
1 1 ASN A 90  ? ? -103.21 -92.03 
2 1 LEU A 144 ? ? 66.12   -6.88  
# 
loop_
_pdbx_unobs_or_zero_occ_residues.id 
_pdbx_unobs_or_zero_occ_residues.PDB_model_num 
_pdbx_unobs_or_zero_occ_residues.polymer_flag 
_pdbx_unobs_or_zero_occ_residues.occupancy_flag 
_pdbx_unobs_or_zero_occ_residues.auth_asym_id 
_pdbx_unobs_or_zero_occ_residues.auth_comp_id 
_pdbx_unobs_or_zero_occ_residues.auth_seq_id 
_pdbx_unobs_or_zero_occ_residues.PDB_ins_code 
_pdbx_unobs_or_zero_occ_residues.label_asym_id 
_pdbx_unobs_or_zero_occ_residues.label_comp_id 
_pdbx_unobs_or_zero_occ_residues.label_seq_id 
1  1 Y 1 A MET 47  ? A MET 1   
2  1 Y 1 A ALA 48  ? A ALA 2   
3  1 Y 1 A ASP 49  ? A ASP 3   
4  1 Y 1 A ALA 50  ? A ALA 4   
5  1 Y 1 A GLY 51  ? A GLY 5   
6  1 Y 1 A LYS 52  ? A LYS 6   
7  1 Y 1 A ARG 53  ? A ARG 7   
8  1 Y 1 A GLU 54  ? A GLU 8   
9  1 Y 1 A PRO 216 ? A PRO 170 
10 1 Y 1 A LEU 217 ? A LEU 171 
11 1 Y 1 A GLU 218 ? A GLU 172 
12 1 Y 1 A HIS 219 ? A HIS 173 
13 1 Y 1 A HIS 220 ? A HIS 174 
14 1 Y 1 A HIS 221 ? A HIS 175 
15 1 Y 1 A HIS 222 ? A HIS 176 
16 1 Y 1 A HIS 223 ? A HIS 177 
17 1 Y 1 A HIS 224 ? A HIS 178 
# 
loop_
_chem_comp_atom.comp_id 
_chem_comp_atom.atom_id 
_chem_comp_atom.type_symbol 
_chem_comp_atom.pdbx_aromatic_flag 
_chem_comp_atom.pdbx_stereo_config 
_chem_comp_atom.pdbx_ordinal 
ALA N      N N N 1   
ALA CA     C N S 2   
ALA C      C N N 3   
ALA O      O N N 4   
ALA CB     C N N 5   
ALA OXT    O N N 6   
ALA H      H N N 7   
ALA H2     H N N 8   
ALA HA     H N N 9   
ALA HB1    H N N 10  
ALA HB2    H N N 11  
ALA HB3    H N N 12  
ALA HXT    H N N 13  
ARG N      N N N 14  
ARG CA     C N S 15  
ARG C      C N N 16  
ARG O      O N N 17  
ARG CB     C N N 18  
ARG CG     C N N 19  
ARG CD     C N N 20  
ARG NE     N N N 21  
ARG CZ     C N N 22  
ARG NH1    N N N 23  
ARG NH2    N N N 24  
ARG OXT    O N N 25  
ARG H      H N N 26  
ARG H2     H N N 27  
ARG HA     H N N 28  
ARG HB2    H N N 29  
ARG HB3    H N N 30  
ARG HG2    H N N 31  
ARG HG3    H N N 32  
ARG HD2    H N N 33  
ARG HD3    H N N 34  
ARG HE     H N N 35  
ARG HH11   H N N 36  
ARG HH12   H N N 37  
ARG HH21   H N N 38  
ARG HH22   H N N 39  
ARG HXT    H N N 40  
ASN N      N N N 41  
ASN CA     C N S 42  
ASN C      C N N 43  
ASN O      O N N 44  
ASN CB     C N N 45  
ASN CG     C N N 46  
ASN OD1    O N N 47  
ASN ND2    N N N 48  
ASN OXT    O N N 49  
ASN H      H N N 50  
ASN H2     H N N 51  
ASN HA     H N N 52  
ASN HB2    H N N 53  
ASN HB3    H N N 54  
ASN HD21   H N N 55  
ASN HD22   H N N 56  
ASN HXT    H N N 57  
ASP N      N N N 58  
ASP CA     C N S 59  
ASP C      C N N 60  
ASP O      O N N 61  
ASP CB     C N N 62  
ASP CG     C N N 63  
ASP OD1    O N N 64  
ASP OD2    O N N 65  
ASP OXT    O N N 66  
ASP H      H N N 67  
ASP H2     H N N 68  
ASP HA     H N N 69  
ASP HB2    H N N 70  
ASP HB3    H N N 71  
ASP HD2    H N N 72  
ASP HXT    H N N 73  
DT  OP3    O N N 74  
DT  P      P N N 75  
DT  OP1    O N N 76  
DT  OP2    O N N 77  
DT  "O5'"  O N N 78  
DT  "C5'"  C N N 79  
DT  "C4'"  C N R 80  
DT  "O4'"  O N N 81  
DT  "C3'"  C N S 82  
DT  "O3'"  O N N 83  
DT  "C2'"  C N N 84  
DT  "C1'"  C N R 85  
DT  N1     N N N 86  
DT  C2     C N N 87  
DT  O2     O N N 88  
DT  N3     N N N 89  
DT  C4     C N N 90  
DT  O4     O N N 91  
DT  C5     C N N 92  
DT  C7     C N N 93  
DT  C6     C N N 94  
DT  HOP3   H N N 95  
DT  HOP2   H N N 96  
DT  "H5'"  H N N 97  
DT  "H5''" H N N 98  
DT  "H4'"  H N N 99  
DT  "H3'"  H N N 100 
DT  "HO3'" H N N 101 
DT  "H2'"  H N N 102 
DT  "H2''" H N N 103 
DT  "H1'"  H N N 104 
DT  H3     H N N 105 
DT  H71    H N N 106 
DT  H72    H N N 107 
DT  H73    H N N 108 
DT  H6     H N N 109 
GLN N      N N N 110 
GLN CA     C N S 111 
GLN C      C N N 112 
GLN O      O N N 113 
GLN CB     C N N 114 
GLN CG     C N N 115 
GLN CD     C N N 116 
GLN OE1    O N N 117 
GLN NE2    N N N 118 
GLN OXT    O N N 119 
GLN H      H N N 120 
GLN H2     H N N 121 
GLN HA     H N N 122 
GLN HB2    H N N 123 
GLN HB3    H N N 124 
GLN HG2    H N N 125 
GLN HG3    H N N 126 
GLN HE21   H N N 127 
GLN HE22   H N N 128 
GLN HXT    H N N 129 
GLU N      N N N 130 
GLU CA     C N S 131 
GLU C      C N N 132 
GLU O      O N N 133 
GLU CB     C N N 134 
GLU CG     C N N 135 
GLU CD     C N N 136 
GLU OE1    O N N 137 
GLU OE2    O N N 138 
GLU OXT    O N N 139 
GLU H      H N N 140 
GLU H2     H N N 141 
GLU HA     H N N 142 
GLU HB2    H N N 143 
GLU HB3    H N N 144 
GLU HG2    H N N 145 
GLU HG3    H N N 146 
GLU HE2    H N N 147 
GLU HXT    H N N 148 
GLY N      N N N 149 
GLY CA     C N N 150 
GLY C      C N N 151 
GLY O      O N N 152 
GLY OXT    O N N 153 
GLY H      H N N 154 
GLY H2     H N N 155 
GLY HA2    H N N 156 
GLY HA3    H N N 157 
GLY HXT    H N N 158 
HIS N      N N N 159 
HIS CA     C N S 160 
HIS C      C N N 161 
HIS O      O N N 162 
HIS CB     C N N 163 
HIS CG     C Y N 164 
HIS ND1    N Y N 165 
HIS CD2    C Y N 166 
HIS CE1    C Y N 167 
HIS NE2    N Y N 168 
HIS OXT    O N N 169 
HIS H      H N N 170 
HIS H2     H N N 171 
HIS HA     H N N 172 
HIS HB2    H N N 173 
HIS HB3    H N N 174 
HIS HD1    H N N 175 
HIS HD2    H N N 176 
HIS HE1    H N N 177 
HIS HE2    H N N 178 
HIS HXT    H N N 179 
HOH O      O N N 180 
HOH H1     H N N 181 
HOH H2     H N N 182 
ILE N      N N N 183 
ILE CA     C N S 184 
ILE C      C N N 185 
ILE O      O N N 186 
ILE CB     C N S 187 
ILE CG1    C N N 188 
ILE CG2    C N N 189 
ILE CD1    C N N 190 
ILE OXT    O N N 191 
ILE H      H N N 192 
ILE H2     H N N 193 
ILE HA     H N N 194 
ILE HB     H N N 195 
ILE HG12   H N N 196 
ILE HG13   H N N 197 
ILE HG21   H N N 198 
ILE HG22   H N N 199 
ILE HG23   H N N 200 
ILE HD11   H N N 201 
ILE HD12   H N N 202 
ILE HD13   H N N 203 
ILE HXT    H N N 204 
LEU N      N N N 205 
LEU CA     C N S 206 
LEU C      C N N 207 
LEU O      O N N 208 
LEU CB     C N N 209 
LEU CG     C N N 210 
LEU CD1    C N N 211 
LEU CD2    C N N 212 
LEU OXT    O N N 213 
LEU H      H N N 214 
LEU H2     H N N 215 
LEU HA     H N N 216 
LEU HB2    H N N 217 
LEU HB3    H N N 218 
LEU HG     H N N 219 
LEU HD11   H N N 220 
LEU HD12   H N N 221 
LEU HD13   H N N 222 
LEU HD21   H N N 223 
LEU HD22   H N N 224 
LEU HD23   H N N 225 
LEU HXT    H N N 226 
LYS N      N N N 227 
LYS CA     C N S 228 
LYS C      C N N 229 
LYS O      O N N 230 
LYS CB     C N N 231 
LYS CG     C N N 232 
LYS CD     C N N 233 
LYS CE     C N N 234 
LYS NZ     N N N 235 
LYS OXT    O N N 236 
LYS H      H N N 237 
LYS H2     H N N 238 
LYS HA     H N N 239 
LYS HB2    H N N 240 
LYS HB3    H N N 241 
LYS HG2    H N N 242 
LYS HG3    H N N 243 
LYS HD2    H N N 244 
LYS HD3    H N N 245 
LYS HE2    H N N 246 
LYS HE3    H N N 247 
LYS HZ1    H N N 248 
LYS HZ2    H N N 249 
LYS HZ3    H N N 250 
LYS HXT    H N N 251 
MET N      N N N 252 
MET CA     C N S 253 
MET C      C N N 254 
MET O      O N N 255 
MET CB     C N N 256 
MET CG     C N N 257 
MET SD     S N N 258 
MET CE     C N N 259 
MET OXT    O N N 260 
MET H      H N N 261 
MET H2     H N N 262 
MET HA     H N N 263 
MET HB2    H N N 264 
MET HB3    H N N 265 
MET HG2    H N N 266 
MET HG3    H N N 267 
MET HE1    H N N 268 
MET HE2    H N N 269 
MET HE3    H N N 270 
MET HXT    H N N 271 
PHE N      N N N 272 
PHE CA     C N S 273 
PHE C      C N N 274 
PHE O      O N N 275 
PHE CB     C N N 276 
PHE CG     C Y N 277 
PHE CD1    C Y N 278 
PHE CD2    C Y N 279 
PHE CE1    C Y N 280 
PHE CE2    C Y N 281 
PHE CZ     C Y N 282 
PHE OXT    O N N 283 
PHE H      H N N 284 
PHE H2     H N N 285 
PHE HA     H N N 286 
PHE HB2    H N N 287 
PHE HB3    H N N 288 
PHE HD1    H N N 289 
PHE HD2    H N N 290 
PHE HE1    H N N 291 
PHE HE2    H N N 292 
PHE HZ     H N N 293 
PHE HXT    H N N 294 
PRO N      N N N 295 
PRO CA     C N S 296 
PRO C      C N N 297 
PRO O      O N N 298 
PRO CB     C N N 299 
PRO CG     C N N 300 
PRO CD     C N N 301 
PRO OXT    O N N 302 
PRO H      H N N 303 
PRO HA     H N N 304 
PRO HB2    H N N 305 
PRO HB3    H N N 306 
PRO HG2    H N N 307 
PRO HG3    H N N 308 
PRO HD2    H N N 309 
PRO HD3    H N N 310 
PRO HXT    H N N 311 
SER N      N N N 312 
SER CA     C N S 313 
SER C      C N N 314 
SER O      O N N 315 
SER CB     C N N 316 
SER OG     O N N 317 
SER OXT    O N N 318 
SER H      H N N 319 
SER H2     H N N 320 
SER HA     H N N 321 
SER HB2    H N N 322 
SER HB3    H N N 323 
SER HG     H N N 324 
SER HXT    H N N 325 
THR N      N N N 326 
THR CA     C N S 327 
THR C      C N N 328 
THR O      O N N 329 
THR CB     C N R 330 
THR OG1    O N N 331 
THR CG2    C N N 332 
THR OXT    O N N 333 
THR H      H N N 334 
THR H2     H N N 335 
THR HA     H N N 336 
THR HB     H N N 337 
THR HG1    H N N 338 
THR HG21   H N N 339 
THR HG22   H N N 340 
THR HG23   H N N 341 
THR HXT    H N N 342 
TRP N      N N N 343 
TRP CA     C N S 344 
TRP C      C N N 345 
TRP O      O N N 346 
TRP CB     C N N 347 
TRP CG     C Y N 348 
TRP CD1    C Y N 349 
TRP CD2    C Y N 350 
TRP NE1    N Y N 351 
TRP CE2    C Y N 352 
TRP CE3    C Y N 353 
TRP CZ2    C Y N 354 
TRP CZ3    C Y N 355 
TRP CH2    C Y N 356 
TRP OXT    O N N 357 
TRP H      H N N 358 
TRP H2     H N N 359 
TRP HA     H N N 360 
TRP HB2    H N N 361 
TRP HB3    H N N 362 
TRP HD1    H N N 363 
TRP HE1    H N N 364 
TRP HE3    H N N 365 
TRP HZ2    H N N 366 
TRP HZ3    H N N 367 
TRP HH2    H N N 368 
TRP HXT    H N N 369 
TYR N      N N N 370 
TYR CA     C N S 371 
TYR C      C N N 372 
TYR O      O N N 373 
TYR CB     C N N 374 
TYR CG     C Y N 375 
TYR CD1    C Y N 376 
TYR CD2    C Y N 377 
TYR CE1    C Y N 378 
TYR CE2    C Y N 379 
TYR CZ     C Y N 380 
TYR OH     O N N 381 
TYR OXT    O N N 382 
TYR H      H N N 383 
TYR H2     H N N 384 
TYR HA     H N N 385 
TYR HB2    H N N 386 
TYR HB3    H N N 387 
TYR HD1    H N N 388 
TYR HD2    H N N 389 
TYR HE1    H N N 390 
TYR HE2    H N N 391 
TYR HH     H N N 392 
TYR HXT    H N N 393 
VAL N      N N N 394 
VAL CA     C N S 395 
VAL C      C N N 396 
VAL O      O N N 397 
VAL CB     C N N 398 
VAL CG1    C N N 399 
VAL CG2    C N N 400 
VAL OXT    O N N 401 
VAL H      H N N 402 
VAL H2     H N N 403 
VAL HA     H N N 404 
VAL HB     H N N 405 
VAL HG11   H N N 406 
VAL HG12   H N N 407 
VAL HG13   H N N 408 
VAL HG21   H N N 409 
VAL HG22   H N N 410 
VAL HG23   H N N 411 
VAL HXT    H N N 412 
# 
loop_
_chem_comp_bond.comp_id 
_chem_comp_bond.atom_id_1 
_chem_comp_bond.atom_id_2 
_chem_comp_bond.value_order 
_chem_comp_bond.pdbx_aromatic_flag 
_chem_comp_bond.pdbx_stereo_config 
_chem_comp_bond.pdbx_ordinal 
ALA N     CA     sing N N 1   
ALA N     H      sing N N 2   
ALA N     H2     sing N N 3   
ALA CA    C      sing N N 4   
ALA CA    CB     sing N N 5   
ALA CA    HA     sing N N 6   
ALA C     O      doub N N 7   
ALA C     OXT    sing N N 8   
ALA CB    HB1    sing N N 9   
ALA CB    HB2    sing N N 10  
ALA CB    HB3    sing N N 11  
ALA OXT   HXT    sing N N 12  
ARG N     CA     sing N N 13  
ARG N     H      sing N N 14  
ARG N     H2     sing N N 15  
ARG CA    C      sing N N 16  
ARG CA    CB     sing N N 17  
ARG CA    HA     sing N N 18  
ARG C     O      doub N N 19  
ARG C     OXT    sing N N 20  
ARG CB    CG     sing N N 21  
ARG CB    HB2    sing N N 22  
ARG CB    HB3    sing N N 23  
ARG CG    CD     sing N N 24  
ARG CG    HG2    sing N N 25  
ARG CG    HG3    sing N N 26  
ARG CD    NE     sing N N 27  
ARG CD    HD2    sing N N 28  
ARG CD    HD3    sing N N 29  
ARG NE    CZ     sing N N 30  
ARG NE    HE     sing N N 31  
ARG CZ    NH1    sing N N 32  
ARG CZ    NH2    doub N N 33  
ARG NH1   HH11   sing N N 34  
ARG NH1   HH12   sing N N 35  
ARG NH2   HH21   sing N N 36  
ARG NH2   HH22   sing N N 37  
ARG OXT   HXT    sing N N 38  
ASN N     CA     sing N N 39  
ASN N     H      sing N N 40  
ASN N     H2     sing N N 41  
ASN CA    C      sing N N 42  
ASN CA    CB     sing N N 43  
ASN CA    HA     sing N N 44  
ASN C     O      doub N N 45  
ASN C     OXT    sing N N 46  
ASN CB    CG     sing N N 47  
ASN CB    HB2    sing N N 48  
ASN CB    HB3    sing N N 49  
ASN CG    OD1    doub N N 50  
ASN CG    ND2    sing N N 51  
ASN ND2   HD21   sing N N 52  
ASN ND2   HD22   sing N N 53  
ASN OXT   HXT    sing N N 54  
ASP N     CA     sing N N 55  
ASP N     H      sing N N 56  
ASP N     H2     sing N N 57  
ASP CA    C      sing N N 58  
ASP CA    CB     sing N N 59  
ASP CA    HA     sing N N 60  
ASP C     O      doub N N 61  
ASP C     OXT    sing N N 62  
ASP CB    CG     sing N N 63  
ASP CB    HB2    sing N N 64  
ASP CB    HB3    sing N N 65  
ASP CG    OD1    doub N N 66  
ASP CG    OD2    sing N N 67  
ASP OD2   HD2    sing N N 68  
ASP OXT   HXT    sing N N 69  
DT  OP3   P      sing N N 70  
DT  OP3   HOP3   sing N N 71  
DT  P     OP1    doub N N 72  
DT  P     OP2    sing N N 73  
DT  P     "O5'"  sing N N 74  
DT  OP2   HOP2   sing N N 75  
DT  "O5'" "C5'"  sing N N 76  
DT  "C5'" "C4'"  sing N N 77  
DT  "C5'" "H5'"  sing N N 78  
DT  "C5'" "H5''" sing N N 79  
DT  "C4'" "O4'"  sing N N 80  
DT  "C4'" "C3'"  sing N N 81  
DT  "C4'" "H4'"  sing N N 82  
DT  "O4'" "C1'"  sing N N 83  
DT  "C3'" "O3'"  sing N N 84  
DT  "C3'" "C2'"  sing N N 85  
DT  "C3'" "H3'"  sing N N 86  
DT  "O3'" "HO3'" sing N N 87  
DT  "C2'" "C1'"  sing N N 88  
DT  "C2'" "H2'"  sing N N 89  
DT  "C2'" "H2''" sing N N 90  
DT  "C1'" N1     sing N N 91  
DT  "C1'" "H1'"  sing N N 92  
DT  N1    C2     sing N N 93  
DT  N1    C6     sing N N 94  
DT  C2    O2     doub N N 95  
DT  C2    N3     sing N N 96  
DT  N3    C4     sing N N 97  
DT  N3    H3     sing N N 98  
DT  C4    O4     doub N N 99  
DT  C4    C5     sing N N 100 
DT  C5    C7     sing N N 101 
DT  C5    C6     doub N N 102 
DT  C7    H71    sing N N 103 
DT  C7    H72    sing N N 104 
DT  C7    H73    sing N N 105 
DT  C6    H6     sing N N 106 
GLN N     CA     sing N N 107 
GLN N     H      sing N N 108 
GLN N     H2     sing N N 109 
GLN CA    C      sing N N 110 
GLN CA    CB     sing N N 111 
GLN CA    HA     sing N N 112 
GLN C     O      doub N N 113 
GLN C     OXT    sing N N 114 
GLN CB    CG     sing N N 115 
GLN CB    HB2    sing N N 116 
GLN CB    HB3    sing N N 117 
GLN CG    CD     sing N N 118 
GLN CG    HG2    sing N N 119 
GLN CG    HG3    sing N N 120 
GLN CD    OE1    doub N N 121 
GLN CD    NE2    sing N N 122 
GLN NE2   HE21   sing N N 123 
GLN NE2   HE22   sing N N 124 
GLN OXT   HXT    sing N N 125 
GLU N     CA     sing N N 126 
GLU N     H      sing N N 127 
GLU N     H2     sing N N 128 
GLU CA    C      sing N N 129 
GLU CA    CB     sing N N 130 
GLU CA    HA     sing N N 131 
GLU C     O      doub N N 132 
GLU C     OXT    sing N N 133 
GLU CB    CG     sing N N 134 
GLU CB    HB2    sing N N 135 
GLU CB    HB3    sing N N 136 
GLU CG    CD     sing N N 137 
GLU CG    HG2    sing N N 138 
GLU CG    HG3    sing N N 139 
GLU CD    OE1    doub N N 140 
GLU CD    OE2    sing N N 141 
GLU OE2   HE2    sing N N 142 
GLU OXT   HXT    sing N N 143 
GLY N     CA     sing N N 144 
GLY N     H      sing N N 145 
GLY N     H2     sing N N 146 
GLY CA    C      sing N N 147 
GLY CA    HA2    sing N N 148 
GLY CA    HA3    sing N N 149 
GLY C     O      doub N N 150 
GLY C     OXT    sing N N 151 
GLY OXT   HXT    sing N N 152 
HIS N     CA     sing N N 153 
HIS N     H      sing N N 154 
HIS N     H2     sing N N 155 
HIS CA    C      sing N N 156 
HIS CA    CB     sing N N 157 
HIS CA    HA     sing N N 158 
HIS C     O      doub N N 159 
HIS C     OXT    sing N N 160 
HIS CB    CG     sing N N 161 
HIS CB    HB2    sing N N 162 
HIS CB    HB3    sing N N 163 
HIS CG    ND1    sing Y N 164 
HIS CG    CD2    doub Y N 165 
HIS ND1   CE1    doub Y N 166 
HIS ND1   HD1    sing N N 167 
HIS CD2   NE2    sing Y N 168 
HIS CD2   HD2    sing N N 169 
HIS CE1   NE2    sing Y N 170 
HIS CE1   HE1    sing N N 171 
HIS NE2   HE2    sing N N 172 
HIS OXT   HXT    sing N N 173 
HOH O     H1     sing N N 174 
HOH O     H2     sing N N 175 
ILE N     CA     sing N N 176 
ILE N     H      sing N N 177 
ILE N     H2     sing N N 178 
ILE CA    C      sing N N 179 
ILE CA    CB     sing N N 180 
ILE CA    HA     sing N N 181 
ILE C     O      doub N N 182 
ILE C     OXT    sing N N 183 
ILE CB    CG1    sing N N 184 
ILE CB    CG2    sing N N 185 
ILE CB    HB     sing N N 186 
ILE CG1   CD1    sing N N 187 
ILE CG1   HG12   sing N N 188 
ILE CG1   HG13   sing N N 189 
ILE CG2   HG21   sing N N 190 
ILE CG2   HG22   sing N N 191 
ILE CG2   HG23   sing N N 192 
ILE CD1   HD11   sing N N 193 
ILE CD1   HD12   sing N N 194 
ILE CD1   HD13   sing N N 195 
ILE OXT   HXT    sing N N 196 
LEU N     CA     sing N N 197 
LEU N     H      sing N N 198 
LEU N     H2     sing N N 199 
LEU CA    C      sing N N 200 
LEU CA    CB     sing N N 201 
LEU CA    HA     sing N N 202 
LEU C     O      doub N N 203 
LEU C     OXT    sing N N 204 
LEU CB    CG     sing N N 205 
LEU CB    HB2    sing N N 206 
LEU CB    HB3    sing N N 207 
LEU CG    CD1    sing N N 208 
LEU CG    CD2    sing N N 209 
LEU CG    HG     sing N N 210 
LEU CD1   HD11   sing N N 211 
LEU CD1   HD12   sing N N 212 
LEU CD1   HD13   sing N N 213 
LEU CD2   HD21   sing N N 214 
LEU CD2   HD22   sing N N 215 
LEU CD2   HD23   sing N N 216 
LEU OXT   HXT    sing N N 217 
LYS N     CA     sing N N 218 
LYS N     H      sing N N 219 
LYS N     H2     sing N N 220 
LYS CA    C      sing N N 221 
LYS CA    CB     sing N N 222 
LYS CA    HA     sing N N 223 
LYS C     O      doub N N 224 
LYS C     OXT    sing N N 225 
LYS CB    CG     sing N N 226 
LYS CB    HB2    sing N N 227 
LYS CB    HB3    sing N N 228 
LYS CG    CD     sing N N 229 
LYS CG    HG2    sing N N 230 
LYS CG    HG3    sing N N 231 
LYS CD    CE     sing N N 232 
LYS CD    HD2    sing N N 233 
LYS CD    HD3    sing N N 234 
LYS CE    NZ     sing N N 235 
LYS CE    HE2    sing N N 236 
LYS CE    HE3    sing N N 237 
LYS NZ    HZ1    sing N N 238 
LYS NZ    HZ2    sing N N 239 
LYS NZ    HZ3    sing N N 240 
LYS OXT   HXT    sing N N 241 
MET N     CA     sing N N 242 
MET N     H      sing N N 243 
MET N     H2     sing N N 244 
MET CA    C      sing N N 245 
MET CA    CB     sing N N 246 
MET CA    HA     sing N N 247 
MET C     O      doub N N 248 
MET C     OXT    sing N N 249 
MET CB    CG     sing N N 250 
MET CB    HB2    sing N N 251 
MET CB    HB3    sing N N 252 
MET CG    SD     sing N N 253 
MET CG    HG2    sing N N 254 
MET CG    HG3    sing N N 255 
MET SD    CE     sing N N 256 
MET CE    HE1    sing N N 257 
MET CE    HE2    sing N N 258 
MET CE    HE3    sing N N 259 
MET OXT   HXT    sing N N 260 
PHE N     CA     sing N N 261 
PHE N     H      sing N N 262 
PHE N     H2     sing N N 263 
PHE CA    C      sing N N 264 
PHE CA    CB     sing N N 265 
PHE CA    HA     sing N N 266 
PHE C     O      doub N N 267 
PHE C     OXT    sing N N 268 
PHE CB    CG     sing N N 269 
PHE CB    HB2    sing N N 270 
PHE CB    HB3    sing N N 271 
PHE CG    CD1    doub Y N 272 
PHE CG    CD2    sing Y N 273 
PHE CD1   CE1    sing Y N 274 
PHE CD1   HD1    sing N N 275 
PHE CD2   CE2    doub Y N 276 
PHE CD2   HD2    sing N N 277 
PHE CE1   CZ     doub Y N 278 
PHE CE1   HE1    sing N N 279 
PHE CE2   CZ     sing Y N 280 
PHE CE2   HE2    sing N N 281 
PHE CZ    HZ     sing N N 282 
PHE OXT   HXT    sing N N 283 
PRO N     CA     sing N N 284 
PRO N     CD     sing N N 285 
PRO N     H      sing N N 286 
PRO CA    C      sing N N 287 
PRO CA    CB     sing N N 288 
PRO CA    HA     sing N N 289 
PRO C     O      doub N N 290 
PRO C     OXT    sing N N 291 
PRO CB    CG     sing N N 292 
PRO CB    HB2    sing N N 293 
PRO CB    HB3    sing N N 294 
PRO CG    CD     sing N N 295 
PRO CG    HG2    sing N N 296 
PRO CG    HG3    sing N N 297 
PRO CD    HD2    sing N N 298 
PRO CD    HD3    sing N N 299 
PRO OXT   HXT    sing N N 300 
SER N     CA     sing N N 301 
SER N     H      sing N N 302 
SER N     H2     sing N N 303 
SER CA    C      sing N N 304 
SER CA    CB     sing N N 305 
SER CA    HA     sing N N 306 
SER C     O      doub N N 307 
SER C     OXT    sing N N 308 
SER CB    OG     sing N N 309 
SER CB    HB2    sing N N 310 
SER CB    HB3    sing N N 311 
SER OG    HG     sing N N 312 
SER OXT   HXT    sing N N 313 
THR N     CA     sing N N 314 
THR N     H      sing N N 315 
THR N     H2     sing N N 316 
THR CA    C      sing N N 317 
THR CA    CB     sing N N 318 
THR CA    HA     sing N N 319 
THR C     O      doub N N 320 
THR C     OXT    sing N N 321 
THR CB    OG1    sing N N 322 
THR CB    CG2    sing N N 323 
THR CB    HB     sing N N 324 
THR OG1   HG1    sing N N 325 
THR CG2   HG21   sing N N 326 
THR CG2   HG22   sing N N 327 
THR CG2   HG23   sing N N 328 
THR OXT   HXT    sing N N 329 
TRP N     CA     sing N N 330 
TRP N     H      sing N N 331 
TRP N     H2     sing N N 332 
TRP CA    C      sing N N 333 
TRP CA    CB     sing N N 334 
TRP CA    HA     sing N N 335 
TRP C     O      doub N N 336 
TRP C     OXT    sing N N 337 
TRP CB    CG     sing N N 338 
TRP CB    HB2    sing N N 339 
TRP CB    HB3    sing N N 340 
TRP CG    CD1    doub Y N 341 
TRP CG    CD2    sing Y N 342 
TRP CD1   NE1    sing Y N 343 
TRP CD1   HD1    sing N N 344 
TRP CD2   CE2    doub Y N 345 
TRP CD2   CE3    sing Y N 346 
TRP NE1   CE2    sing Y N 347 
TRP NE1   HE1    sing N N 348 
TRP CE2   CZ2    sing Y N 349 
TRP CE3   CZ3    doub Y N 350 
TRP CE3   HE3    sing N N 351 
TRP CZ2   CH2    doub Y N 352 
TRP CZ2   HZ2    sing N N 353 
TRP CZ3   CH2    sing Y N 354 
TRP CZ3   HZ3    sing N N 355 
TRP CH2   HH2    sing N N 356 
TRP OXT   HXT    sing N N 357 
TYR N     CA     sing N N 358 
TYR N     H      sing N N 359 
TYR N     H2     sing N N 360 
TYR CA    C      sing N N 361 
TYR CA    CB     sing N N 362 
TYR CA    HA     sing N N 363 
TYR C     O      doub N N 364 
TYR C     OXT    sing N N 365 
TYR CB    CG     sing N N 366 
TYR CB    HB2    sing N N 367 
TYR CB    HB3    sing N N 368 
TYR CG    CD1    doub Y N 369 
TYR CG    CD2    sing Y N 370 
TYR CD1   CE1    sing Y N 371 
TYR CD1   HD1    sing N N 372 
TYR CD2   CE2    doub Y N 373 
TYR CD2   HD2    sing N N 374 
TYR CE1   CZ     doub Y N 375 
TYR CE1   HE1    sing N N 376 
TYR CE2   CZ     sing Y N 377 
TYR CE2   HE2    sing N N 378 
TYR CZ    OH     sing N N 379 
TYR OH    HH     sing N N 380 
TYR OXT   HXT    sing N N 381 
VAL N     CA     sing N N 382 
VAL N     H      sing N N 383 
VAL N     H2     sing N N 384 
VAL CA    C      sing N N 385 
VAL CA    CB     sing N N 386 
VAL CA    HA     sing N N 387 
VAL C     O      doub N N 388 
VAL C     OXT    sing N N 389 
VAL CB    CG1    sing N N 390 
VAL CB    CG2    sing N N 391 
VAL CB    HB     sing N N 392 
VAL CG1   HG11   sing N N 393 
VAL CG1   HG12   sing N N 394 
VAL CG1   HG13   sing N N 395 
VAL CG2   HG21   sing N N 396 
VAL CG2   HG22   sing N N 397 
VAL CG2   HG23   sing N N 398 
VAL OXT   HXT    sing N N 399 
# 
_pdbx_entity_nonpoly.entity_id   3 
_pdbx_entity_nonpoly.name        water 
_pdbx_entity_nonpoly.comp_id     HOH 
# 
_pdbx_initial_refinement_model.id               1 
_pdbx_initial_refinement_model.entity_id_list   ? 
_pdbx_initial_refinement_model.type             'experimental model' 
_pdbx_initial_refinement_model.source_name      PDB 
_pdbx_initial_refinement_model.accession_code   1L3A 
_pdbx_initial_refinement_model.details          'PDB ENTRY 1L3A' 
# 
